data_2N06
#
_entry.id   2N06
#
loop_
_entity.id
_entity.type
_entity.pdbx_description
1 polymer 'Protein Mdm4'
2 non-polymer 4-[[(4S,5R)-5-(4-chlorophenyl)-4-(3-methoxyphenyl)-2-(4-methoxy-2-propan-2-yloxy-phenyl)-4,5-dihydroimidazol-1-yl]carbonyl]piperazin-2-one
#
_entity_poly.entity_id   1
_entity_poly.type   'polypeptide(L)'
_entity_poly.pdbx_seq_one_letter_code
;QINQVRPKLPLLKILHAAGAQGEMFTVKEVMHYLGQYIMVKQLYDQQEQHMVYCGGDLLGELLGRQSFSVKDPSPLYDML
RKNLVTLAT
;
_entity_poly.pdbx_strand_id   A
#
# COMPACT_ATOMS: atom_id res chain seq x y z
N GLN A 1 -11.46 12.92 7.29
CA GLN A 1 -12.58 13.33 8.15
C GLN A 1 -13.88 12.54 7.88
N ILE A 2 -13.74 11.34 7.31
CA ILE A 2 -14.83 10.44 6.88
C ILE A 2 -15.09 9.32 7.93
N ASN A 3 -14.85 9.61 9.22
CA ASN A 3 -14.92 8.67 10.34
C ASN A 3 -14.12 7.36 10.12
N GLN A 4 -12.95 7.49 9.49
CA GLN A 4 -12.10 6.40 9.04
C GLN A 4 -11.15 5.89 10.15
N VAL A 5 -10.51 4.74 9.88
CA VAL A 5 -9.72 3.94 10.85
C VAL A 5 -8.21 3.97 10.57
N ARG A 6 -7.38 3.42 11.47
CA ARG A 6 -5.91 3.40 11.33
C ARG A 6 -5.42 2.18 10.52
N PRO A 7 -4.37 2.32 9.69
CA PRO A 7 -3.75 1.23 8.96
C PRO A 7 -2.74 0.45 9.82
N LYS A 8 -2.10 -0.57 9.24
CA LYS A 8 -1.04 -1.34 9.90
C LYS A 8 0.22 -0.47 10.05
N LEU A 9 1.02 -0.70 11.10
CA LEU A 9 2.10 0.21 11.48
C LEU A 9 3.21 0.37 10.41
N PRO A 10 3.69 -0.68 9.72
CA PRO A 10 4.60 -0.52 8.58
C PRO A 10 3.98 0.26 7.40
N LEU A 11 2.65 0.18 7.18
CA LEU A 11 1.98 1.01 6.17
C LEU A 11 2.06 2.50 6.56
N LEU A 12 1.87 2.82 7.85
CA LEU A 12 2.03 4.18 8.39
C LEU A 12 3.49 4.67 8.28
N LYS A 13 4.49 3.80 8.44
CA LYS A 13 5.90 4.11 8.14
C LYS A 13 6.18 4.37 6.66
N ILE A 14 5.59 3.59 5.74
CA ILE A 14 5.66 3.83 4.29
C ILE A 14 5.01 5.18 3.90
N LEU A 15 3.89 5.53 4.55
CA LEU A 15 3.24 6.84 4.40
C LEU A 15 4.12 7.99 4.93
N HIS A 16 4.78 7.82 6.08
CA HIS A 16 5.77 8.78 6.58
C HIS A 16 6.98 8.93 5.63
N ALA A 17 7.47 7.82 5.05
CA ALA A 17 8.55 7.84 4.05
C ALA A 17 8.16 8.57 2.75
N ALA A 18 6.86 8.58 2.41
CA ALA A 18 6.31 9.35 1.30
C ALA A 18 6.21 10.86 1.59
N GLY A 19 6.56 11.30 2.81
CA GLY A 19 6.49 12.70 3.27
C GLY A 19 5.18 13.09 3.97
N ALA A 20 4.28 12.13 4.23
CA ALA A 20 2.99 12.37 4.89
C ALA A 20 3.09 12.35 6.43
N GLN A 21 2.02 12.80 7.08
CA GLN A 21 1.77 12.66 8.52
C GLN A 21 0.31 12.22 8.72
N GLY A 22 0.07 11.33 9.68
CA GLY A 22 -1.26 10.77 9.93
C GLY A 22 -1.34 9.68 10.99
N GLU A 23 -2.58 9.30 11.29
CA GLU A 23 -2.96 8.18 12.17
C GLU A 23 -4.05 7.34 11.49
N MET A 24 -5.19 7.96 11.16
CA MET A 24 -6.32 7.37 10.43
C MET A 24 -6.25 7.67 8.92
N PHE A 25 -6.52 6.67 8.07
CA PHE A 25 -6.46 6.78 6.60
C PHE A 25 -7.45 5.84 5.89
N THR A 26 -8.14 6.31 4.83
CA THR A 26 -8.92 5.47 3.90
C THR A 26 -8.01 4.81 2.86
N VAL A 27 -8.51 3.85 2.07
CA VAL A 27 -7.73 3.29 0.92
C VAL A 27 -7.28 4.39 -0.05
N LYS A 28 -8.13 5.41 -0.27
CA LYS A 28 -7.84 6.57 -1.12
C LYS A 28 -6.75 7.47 -0.53
N GLU A 29 -6.82 7.77 0.77
CA GLU A 29 -5.80 8.56 1.47
C GLU A 29 -4.44 7.83 1.54
N VAL A 30 -4.46 6.49 1.71
CA VAL A 30 -3.26 5.65 1.59
C VAL A 30 -2.70 5.73 0.17
N MET A 31 -3.53 5.54 -0.87
CA MET A 31 -3.16 5.44 -2.26
C MET A 31 -2.51 6.69 -2.85
N HIS A 32 -3.00 7.86 -2.48
CA HIS A 32 -2.40 9.14 -2.87
C HIS A 32 -0.89 9.17 -2.55
N TYR A 33 -0.53 8.86 -1.30
CA TYR A 33 0.87 8.72 -0.87
C TYR A 33 1.57 7.43 -1.32
N LEU A 34 0.88 6.28 -1.46
CA LEU A 34 1.49 5.02 -1.89
C LEU A 34 1.92 5.03 -3.36
N GLY A 35 1.09 5.60 -4.25
CA GLY A 35 1.48 5.82 -5.65
C GLY A 35 2.70 6.74 -5.74
N GLN A 36 2.68 7.86 -5.01
CA GLN A 36 3.83 8.77 -4.86
C GLN A 36 5.08 8.06 -4.32
N TYR A 37 4.94 7.19 -3.31
CA TYR A 37 6.02 6.43 -2.70
C TYR A 37 6.64 5.46 -3.73
N ILE A 38 5.83 4.66 -4.39
CA ILE A 38 6.26 3.70 -5.41
C ILE A 38 6.93 4.42 -6.60
N MET A 39 6.43 5.61 -7.00
CA MET A 39 7.06 6.44 -8.04
C MET A 39 8.42 7.02 -7.60
N VAL A 40 8.57 7.52 -6.37
CA VAL A 40 9.82 8.17 -5.89
C VAL A 40 10.90 7.15 -5.50
N LYS A 41 10.49 5.96 -5.07
CA LYS A 41 11.37 4.81 -4.77
C LYS A 41 11.60 3.88 -5.96
N GLN A 42 10.77 3.99 -7.00
CA GLN A 42 10.75 3.12 -8.18
C GLN A 42 10.62 1.62 -7.83
N LEU A 43 9.50 1.25 -7.19
CA LEU A 43 9.19 -0.11 -6.74
C LEU A 43 8.42 -0.92 -7.81
N TYR A 44 8.37 -0.37 -9.03
CA TYR A 44 7.68 -0.86 -10.21
C TYR A 44 8.66 -1.05 -11.38
N ASP A 45 8.28 -1.84 -12.38
CA ASP A 45 9.03 -1.92 -13.64
C ASP A 45 8.46 -0.92 -14.66
N GLN A 46 9.31 -0.08 -15.26
CA GLN A 46 8.87 0.92 -16.25
C GLN A 46 8.07 0.33 -17.42
N GLN A 47 8.36 -0.92 -17.80
CA GLN A 47 7.82 -1.58 -18.98
C GLN A 47 6.56 -2.43 -18.66
N GLU A 48 6.35 -2.72 -17.38
CA GLU A 48 5.26 -3.55 -16.81
C GLU A 48 4.74 -2.90 -15.52
N GLN A 49 4.25 -1.66 -15.62
CA GLN A 49 3.73 -0.88 -14.47
C GLN A 49 2.50 -1.56 -13.83
N HIS A 50 1.86 -2.48 -14.57
CA HIS A 50 0.81 -3.38 -14.07
C HIS A 50 1.33 -4.37 -13.00
N MET A 51 2.61 -4.36 -12.64
CA MET A 51 3.16 -5.08 -11.47
C MET A 51 3.98 -4.14 -10.58
N VAL A 52 3.91 -4.39 -9.27
CA VAL A 52 4.71 -3.73 -8.23
C VAL A 52 5.40 -4.81 -7.39
N TYR A 53 6.65 -4.59 -7.01
CA TYR A 53 7.54 -5.60 -6.40
C TYR A 53 7.89 -5.33 -4.93
N CYS A 54 6.87 -5.11 -4.09
CA CYS A 54 7.08 -4.78 -2.67
C CYS A 54 7.62 -5.94 -1.81
N GLY A 55 7.90 -7.13 -2.35
CA GLY A 55 8.61 -8.20 -1.63
C GLY A 55 10.00 -7.79 -1.11
N GLY A 56 10.64 -6.80 -1.75
CA GLY A 56 11.89 -6.16 -1.29
C GLY A 56 11.71 -4.95 -0.36
N ASP A 57 10.47 -4.65 0.06
CA ASP A 57 10.09 -3.48 0.87
C ASP A 57 9.69 -3.87 2.31
N LEU A 58 9.47 -2.88 3.19
CA LEU A 58 8.87 -3.07 4.52
C LEU A 58 7.51 -3.80 4.45
N LEU A 59 6.71 -3.53 3.41
CA LEU A 59 5.44 -4.22 3.16
C LEU A 59 5.67 -5.74 2.95
N GLY A 60 6.72 -6.08 2.19
CA GLY A 60 7.22 -7.44 1.99
C GLY A 60 7.78 -8.08 3.26
N GLU A 61 8.59 -7.35 4.05
CA GLU A 61 9.17 -7.89 5.29
C GLU A 61 8.12 -8.14 6.38
N LEU A 62 7.00 -7.38 6.34
CA LEU A 62 5.80 -7.60 7.15
C LEU A 62 5.01 -8.84 6.69
N LEU A 63 4.64 -8.92 5.40
CA LEU A 63 3.71 -9.95 4.89
C LEU A 63 4.44 -11.25 4.44
N GLY A 64 5.77 -11.25 4.45
CA GLY A 64 6.65 -12.29 3.87
C GLY A 64 6.79 -12.18 2.34
N ARG A 65 5.77 -11.61 1.68
CA ARG A 65 5.68 -11.32 0.24
C ARG A 65 4.61 -10.23 0.01
N GLN A 66 4.88 -9.24 -0.80
CA GLN A 66 3.89 -8.21 -1.18
C GLN A 66 4.10 -7.75 -2.64
N SER A 67 4.64 -8.64 -3.48
CA SER A 67 4.70 -8.40 -4.93
C SER A 67 3.42 -8.91 -5.59
N PHE A 68 2.86 -8.11 -6.50
CA PHE A 68 1.52 -8.32 -7.06
C PHE A 68 1.32 -7.63 -8.40
N SER A 69 0.20 -7.98 -9.07
CA SER A 69 -0.27 -7.29 -10.27
C SER A 69 -1.54 -6.50 -10.02
N VAL A 70 -1.54 -5.29 -10.55
CA VAL A 70 -2.56 -4.28 -10.29
C VAL A 70 -3.88 -4.51 -11.07
N LYS A 71 -3.85 -5.39 -12.08
CA LYS A 71 -5.00 -5.76 -12.94
C LYS A 71 -5.97 -6.79 -12.33
N ASP A 72 -5.62 -7.37 -11.18
CA ASP A 72 -6.31 -8.47 -10.53
C ASP A 72 -6.82 -8.05 -9.12
N PRO A 73 -8.01 -7.43 -9.01
CA PRO A 73 -8.52 -6.84 -7.78
C PRO A 73 -8.81 -7.84 -6.65
N SER A 74 -9.13 -9.10 -6.94
CA SER A 74 -9.48 -10.11 -5.91
C SER A 74 -8.34 -10.43 -4.93
N PRO A 75 -7.13 -10.85 -5.38
CA PRO A 75 -6.00 -11.07 -4.49
C PRO A 75 -5.49 -9.76 -3.86
N LEU A 76 -5.63 -8.62 -4.56
CA LEU A 76 -5.25 -7.31 -4.08
C LEU A 76 -6.12 -6.88 -2.88
N TYR A 77 -7.44 -7.11 -2.94
CA TYR A 77 -8.34 -6.88 -1.80
C TYR A 77 -7.96 -7.74 -0.59
N ASP A 78 -7.58 -9.00 -0.79
CA ASP A 78 -7.13 -9.89 0.28
C ASP A 78 -5.88 -9.37 1.01
N MET A 79 -4.90 -8.86 0.26
CA MET A 79 -3.72 -8.19 0.83
C MET A 79 -4.07 -6.90 1.58
N LEU A 80 -4.86 -6.01 0.95
CA LEU A 80 -5.34 -4.76 1.53
C LEU A 80 -6.03 -5.01 2.88
N ARG A 81 -6.95 -5.97 2.96
CA ARG A 81 -7.64 -6.39 4.18
C ARG A 81 -6.73 -6.83 5.34
N LYS A 82 -5.46 -7.16 5.05
CA LYS A 82 -4.39 -7.44 6.04
C LYS A 82 -3.48 -6.24 6.34
N ASN A 83 -3.39 -5.24 5.45
CA ASN A 83 -2.47 -4.09 5.63
C ASN A 83 -3.17 -2.78 6.03
N LEU A 84 -4.44 -2.61 5.68
CA LEU A 84 -5.33 -1.55 6.15
C LEU A 84 -6.44 -2.22 6.98
N VAL A 85 -6.36 -2.10 8.31
CA VAL A 85 -7.25 -2.81 9.26
C VAL A 85 -8.71 -2.43 9.02
N THR A 86 -9.57 -3.42 8.80
CA THR A 86 -11.00 -3.25 8.49
C THR A 86 -11.84 -4.45 8.92
N LEU A 87 -13.13 -4.41 8.58
CA LEU A 87 -14.10 -5.49 8.72
C LEU A 87 -13.88 -6.57 7.64
N ALA A 88 -14.94 -7.17 7.13
CA ALA A 88 -14.94 -8.27 6.14
C ALA A 88 -14.32 -9.60 6.63
N THR A 89 -14.48 -10.64 5.81
CA THR A 89 -14.05 -12.04 6.04
C THR A 89 -14.42 -12.57 7.43
N GLN A 1 -8.95 14.23 15.05
CA GLN A 1 -9.15 12.94 14.40
C GLN A 1 -10.14 12.99 13.22
N ILE A 2 -10.21 11.92 12.42
CA ILE A 2 -11.09 11.78 11.24
C ILE A 2 -12.01 10.56 11.42
N ASN A 3 -13.22 10.58 10.83
CA ASN A 3 -14.17 9.46 10.82
C ASN A 3 -13.80 8.37 9.79
N GLN A 4 -12.58 7.85 9.92
CA GLN A 4 -11.87 6.94 9.00
C GLN A 4 -11.14 5.82 9.78
N VAL A 5 -10.44 4.94 9.07
CA VAL A 5 -9.75 3.76 9.63
C VAL A 5 -8.23 3.98 9.73
N ARG A 6 -7.56 3.26 10.62
CA ARG A 6 -6.10 3.34 10.85
C ARG A 6 -5.37 2.17 10.16
N PRO A 7 -4.40 2.40 9.26
CA PRO A 7 -3.54 1.34 8.72
C PRO A 7 -2.58 0.75 9.77
N LYS A 8 -2.04 -0.45 9.48
CA LYS A 8 -1.03 -1.13 10.31
C LYS A 8 0.23 -0.27 10.41
N LEU A 9 0.99 -0.37 11.50
CA LEU A 9 2.09 0.56 11.79
C LEU A 9 3.22 0.53 10.73
N PRO A 10 3.66 -0.62 10.18
CA PRO A 10 4.60 -0.64 9.06
C PRO A 10 4.04 -0.04 7.75
N LEU A 11 2.72 -0.07 7.55
CA LEU A 11 2.05 0.62 6.43
C LEU A 11 2.05 2.14 6.65
N LEU A 12 1.71 2.60 7.86
CA LEU A 12 1.81 4.03 8.26
C LEU A 12 3.23 4.59 8.11
N LYS A 13 4.27 3.75 8.34
CA LYS A 13 5.68 4.08 8.06
C LYS A 13 5.97 4.34 6.57
N ILE A 14 5.21 3.73 5.63
CA ILE A 14 5.29 4.05 4.20
C ILE A 14 4.79 5.46 3.94
N LEU A 15 3.64 5.83 4.52
CA LEU A 15 3.08 7.18 4.41
C LEU A 15 4.06 8.23 4.98
N HIS A 16 4.72 7.93 6.10
CA HIS A 16 5.77 8.79 6.65
C HIS A 16 7.00 8.87 5.73
N ALA A 17 7.46 7.75 5.14
CA ALA A 17 8.57 7.72 4.19
C ALA A 17 8.26 8.49 2.89
N ALA A 18 6.99 8.57 2.49
CA ALA A 18 6.52 9.37 1.37
C ALA A 18 6.49 10.89 1.68
N GLY A 19 6.77 11.30 2.93
CA GLY A 19 6.79 12.69 3.39
C GLY A 19 5.46 13.19 3.98
N ALA A 20 4.45 12.32 4.16
CA ALA A 20 3.16 12.66 4.76
C ALA A 20 3.16 12.52 6.30
N GLN A 21 2.11 13.05 6.93
CA GLN A 21 1.81 12.86 8.36
C GLN A 21 0.36 12.36 8.51
N GLY A 22 0.13 11.44 9.45
CA GLY A 22 -1.19 10.85 9.70
C GLY A 22 -1.20 9.74 10.74
N GLU A 23 -2.41 9.39 11.15
CA GLU A 23 -2.74 8.22 11.98
C GLU A 23 -3.82 7.38 11.29
N MET A 24 -4.99 7.96 11.04
CA MET A 24 -6.08 7.40 10.23
C MET A 24 -5.99 7.89 8.77
N PHE A 25 -6.26 6.98 7.83
CA PHE A 25 -6.26 7.24 6.37
C PHE A 25 -7.32 6.39 5.65
N THR A 26 -8.05 6.96 4.68
CA THR A 26 -8.91 6.15 3.77
C THR A 26 -8.05 5.39 2.74
N VAL A 27 -8.63 4.46 1.95
CA VAL A 27 -7.91 3.85 0.79
C VAL A 27 -7.42 4.94 -0.17
N LYS A 28 -8.23 5.99 -0.43
CA LYS A 28 -7.86 7.10 -1.32
C LYS A 28 -6.72 7.96 -0.77
N GLU A 29 -6.74 8.28 0.53
CA GLU A 29 -5.66 9.03 1.18
C GLU A 29 -4.37 8.21 1.30
N VAL A 30 -4.47 6.89 1.50
CA VAL A 30 -3.31 5.99 1.41
C VAL A 30 -2.73 6.05 -0.01
N MET A 31 -3.55 5.80 -1.02
CA MET A 31 -3.19 5.65 -2.42
C MET A 31 -2.58 6.91 -3.05
N HIS A 32 -3.07 8.10 -2.67
CA HIS A 32 -2.47 9.38 -3.06
C HIS A 32 -0.96 9.42 -2.77
N TYR A 33 -0.57 9.18 -1.52
CA TYR A 33 0.84 9.06 -1.11
C TYR A 33 1.52 7.75 -1.53
N LEU A 34 0.80 6.63 -1.65
CA LEU A 34 1.39 5.33 -2.03
C LEU A 34 1.79 5.28 -3.51
N GLY A 35 1.00 5.85 -4.42
CA GLY A 35 1.40 6.02 -5.83
C GLY A 35 2.63 6.91 -5.99
N GLN A 36 2.71 7.99 -5.19
CA GLN A 36 3.87 8.87 -5.09
C GLN A 36 5.10 8.14 -4.51
N TYR A 37 4.93 7.37 -3.42
CA TYR A 37 5.98 6.60 -2.78
C TYR A 37 6.54 5.57 -3.76
N ILE A 38 5.66 4.80 -4.41
CA ILE A 38 6.02 3.80 -5.41
C ILE A 38 6.67 4.45 -6.64
N MET A 39 6.28 5.66 -7.04
CA MET A 39 6.99 6.44 -8.07
C MET A 39 8.42 6.82 -7.63
N VAL A 40 8.66 7.17 -6.37
CA VAL A 40 10.01 7.54 -5.89
C VAL A 40 10.89 6.32 -5.64
N LYS A 41 10.31 5.28 -5.04
CA LYS A 41 11.00 4.04 -4.65
C LYS A 41 11.08 3.01 -5.79
N GLN A 42 10.28 3.21 -6.84
CA GLN A 42 10.15 2.41 -8.06
C GLN A 42 10.02 0.90 -7.82
N LEU A 43 8.80 0.44 -7.49
CA LEU A 43 8.47 -0.97 -7.17
C LEU A 43 7.79 -1.72 -8.34
N TYR A 44 7.74 -1.10 -9.52
CA TYR A 44 7.07 -1.58 -10.74
C TYR A 44 8.05 -1.69 -11.92
N ASP A 45 7.66 -2.42 -12.97
CA ASP A 45 8.45 -2.50 -14.21
C ASP A 45 8.03 -1.41 -15.22
N GLN A 46 8.98 -0.70 -15.83
CA GLN A 46 8.67 0.27 -16.90
C GLN A 46 8.00 -0.37 -18.14
N GLN A 47 8.14 -1.68 -18.32
CA GLN A 47 7.55 -2.42 -19.43
C GLN A 47 6.07 -2.77 -19.15
N GLU A 48 5.76 -2.96 -17.87
CA GLU A 48 4.52 -3.50 -17.32
C GLU A 48 4.20 -2.85 -15.97
N GLN A 49 3.74 -1.58 -15.97
CA GLN A 49 3.36 -0.85 -14.75
C GLN A 49 2.22 -1.53 -13.98
N HIS A 50 1.41 -2.34 -14.69
CA HIS A 50 0.39 -3.22 -14.13
C HIS A 50 0.94 -4.40 -13.29
N MET A 51 2.26 -4.63 -13.26
CA MET A 51 2.95 -5.62 -12.42
C MET A 51 3.80 -4.89 -11.36
N VAL A 52 3.63 -5.25 -10.08
CA VAL A 52 4.32 -4.64 -8.94
C VAL A 52 5.00 -5.72 -8.10
N TYR A 53 6.25 -5.49 -7.73
CA TYR A 53 7.05 -6.31 -6.81
C TYR A 53 7.42 -5.47 -5.59
N CYS A 54 6.69 -5.64 -4.48
CA CYS A 54 6.99 -5.01 -3.20
C CYS A 54 7.74 -5.93 -2.23
N GLY A 55 8.30 -7.06 -2.69
CA GLY A 55 8.99 -8.05 -1.84
C GLY A 55 10.24 -7.51 -1.12
N GLY A 56 10.89 -6.50 -1.71
CA GLY A 56 12.00 -5.74 -1.09
C GLY A 56 11.58 -4.50 -0.28
N ASP A 57 10.28 -4.26 -0.11
CA ASP A 57 9.69 -3.08 0.53
C ASP A 57 9.11 -3.37 1.93
N LEU A 58 8.71 -2.34 2.67
CA LEU A 58 7.95 -2.43 3.92
C LEU A 58 6.67 -3.27 3.77
N LEU A 59 5.99 -3.25 2.62
CA LEU A 59 4.88 -4.15 2.30
C LEU A 59 5.32 -5.63 2.30
N GLY A 60 6.45 -5.93 1.66
CA GLY A 60 7.07 -7.25 1.70
C GLY A 60 7.54 -7.64 3.10
N GLU A 61 8.09 -6.72 3.90
CA GLU A 61 8.56 -7.06 5.26
C GLU A 61 7.41 -7.27 6.26
N LEU A 62 6.25 -6.62 6.08
CA LEU A 62 5.07 -6.82 6.92
C LEU A 62 4.25 -8.06 6.51
N LEU A 63 4.17 -8.40 5.21
CA LEU A 63 3.37 -9.53 4.70
C LEU A 63 4.22 -10.79 4.39
N GLY A 64 5.55 -10.68 4.42
CA GLY A 64 6.50 -11.70 3.95
C GLY A 64 6.70 -11.67 2.42
N ARG A 65 5.68 -11.19 1.68
CA ARG A 65 5.63 -11.02 0.22
C ARG A 65 4.48 -10.10 -0.20
N GLN A 66 4.69 -9.19 -1.15
CA GLN A 66 3.62 -8.42 -1.79
C GLN A 66 3.98 -8.21 -3.28
N SER A 67 3.93 -9.30 -4.05
CA SER A 67 4.01 -9.24 -5.52
C SER A 67 2.62 -9.48 -6.11
N PHE A 68 2.15 -8.56 -6.93
CA PHE A 68 0.77 -8.50 -7.40
C PHE A 68 0.64 -7.72 -8.71
N SER A 69 -0.42 -8.04 -9.44
CA SER A 69 -0.81 -7.29 -10.64
C SER A 69 -2.05 -6.46 -10.35
N VAL A 70 -2.03 -5.21 -10.80
CA VAL A 70 -3.04 -4.20 -10.44
C VAL A 70 -4.37 -4.31 -11.19
N LYS A 71 -4.40 -5.09 -12.28
CA LYS A 71 -5.60 -5.43 -13.08
C LYS A 71 -6.53 -6.47 -12.41
N ASP A 72 -6.10 -7.07 -11.31
CA ASP A 72 -6.74 -8.18 -10.61
C ASP A 72 -7.17 -7.74 -9.18
N PRO A 73 -8.42 -7.32 -8.97
CA PRO A 73 -8.93 -6.85 -7.67
C PRO A 73 -8.91 -7.89 -6.54
N SER A 74 -9.02 -9.19 -6.83
CA SER A 74 -9.04 -10.23 -5.78
C SER A 74 -7.77 -10.25 -4.89
N PRO A 75 -6.54 -10.33 -5.43
CA PRO A 75 -5.32 -10.24 -4.63
C PRO A 75 -5.14 -8.86 -3.97
N LEU A 76 -5.65 -7.77 -4.56
CA LEU A 76 -5.62 -6.45 -3.94
C LEU A 76 -6.44 -6.43 -2.64
N TYR A 77 -7.69 -6.90 -2.68
CA TYR A 77 -8.51 -7.04 -1.47
C TYR A 77 -7.88 -7.99 -0.44
N ASP A 78 -7.29 -9.12 -0.87
CA ASP A 78 -6.65 -10.07 0.04
C ASP A 78 -5.47 -9.45 0.81
N MET A 79 -4.55 -8.79 0.11
CA MET A 79 -3.41 -8.07 0.71
C MET A 79 -3.88 -6.95 1.65
N LEU A 80 -4.80 -6.10 1.19
CA LEU A 80 -5.26 -4.94 1.95
C LEU A 80 -6.03 -5.36 3.21
N ARG A 81 -6.91 -6.37 3.14
CA ARG A 81 -7.57 -6.95 4.33
C ARG A 81 -6.59 -7.48 5.39
N LYS A 82 -5.35 -7.76 4.99
CA LYS A 82 -4.23 -8.18 5.87
C LYS A 82 -3.32 -7.02 6.32
N ASN A 83 -3.36 -5.82 5.71
CA ASN A 83 -2.48 -4.69 6.06
C ASN A 83 -3.17 -3.36 6.45
N LEU A 84 -4.45 -3.21 6.13
CA LEU A 84 -5.32 -2.07 6.45
C LEU A 84 -6.51 -2.58 7.29
N VAL A 85 -6.88 -1.84 8.33
CA VAL A 85 -8.10 -2.15 9.12
C VAL A 85 -9.34 -1.88 8.25
N THR A 86 -9.97 -2.95 7.76
CA THR A 86 -11.17 -2.91 6.89
C THR A 86 -11.95 -4.23 6.97
N LEU A 87 -13.05 -4.34 6.22
CA LEU A 87 -14.00 -5.45 6.29
C LEU A 87 -13.76 -6.53 5.22
N ALA A 88 -14.32 -7.71 5.50
CA ALA A 88 -14.10 -8.96 4.79
C ALA A 88 -15.23 -9.34 3.81
N THR A 89 -15.03 -10.43 3.06
CA THR A 89 -15.97 -11.04 2.08
C THR A 89 -16.72 -10.03 1.21
N GLN A 1 -12.48 16.80 6.69
CA GLN A 1 -12.55 15.58 7.51
C GLN A 1 -13.61 14.59 6.98
N ILE A 2 -13.36 13.28 7.15
CA ILE A 2 -14.21 12.19 6.62
C ILE A 2 -14.54 11.15 7.73
N ASN A 3 -14.32 11.51 9.01
CA ASN A 3 -14.49 10.64 10.20
C ASN A 3 -13.78 9.27 10.05
N GLN A 4 -12.59 9.27 9.44
CA GLN A 4 -11.82 8.08 9.06
C GLN A 4 -11.00 7.48 10.22
N VAL A 5 -10.29 6.39 9.94
CA VAL A 5 -9.50 5.56 10.89
C VAL A 5 -8.01 5.55 10.53
N ARG A 6 -7.14 5.00 11.39
CA ARG A 6 -5.69 4.89 11.16
C ARG A 6 -5.28 3.49 10.65
N PRO A 7 -4.42 3.39 9.60
CA PRO A 7 -3.91 2.11 9.11
C PRO A 7 -2.89 1.47 10.07
N LYS A 8 -2.50 0.22 9.78
CA LYS A 8 -1.51 -0.54 10.55
C LYS A 8 -0.15 0.16 10.52
N LEU A 9 0.62 0.06 11.61
CA LEU A 9 1.89 0.78 11.78
C LEU A 9 2.92 0.54 10.66
N PRO A 10 3.23 -0.71 10.23
CA PRO A 10 4.17 -0.92 9.12
C PRO A 10 3.67 -0.38 7.76
N LEU A 11 2.35 -0.19 7.58
CA LEU A 11 1.80 0.52 6.42
C LEU A 11 2.02 2.04 6.58
N LEU A 12 1.73 2.60 7.77
CA LEU A 12 1.90 4.03 8.06
C LEU A 12 3.35 4.53 7.83
N LYS A 13 4.35 3.70 8.11
CA LYS A 13 5.77 4.04 7.83
C LYS A 13 6.07 4.21 6.33
N ILE A 14 5.27 3.63 5.43
CA ILE A 14 5.35 3.87 3.98
C ILE A 14 4.88 5.29 3.64
N LEU A 15 3.83 5.79 4.30
CA LEU A 15 3.36 7.17 4.13
C LEU A 15 4.35 8.17 4.74
N HIS A 16 5.00 7.82 5.87
CA HIS A 16 6.13 8.61 6.40
C HIS A 16 7.29 8.67 5.40
N ALA A 17 7.67 7.54 4.79
CA ALA A 17 8.70 7.48 3.75
C ALA A 17 8.33 8.24 2.47
N ALA A 18 7.03 8.43 2.20
CA ALA A 18 6.53 9.27 1.11
C ALA A 18 6.73 10.79 1.37
N GLY A 19 7.20 11.18 2.56
CA GLY A 19 7.48 12.57 2.94
C GLY A 19 6.32 13.32 3.60
N ALA A 20 5.30 12.61 4.10
CA ALA A 20 4.11 13.17 4.74
C ALA A 20 3.92 12.68 6.19
N GLN A 21 3.31 13.52 7.04
CA GLN A 21 2.87 13.12 8.39
C GLN A 21 1.60 12.25 8.33
N GLY A 22 1.18 11.66 9.46
CA GLY A 22 0.01 10.79 9.47
C GLY A 22 -0.55 10.37 10.82
N GLU A 23 -1.88 10.48 10.97
CA GLU A 23 -2.64 10.01 12.14
C GLU A 23 -4.01 9.36 11.81
N MET A 24 -4.53 9.50 10.58
CA MET A 24 -5.87 9.02 10.12
C MET A 24 -6.03 9.16 8.60
N PHE A 25 -6.54 8.13 7.91
CA PHE A 25 -6.61 8.06 6.43
C PHE A 25 -7.73 7.13 5.90
N THR A 26 -8.30 7.48 4.75
CA THR A 26 -9.20 6.66 3.90
C THR A 26 -8.40 5.95 2.79
N VAL A 27 -8.99 5.02 2.01
CA VAL A 27 -8.33 4.46 0.79
C VAL A 27 -7.84 5.61 -0.11
N LYS A 28 -8.69 6.60 -0.40
CA LYS A 28 -8.36 7.74 -1.28
C LYS A 28 -7.08 8.46 -0.85
N GLU A 29 -6.86 8.60 0.46
CA GLU A 29 -5.65 9.18 1.04
C GLU A 29 -4.47 8.20 1.10
N VAL A 30 -4.68 6.93 1.48
CA VAL A 30 -3.62 5.92 1.58
C VAL A 30 -3.00 5.61 0.22
N MET A 31 -3.82 5.35 -0.82
CA MET A 31 -3.31 4.94 -2.13
C MET A 31 -2.63 6.08 -2.88
N HIS A 32 -3.04 7.30 -2.55
CA HIS A 32 -2.37 8.52 -3.00
C HIS A 32 -0.92 8.57 -2.49
N TYR A 33 -0.70 8.43 -1.17
CA TYR A 33 0.65 8.44 -0.60
C TYR A 33 1.47 7.16 -0.90
N LEU A 34 0.84 5.99 -1.02
CA LEU A 34 1.54 4.77 -1.47
C LEU A 34 1.91 4.83 -2.96
N GLY A 35 1.04 5.35 -3.82
CA GLY A 35 1.34 5.60 -5.23
C GLY A 35 2.46 6.61 -5.40
N GLN A 36 2.44 7.69 -4.62
CA GLN A 36 3.52 8.68 -4.53
C GLN A 36 4.86 8.03 -4.09
N TYR A 37 4.84 7.19 -3.06
CA TYR A 37 6.02 6.44 -2.60
C TYR A 37 6.53 5.51 -3.71
N ILE A 38 5.65 4.72 -4.32
CA ILE A 38 5.97 3.81 -5.44
C ILE A 38 6.57 4.58 -6.62
N MET A 39 6.10 5.79 -6.92
CA MET A 39 6.67 6.66 -7.96
C MET A 39 8.06 7.21 -7.59
N VAL A 40 8.31 7.55 -6.33
CA VAL A 40 9.60 8.11 -5.84
C VAL A 40 10.67 7.02 -5.66
N LYS A 41 10.22 5.82 -5.32
CA LYS A 41 11.08 4.61 -5.15
C LYS A 41 11.17 3.77 -6.44
N GLN A 42 10.29 4.01 -7.41
CA GLN A 42 10.11 3.23 -8.64
C GLN A 42 9.90 1.72 -8.37
N LEU A 43 8.82 1.38 -7.65
CA LEU A 43 8.44 0.00 -7.29
C LEU A 43 7.41 -0.62 -8.25
N TYR A 44 7.10 0.08 -9.34
CA TYR A 44 6.34 -0.41 -10.48
C TYR A 44 7.27 -1.02 -11.53
N ASP A 45 6.74 -1.87 -12.42
CA ASP A 45 7.52 -2.34 -13.57
C ASP A 45 7.42 -1.35 -14.75
N GLN A 46 8.55 -0.85 -15.26
CA GLN A 46 8.52 0.09 -16.40
C GLN A 46 8.01 -0.56 -17.70
N GLN A 47 8.07 -1.89 -17.81
CA GLN A 47 7.68 -2.61 -19.01
C GLN A 47 6.14 -2.74 -19.11
N GLU A 48 5.50 -2.73 -17.93
CA GLU A 48 4.08 -2.99 -17.71
C GLU A 48 3.62 -2.40 -16.34
N GLN A 49 3.28 -1.11 -16.34
CA GLN A 49 3.03 -0.29 -15.15
C GLN A 49 1.86 -0.77 -14.27
N HIS A 50 1.00 -1.69 -14.77
CA HIS A 50 -0.02 -2.33 -13.96
C HIS A 50 0.56 -3.23 -12.85
N MET A 51 1.80 -3.74 -13.00
CA MET A 51 2.50 -4.50 -11.95
C MET A 51 3.22 -3.60 -10.95
N VAL A 52 3.15 -4.01 -9.68
CA VAL A 52 3.88 -3.49 -8.51
C VAL A 52 4.68 -4.67 -7.93
N TYR A 53 5.97 -4.48 -7.62
CA TYR A 53 6.89 -5.58 -7.29
C TYR A 53 7.57 -5.53 -5.91
N CYS A 54 7.05 -4.66 -5.03
CA CYS A 54 7.43 -4.46 -3.61
C CYS A 54 8.93 -4.54 -3.24
N GLY A 55 9.85 -4.16 -4.15
CA GLY A 55 11.30 -4.34 -3.99
C GLY A 55 11.87 -3.61 -2.77
N GLY A 56 12.26 -4.37 -1.73
CA GLY A 56 12.74 -3.82 -0.45
C GLY A 56 11.68 -3.10 0.39
N ASP A 57 10.39 -3.25 0.06
CA ASP A 57 9.28 -2.57 0.75
C ASP A 57 8.97 -3.19 2.12
N LEU A 58 8.39 -2.37 2.99
CA LEU A 58 7.81 -2.77 4.27
C LEU A 58 6.64 -3.75 4.07
N LEU A 59 5.87 -3.60 2.98
CA LEU A 59 4.83 -4.56 2.57
C LEU A 59 5.40 -5.99 2.45
N GLY A 60 6.54 -6.12 1.76
CA GLY A 60 7.26 -7.39 1.58
C GLY A 60 7.95 -7.88 2.86
N GLU A 61 8.53 -6.99 3.68
CA GLU A 61 9.16 -7.41 4.94
C GLU A 61 8.12 -7.88 5.99
N LEU A 62 6.88 -7.38 5.89
CA LEU A 62 5.74 -7.80 6.70
C LEU A 62 5.17 -9.15 6.22
N LEU A 63 4.77 -9.26 4.94
CA LEU A 63 4.02 -10.43 4.43
C LEU A 63 4.92 -11.52 3.80
N GLY A 64 6.21 -11.25 3.65
CA GLY A 64 7.17 -12.07 2.88
C GLY A 64 7.11 -11.84 1.37
N ARG A 65 5.95 -11.38 0.86
CA ARG A 65 5.68 -11.05 -0.55
C ARG A 65 4.48 -10.09 -0.69
N GLN A 66 4.57 -9.08 -1.56
CA GLN A 66 3.44 -8.23 -1.98
C GLN A 66 3.64 -7.76 -3.44
N SER A 67 3.96 -8.67 -4.34
CA SER A 67 3.96 -8.43 -5.80
C SER A 67 2.58 -8.75 -6.39
N PHE A 68 2.09 -7.90 -7.30
CA PHE A 68 0.69 -7.94 -7.77
C PHE A 68 0.46 -6.99 -8.94
N SER A 69 -0.69 -7.15 -9.58
CA SER A 69 -1.16 -6.25 -10.61
C SER A 69 -2.50 -5.61 -10.31
N VAL A 70 -2.65 -4.34 -10.71
CA VAL A 70 -3.88 -3.57 -10.48
C VAL A 70 -5.05 -3.98 -11.39
N LYS A 71 -4.77 -4.77 -12.44
CA LYS A 71 -5.75 -5.44 -13.32
C LYS A 71 -6.32 -6.76 -12.76
N ASP A 72 -5.85 -7.15 -11.57
CA ASP A 72 -6.34 -8.27 -10.75
C ASP A 72 -6.65 -7.77 -9.32
N PRO A 73 -7.80 -7.09 -9.12
CA PRO A 73 -8.20 -6.48 -7.84
C PRO A 73 -8.25 -7.44 -6.65
N SER A 74 -8.77 -8.65 -6.88
CA SER A 74 -9.04 -9.63 -5.82
C SER A 74 -7.85 -9.94 -4.89
N PRO A 75 -6.66 -10.35 -5.39
CA PRO A 75 -5.49 -10.57 -4.54
C PRO A 75 -4.95 -9.27 -3.89
N LEU A 76 -5.10 -8.12 -4.54
CA LEU A 76 -4.72 -6.82 -4.01
C LEU A 76 -5.61 -6.44 -2.80
N TYR A 77 -6.92 -6.59 -2.92
CA TYR A 77 -7.87 -6.45 -1.81
C TYR A 77 -7.55 -7.43 -0.67
N ASP A 78 -7.19 -8.69 -0.94
CA ASP A 78 -6.87 -9.68 0.10
C ASP A 78 -5.70 -9.26 0.98
N MET A 79 -4.57 -8.87 0.38
CA MET A 79 -3.39 -8.36 1.11
C MET A 79 -3.70 -7.05 1.85
N LEU A 80 -4.39 -6.12 1.19
CA LEU A 80 -4.78 -4.84 1.78
C LEU A 80 -5.69 -5.03 2.97
N ARG A 81 -6.73 -5.87 2.93
CA ARG A 81 -7.60 -6.20 4.07
C ARG A 81 -6.83 -6.75 5.28
N LYS A 82 -5.66 -7.35 5.05
CA LYS A 82 -4.72 -7.85 6.08
C LYS A 82 -3.76 -6.77 6.62
N ASN A 83 -3.56 -5.63 5.93
CA ASN A 83 -2.67 -4.54 6.39
C ASN A 83 -3.34 -3.13 6.52
N LEU A 84 -4.59 -2.98 6.09
CA LEU A 84 -5.38 -1.76 6.00
C LEU A 84 -6.86 -2.05 6.39
N VAL A 85 -7.53 -1.10 7.04
CA VAL A 85 -8.98 -1.19 7.31
C VAL A 85 -9.74 -0.88 6.02
N THR A 86 -10.14 -1.94 5.29
CA THR A 86 -10.83 -1.88 3.99
C THR A 86 -11.71 -3.12 3.76
N LEU A 87 -12.31 -3.22 2.57
CA LEU A 87 -13.31 -4.22 2.19
C LEU A 87 -12.70 -5.37 1.35
N ALA A 88 -13.55 -6.35 1.05
CA ALA A 88 -13.21 -7.57 0.30
C ALA A 88 -13.83 -7.59 -1.11
N THR A 89 -13.75 -8.76 -1.77
CA THR A 89 -14.31 -9.05 -3.09
C THR A 89 -15.84 -9.05 -3.13
N GLN A 1 -15.30 16.38 3.31
CA GLN A 1 -14.58 15.82 4.45
C GLN A 1 -14.78 14.30 4.57
N ILE A 2 -13.85 13.62 5.25
CA ILE A 2 -13.81 12.15 5.41
C ILE A 2 -13.66 11.77 6.89
N ASN A 3 -14.41 10.75 7.35
CA ASN A 3 -14.25 10.09 8.64
C ASN A 3 -13.77 8.65 8.42
N GLN A 4 -12.63 8.28 9.02
CA GLN A 4 -11.90 7.04 8.73
C GLN A 4 -11.17 6.43 9.95
N VAL A 5 -10.49 5.30 9.71
CA VAL A 5 -9.63 4.56 10.66
C VAL A 5 -8.13 4.79 10.37
N ARG A 6 -7.23 4.31 11.24
CA ARG A 6 -5.77 4.33 11.02
C ARG A 6 -5.26 2.99 10.43
N PRO A 7 -4.41 2.98 9.38
CA PRO A 7 -3.81 1.76 8.81
C PRO A 7 -2.81 1.08 9.74
N LYS A 8 -2.36 -0.12 9.37
CA LYS A 8 -1.36 -0.91 10.10
C LYS A 8 -0.02 -0.17 10.15
N LEU A 9 0.75 -0.37 11.22
CA LEU A 9 1.94 0.46 11.50
C LEU A 9 3.05 0.42 10.42
N PRO A 10 3.43 -0.75 9.85
CA PRO A 10 4.35 -0.79 8.71
C PRO A 10 3.79 -0.13 7.44
N LEU A 11 2.47 -0.12 7.23
CA LEU A 11 1.84 0.62 6.13
C LEU A 11 2.00 2.14 6.37
N LEU A 12 1.69 2.63 7.56
CA LEU A 12 1.87 4.06 7.91
C LEU A 12 3.33 4.52 7.81
N LYS A 13 4.29 3.63 8.10
CA LYS A 13 5.73 3.89 7.93
C LYS A 13 6.11 4.23 6.47
N ILE A 14 5.35 3.75 5.48
CA ILE A 14 5.55 4.07 4.06
C ILE A 14 5.10 5.50 3.75
N LEU A 15 3.99 5.96 4.35
CA LEU A 15 3.55 7.35 4.22
C LEU A 15 4.51 8.31 4.94
N HIS A 16 5.11 7.88 6.06
CA HIS A 16 6.22 8.62 6.71
C HIS A 16 7.45 8.71 5.78
N ALA A 17 7.82 7.61 5.11
CA ALA A 17 8.92 7.59 4.14
C ALA A 17 8.64 8.44 2.89
N ALA A 18 7.36 8.62 2.53
CA ALA A 18 6.92 9.54 1.48
C ALA A 18 7.01 11.04 1.89
N GLY A 19 7.40 11.33 3.14
CA GLY A 19 7.65 12.70 3.64
C GLY A 19 6.43 13.39 4.27
N ALA A 20 5.38 12.64 4.60
CA ALA A 20 4.14 13.16 5.20
C ALA A 20 3.88 12.59 6.61
N GLN A 21 3.29 13.41 7.50
CA GLN A 21 2.78 12.94 8.80
C GLN A 21 1.46 12.16 8.64
N GLY A 22 0.98 11.51 9.71
CA GLY A 22 -0.27 10.75 9.63
C GLY A 22 -0.83 10.17 10.93
N GLU A 23 -2.17 10.17 11.03
CA GLU A 23 -2.93 9.59 12.14
C GLU A 23 -4.23 8.85 11.75
N MET A 24 -4.71 8.95 10.50
CA MET A 24 -5.99 8.38 10.01
C MET A 24 -6.10 8.48 8.47
N PHE A 25 -6.44 7.37 7.78
CA PHE A 25 -6.49 7.30 6.31
C PHE A 25 -7.43 6.19 5.77
N THR A 26 -8.18 6.47 4.71
CA THR A 26 -8.90 5.45 3.92
C THR A 26 -7.94 4.78 2.93
N VAL A 27 -8.38 3.76 2.16
CA VAL A 27 -7.55 3.17 1.08
C VAL A 27 -7.18 4.22 0.02
N LYS A 28 -8.12 5.13 -0.28
CA LYS A 28 -7.95 6.27 -1.19
C LYS A 28 -6.97 7.32 -0.66
N GLU A 29 -7.03 7.65 0.63
CA GLU A 29 -6.06 8.56 1.25
C GLU A 29 -4.65 7.93 1.38
N VAL A 30 -4.57 6.61 1.64
CA VAL A 30 -3.31 5.84 1.57
C VAL A 30 -2.71 5.90 0.17
N MET A 31 -3.52 5.64 -0.86
CA MET A 31 -3.16 5.50 -2.26
C MET A 31 -2.55 6.76 -2.88
N HIS A 32 -3.04 7.93 -2.49
CA HIS A 32 -2.42 9.22 -2.85
C HIS A 32 -0.91 9.25 -2.51
N TYR A 33 -0.56 8.93 -1.25
CA TYR A 33 0.84 8.82 -0.81
C TYR A 33 1.57 7.55 -1.29
N LEU A 34 0.87 6.42 -1.47
CA LEU A 34 1.50 5.16 -1.91
C LEU A 34 1.91 5.18 -3.38
N GLY A 35 1.07 5.73 -4.28
CA GLY A 35 1.46 5.97 -5.67
C GLY A 35 2.66 6.92 -5.77
N GLN A 36 2.66 7.99 -4.98
CA GLN A 36 3.79 8.93 -4.83
C GLN A 36 5.06 8.25 -4.30
N TYR A 37 4.94 7.37 -3.29
CA TYR A 37 6.05 6.63 -2.72
C TYR A 37 6.66 5.67 -3.75
N ILE A 38 5.82 4.86 -4.40
CA ILE A 38 6.26 3.90 -5.43
C ILE A 38 6.90 4.65 -6.61
N MET A 39 6.39 5.82 -6.99
CA MET A 39 6.96 6.71 -8.01
C MET A 39 8.34 7.26 -7.62
N VAL A 40 8.53 7.75 -6.39
CA VAL A 40 9.81 8.37 -5.94
C VAL A 40 10.89 7.35 -5.58
N LYS A 41 10.48 6.14 -5.17
CA LYS A 41 11.37 4.98 -4.91
C LYS A 41 11.56 4.09 -6.14
N GLN A 42 10.71 4.23 -7.16
CA GLN A 42 10.62 3.41 -8.37
C GLN A 42 10.48 1.91 -8.08
N LEU A 43 9.39 1.53 -7.38
CA LEU A 43 9.10 0.14 -7.00
C LEU A 43 8.14 -0.57 -7.99
N TYR A 44 7.81 0.10 -9.09
CA TYR A 44 7.04 -0.41 -10.22
C TYR A 44 7.96 -0.92 -11.33
N ASP A 45 7.45 -1.77 -12.23
CA ASP A 45 8.21 -2.19 -13.42
C ASP A 45 8.03 -1.20 -14.59
N GLN A 46 9.11 -0.72 -15.21
CA GLN A 46 9.02 0.18 -16.37
C GLN A 46 8.41 -0.52 -17.61
N GLN A 47 8.51 -1.86 -17.70
CA GLN A 47 8.03 -2.62 -18.85
C GLN A 47 6.50 -2.79 -18.79
N GLU A 48 5.99 -2.84 -17.56
CA GLU A 48 4.63 -3.20 -17.16
C GLU A 48 4.26 -2.49 -15.84
N GLN A 49 3.87 -1.22 -15.91
CA GLN A 49 3.59 -0.36 -14.75
C GLN A 49 2.45 -0.87 -13.85
N HIS A 50 1.63 -1.82 -14.33
CA HIS A 50 0.63 -2.50 -13.50
C HIS A 50 1.25 -3.36 -12.38
N MET A 51 2.53 -3.78 -12.50
CA MET A 51 3.20 -4.60 -11.49
C MET A 51 4.07 -3.77 -10.54
N VAL A 52 4.01 -4.10 -9.24
CA VAL A 52 4.72 -3.46 -8.13
C VAL A 52 5.38 -4.52 -7.24
N TYR A 53 6.61 -4.26 -6.81
CA TYR A 53 7.48 -5.22 -6.11
C TYR A 53 7.59 -4.98 -4.60
N CYS A 54 6.46 -4.84 -3.89
CA CYS A 54 6.45 -4.60 -2.44
C CYS A 54 6.92 -5.78 -1.55
N GLY A 55 7.27 -6.95 -2.12
CA GLY A 55 7.94 -8.02 -1.38
C GLY A 55 9.28 -7.62 -0.77
N GLY A 56 9.95 -6.61 -1.35
CA GLY A 56 11.14 -5.95 -0.80
C GLY A 56 10.87 -4.71 0.08
N ASP A 57 9.61 -4.45 0.45
CA ASP A 57 9.16 -3.25 1.18
C ASP A 57 8.52 -3.60 2.53
N LEU A 58 8.16 -2.56 3.32
CA LEU A 58 7.47 -2.67 4.62
C LEU A 58 6.23 -3.56 4.53
N LEU A 59 5.45 -3.45 3.44
CA LEU A 59 4.25 -4.29 3.23
C LEU A 59 4.62 -5.78 3.16
N GLY A 60 5.75 -6.08 2.50
CA GLY A 60 6.27 -7.41 2.31
C GLY A 60 7.00 -7.97 3.54
N GLU A 61 7.60 -7.16 4.40
CA GLU A 61 8.10 -7.63 5.71
C GLU A 61 6.92 -8.02 6.60
N LEU A 62 5.88 -7.17 6.56
CA LEU A 62 4.63 -7.37 7.29
C LEU A 62 3.89 -8.67 6.85
N LEU A 63 3.72 -8.94 5.55
CA LEU A 63 3.04 -10.15 5.04
C LEU A 63 3.96 -11.34 4.69
N GLY A 64 5.29 -11.17 4.70
CA GLY A 64 6.26 -12.15 4.19
C GLY A 64 6.43 -12.10 2.65
N ARG A 65 5.48 -11.46 1.96
CA ARG A 65 5.43 -11.16 0.51
C ARG A 65 4.45 -10.01 0.27
N GLN A 66 4.59 -9.24 -0.81
CA GLN A 66 3.57 -8.26 -1.25
C GLN A 66 3.79 -7.80 -2.69
N SER A 67 4.45 -8.63 -3.53
CA SER A 67 4.60 -8.29 -4.96
C SER A 67 3.35 -8.74 -5.71
N PHE A 68 2.81 -7.84 -6.52
CA PHE A 68 1.48 -7.97 -7.12
C PHE A 68 1.26 -7.09 -8.34
N SER A 69 0.07 -7.22 -8.92
CA SER A 69 -0.41 -6.39 -10.00
C SER A 69 -1.73 -5.68 -9.69
N VAL A 70 -1.81 -4.41 -10.08
CA VAL A 70 -2.93 -3.54 -9.73
C VAL A 70 -4.23 -3.83 -10.52
N LYS A 71 -4.12 -4.58 -11.62
CA LYS A 71 -5.21 -4.95 -12.54
C LYS A 71 -6.06 -6.15 -12.10
N ASP A 72 -5.64 -6.83 -11.03
CA ASP A 72 -6.22 -8.08 -10.52
C ASP A 72 -6.78 -7.88 -9.09
N PRO A 73 -8.02 -7.36 -8.93
CA PRO A 73 -8.57 -6.93 -7.64
C PRO A 73 -8.80 -8.05 -6.62
N SER A 74 -9.08 -9.29 -7.04
CA SER A 74 -9.38 -10.40 -6.11
C SER A 74 -8.21 -10.75 -5.15
N PRO A 75 -6.98 -11.04 -5.64
CA PRO A 75 -5.84 -11.27 -4.76
C PRO A 75 -5.39 -9.99 -4.02
N LEU A 76 -5.60 -8.81 -4.61
CA LEU A 76 -5.24 -7.52 -4.03
C LEU A 76 -6.07 -7.20 -2.78
N TYR A 77 -7.39 -7.42 -2.83
CA TYR A 77 -8.33 -7.23 -1.71
C TYR A 77 -7.91 -8.01 -0.46
N ASP A 78 -7.41 -9.25 -0.62
CA ASP A 78 -6.93 -10.08 0.50
C ASP A 78 -5.77 -9.42 1.27
N MET A 79 -4.78 -8.89 0.55
CA MET A 79 -3.64 -8.20 1.17
C MET A 79 -4.06 -6.85 1.80
N LEU A 80 -4.92 -6.08 1.11
CA LEU A 80 -5.49 -4.83 1.61
C LEU A 80 -6.19 -5.05 2.95
N ARG A 81 -7.14 -5.99 3.04
CA ARG A 81 -7.88 -6.35 4.25
C ARG A 81 -6.95 -6.66 5.45
N LYS A 82 -5.77 -7.23 5.17
CA LYS A 82 -4.72 -7.55 6.16
C LYS A 82 -3.89 -6.33 6.59
N ASN A 83 -3.71 -5.32 5.73
CA ASN A 83 -2.78 -4.20 6.00
C ASN A 83 -3.50 -2.86 6.27
N LEU A 84 -4.76 -2.72 5.87
CA LEU A 84 -5.66 -1.63 6.25
C LEU A 84 -6.82 -2.28 7.03
N VAL A 85 -6.81 -2.14 8.35
CA VAL A 85 -7.76 -2.84 9.25
C VAL A 85 -9.23 -2.46 8.94
N THR A 86 -10.01 -3.44 8.49
CA THR A 86 -11.44 -3.29 8.12
C THR A 86 -12.16 -4.65 8.09
N LEU A 87 -13.49 -4.63 8.01
CA LEU A 87 -14.36 -5.80 7.88
C LEU A 87 -14.69 -6.17 6.42
N ALA A 88 -15.45 -7.26 6.28
CA ALA A 88 -15.78 -7.93 5.02
C ALA A 88 -17.27 -8.32 4.95
N THR A 89 -17.78 -8.49 3.71
CA THR A 89 -19.15 -8.93 3.37
C THR A 89 -20.25 -8.38 4.28
N GLN A 1 -11.18 14.80 8.58
CA GLN A 1 -12.62 14.78 8.85
C GLN A 1 -13.36 13.67 8.07
N ILE A 2 -12.62 12.63 7.67
CA ILE A 2 -13.01 11.56 6.76
C ILE A 2 -13.75 10.37 7.41
N ASN A 3 -13.89 10.39 8.74
CA ASN A 3 -14.57 9.38 9.59
C ASN A 3 -14.05 7.92 9.47
N GLN A 4 -12.95 7.68 8.74
CA GLN A 4 -12.30 6.39 8.55
C GLN A 4 -11.31 6.07 9.69
N VAL A 5 -10.70 4.88 9.66
CA VAL A 5 -9.76 4.36 10.68
C VAL A 5 -8.29 4.40 10.22
N ARG A 6 -7.34 4.11 11.13
CA ARG A 6 -5.89 4.08 10.85
C ARG A 6 -5.42 2.70 10.32
N PRO A 7 -4.52 2.63 9.31
CA PRO A 7 -3.95 1.38 8.81
C PRO A 7 -2.91 0.75 9.74
N LYS A 8 -2.39 -0.42 9.34
CA LYS A 8 -1.39 -1.19 10.09
C LYS A 8 -0.02 -0.47 10.07
N LEU A 9 0.82 -0.74 11.08
CA LEU A 9 2.05 0.02 11.37
C LEU A 9 3.07 0.13 10.21
N PRO A 10 3.42 -0.94 9.48
CA PRO A 10 4.32 -0.81 8.31
C PRO A 10 3.72 0.03 7.18
N LEU A 11 2.39 0.06 7.02
CA LEU A 11 1.72 0.90 6.01
C LEU A 11 1.80 2.38 6.43
N LEU A 12 1.58 2.68 7.71
CA LEU A 12 1.84 4.01 8.27
C LEU A 12 3.32 4.43 8.07
N LYS A 13 4.26 3.49 8.20
CA LYS A 13 5.68 3.71 7.95
C LYS A 13 6.01 4.02 6.49
N ILE A 14 5.33 3.40 5.53
CA ILE A 14 5.40 3.75 4.09
C ILE A 14 4.90 5.19 3.86
N LEU A 15 3.78 5.57 4.47
CA LEU A 15 3.24 6.94 4.41
C LEU A 15 4.21 7.96 5.04
N HIS A 16 4.90 7.61 6.13
CA HIS A 16 6.02 8.42 6.68
C HIS A 16 7.20 8.53 5.70
N ALA A 17 7.62 7.41 5.09
CA ALA A 17 8.70 7.39 4.09
C ALA A 17 8.37 8.19 2.82
N ALA A 18 7.09 8.34 2.49
CA ALA A 18 6.60 9.19 1.40
C ALA A 18 6.71 10.71 1.71
N GLY A 19 7.08 11.08 2.95
CA GLY A 19 7.21 12.46 3.41
C GLY A 19 5.96 13.04 4.09
N ALA A 20 4.94 12.21 4.37
CA ALA A 20 3.68 12.61 5.00
C ALA A 20 3.65 12.32 6.52
N GLN A 21 2.59 12.77 7.19
CA GLN A 21 2.22 12.44 8.58
C GLN A 21 0.75 11.99 8.61
N GLY A 22 0.41 11.10 9.54
CA GLY A 22 -0.93 10.51 9.59
C GLY A 22 -1.36 9.92 10.92
N GLU A 23 -2.67 9.98 11.18
CA GLU A 23 -3.34 9.38 12.34
C GLU A 23 -4.61 8.59 11.99
N MET A 24 -5.18 8.76 10.78
CA MET A 24 -6.41 8.16 10.22
C MET A 24 -6.57 8.58 8.74
N PHE A 25 -6.94 7.68 7.83
CA PHE A 25 -7.25 8.01 6.42
C PHE A 25 -8.13 6.99 5.68
N THR A 26 -8.59 7.34 4.48
CA THR A 26 -9.34 6.49 3.54
C THR A 26 -8.41 5.75 2.57
N VAL A 27 -8.94 4.81 1.77
CA VAL A 27 -8.21 4.17 0.64
C VAL A 27 -7.61 5.24 -0.28
N LYS A 28 -8.36 6.30 -0.62
CA LYS A 28 -7.94 7.39 -1.50
C LYS A 28 -6.83 8.26 -0.89
N GLU A 29 -6.93 8.60 0.39
CA GLU A 29 -5.91 9.41 1.08
C GLU A 29 -4.61 8.63 1.33
N VAL A 30 -4.70 7.31 1.58
CA VAL A 30 -3.54 6.40 1.61
C VAL A 30 -2.88 6.35 0.23
N MET A 31 -3.67 6.13 -0.83
CA MET A 31 -3.24 5.97 -2.22
C MET A 31 -2.60 7.21 -2.82
N HIS A 32 -3.07 8.40 -2.43
CA HIS A 32 -2.45 9.67 -2.82
C HIS A 32 -0.93 9.68 -2.50
N TYR A 33 -0.57 9.36 -1.26
CA TYR A 33 0.82 9.15 -0.83
C TYR A 33 1.45 7.82 -1.31
N LEU A 34 0.70 6.71 -1.43
CA LEU A 34 1.25 5.41 -1.85
C LEU A 34 1.70 5.39 -3.32
N GLY A 35 0.92 5.97 -4.23
CA GLY A 35 1.32 6.14 -5.63
C GLY A 35 2.56 7.03 -5.78
N GLN A 36 2.62 8.10 -4.98
CA GLN A 36 3.79 8.98 -4.86
C GLN A 36 5.03 8.24 -4.32
N TYR A 37 4.86 7.44 -3.27
CA TYR A 37 5.93 6.63 -2.68
C TYR A 37 6.47 5.63 -3.72
N ILE A 38 5.58 4.89 -4.38
CA ILE A 38 5.93 3.93 -5.43
C ILE A 38 6.60 4.63 -6.62
N MET A 39 6.21 5.85 -6.97
CA MET A 39 6.90 6.68 -7.98
C MET A 39 8.33 7.05 -7.55
N VAL A 40 8.56 7.37 -6.27
CA VAL A 40 9.88 7.76 -5.74
C VAL A 40 10.82 6.56 -5.51
N LYS A 41 10.24 5.43 -5.12
CA LYS A 41 10.95 4.16 -4.86
C LYS A 41 11.05 3.26 -6.10
N GLN A 42 10.26 3.55 -7.13
CA GLN A 42 10.06 2.75 -8.35
C GLN A 42 9.81 1.26 -8.08
N LEU A 43 8.72 0.91 -7.39
CA LEU A 43 8.33 -0.50 -7.15
C LEU A 43 7.55 -1.09 -8.34
N TYR A 44 7.10 -0.24 -9.27
CA TYR A 44 6.41 -0.66 -10.49
C TYR A 44 7.40 -1.16 -11.55
N ASP A 45 6.95 -2.05 -12.44
CA ASP A 45 7.72 -2.44 -13.62
C ASP A 45 7.50 -1.43 -14.77
N GLN A 46 8.58 -0.88 -15.34
CA GLN A 46 8.48 0.14 -16.40
C GLN A 46 7.85 -0.37 -17.70
N GLN A 47 7.91 -1.68 -17.96
CA GLN A 47 7.52 -2.26 -19.23
C GLN A 47 6.00 -2.55 -19.27
N GLU A 48 5.44 -2.84 -18.09
CA GLU A 48 4.04 -3.13 -17.79
C GLU A 48 3.69 -2.65 -16.37
N GLN A 49 3.28 -1.38 -16.24
CA GLN A 49 3.06 -0.69 -14.96
C GLN A 49 1.98 -1.32 -14.05
N HIS A 50 1.15 -2.22 -14.59
CA HIS A 50 0.23 -3.01 -13.76
C HIS A 50 0.97 -3.91 -12.76
N MET A 51 2.18 -4.39 -13.06
CA MET A 51 2.97 -5.20 -12.14
C MET A 51 3.75 -4.32 -11.15
N VAL A 52 3.61 -4.63 -9.86
CA VAL A 52 4.33 -4.00 -8.73
C VAL A 52 5.10 -5.09 -7.99
N TYR A 53 6.42 -4.92 -7.89
CA TYR A 53 7.35 -5.81 -7.19
C TYR A 53 7.82 -5.14 -5.89
N CYS A 54 7.32 -5.64 -4.75
CA CYS A 54 7.61 -5.10 -3.42
C CYS A 54 8.68 -5.90 -2.65
N GLY A 55 9.51 -6.68 -3.35
CA GLY A 55 10.61 -7.45 -2.73
C GLY A 55 11.61 -6.53 -2.01
N GLY A 56 11.82 -6.77 -0.72
CA GLY A 56 12.65 -5.93 0.16
C GLY A 56 11.98 -4.64 0.66
N ASP A 57 10.72 -4.36 0.28
CA ASP A 57 9.93 -3.25 0.83
C ASP A 57 9.30 -3.63 2.20
N LEU A 58 8.86 -2.63 2.97
CA LEU A 58 8.07 -2.78 4.20
C LEU A 58 6.91 -3.79 4.02
N LEU A 59 6.22 -3.73 2.86
CA LEU A 59 5.15 -4.66 2.50
C LEU A 59 5.63 -6.13 2.47
N GLY A 60 6.81 -6.36 1.87
CA GLY A 60 7.47 -7.66 1.79
C GLY A 60 8.04 -8.14 3.13
N GLU A 61 8.56 -7.27 4.01
CA GLU A 61 8.99 -7.70 5.36
C GLU A 61 7.79 -8.16 6.19
N LEU A 62 6.70 -7.39 6.09
CA LEU A 62 5.44 -7.68 6.76
C LEU A 62 4.83 -9.02 6.31
N LEU A 63 4.66 -9.23 4.99
CA LEU A 63 3.89 -10.36 4.44
C LEU A 63 4.78 -11.51 3.91
N GLY A 64 6.10 -11.35 3.87
CA GLY A 64 7.05 -12.24 3.20
C GLY A 64 7.12 -12.01 1.69
N ARG A 65 6.01 -11.55 1.08
CA ARG A 65 5.82 -11.23 -0.34
C ARG A 65 4.62 -10.30 -0.56
N GLN A 66 4.77 -9.27 -1.40
CA GLN A 66 3.65 -8.45 -1.90
C GLN A 66 3.89 -8.07 -3.38
N SER A 67 4.30 -9.04 -4.20
CA SER A 67 4.35 -8.83 -5.66
C SER A 67 2.98 -9.15 -6.26
N PHE A 68 2.43 -8.23 -7.05
CA PHE A 68 1.04 -8.29 -7.52
C PHE A 68 0.81 -7.46 -8.79
N SER A 69 -0.36 -7.66 -9.40
CA SER A 69 -0.85 -6.84 -10.50
C SER A 69 -2.13 -6.12 -10.18
N VAL A 70 -2.20 -4.86 -10.59
CA VAL A 70 -3.37 -4.02 -10.36
C VAL A 70 -4.54 -4.32 -11.32
N LYS A 71 -4.37 -5.25 -12.26
CA LYS A 71 -5.45 -5.81 -13.10
C LYS A 71 -6.23 -6.96 -12.44
N ASP A 72 -5.76 -7.42 -11.28
CA ASP A 72 -6.23 -8.62 -10.57
C ASP A 72 -6.69 -8.28 -9.14
N PRO A 73 -7.95 -7.81 -8.97
CA PRO A 73 -8.45 -7.26 -7.69
C PRO A 73 -8.58 -8.28 -6.54
N SER A 74 -8.80 -9.57 -6.82
CA SER A 74 -9.00 -10.60 -5.78
C SER A 74 -7.80 -10.79 -4.84
N PRO A 75 -6.57 -11.04 -5.33
CA PRO A 75 -5.39 -11.12 -4.47
C PRO A 75 -5.02 -9.77 -3.83
N LEU A 76 -5.31 -8.66 -4.50
CA LEU A 76 -5.07 -7.31 -4.02
C LEU A 76 -5.93 -6.99 -2.77
N TYR A 77 -7.21 -7.36 -2.82
CA TYR A 77 -8.16 -7.23 -1.71
C TYR A 77 -7.71 -8.05 -0.48
N ASP A 78 -7.11 -9.23 -0.67
CA ASP A 78 -6.55 -10.05 0.41
C ASP A 78 -5.36 -9.38 1.11
N MET A 79 -4.40 -8.84 0.34
CA MET A 79 -3.27 -8.06 0.87
C MET A 79 -3.76 -6.85 1.69
N LEU A 80 -4.68 -6.06 1.11
CA LEU A 80 -5.23 -4.87 1.74
C LEU A 80 -6.01 -5.22 3.02
N ARG A 81 -6.90 -6.22 3.02
CA ARG A 81 -7.59 -6.66 4.25
C ARG A 81 -6.65 -6.97 5.43
N LYS A 82 -5.42 -7.41 5.12
CA LYS A 82 -4.36 -7.71 6.09
C LYS A 82 -3.50 -6.50 6.51
N ASN A 83 -3.45 -5.39 5.74
CA ASN A 83 -2.55 -4.25 6.03
C ASN A 83 -3.25 -2.85 6.11
N LEU A 84 -4.39 -2.69 5.44
CA LEU A 84 -5.31 -1.56 5.51
C LEU A 84 -6.66 -2.10 6.01
N VAL A 85 -6.91 -1.99 7.32
CA VAL A 85 -8.04 -2.66 7.98
C VAL A 85 -9.40 -2.22 7.42
N THR A 86 -10.19 -3.21 6.99
CA THR A 86 -11.50 -3.07 6.34
C THR A 86 -12.30 -4.38 6.45
N LEU A 87 -13.60 -4.33 6.18
CA LEU A 87 -14.50 -5.48 6.21
C LEU A 87 -14.37 -6.40 4.99
N ALA A 88 -15.01 -7.57 5.08
CA ALA A 88 -14.88 -8.70 4.18
C ALA A 88 -16.19 -9.01 3.42
N THR A 89 -16.06 -9.73 2.30
CA THR A 89 -17.16 -10.20 1.41
C THR A 89 -18.23 -9.13 1.13
N GLN A 1 -14.47 16.40 7.52
CA GLN A 1 -13.96 15.98 8.82
C GLN A 1 -13.74 14.46 8.91
N ILE A 2 -12.83 14.01 9.79
CA ILE A 2 -12.45 12.59 9.93
C ILE A 2 -13.50 11.79 10.71
N ASN A 3 -13.90 10.64 10.13
CA ASN A 3 -14.72 9.59 10.75
C ASN A 3 -14.17 8.16 10.46
N GLN A 4 -13.18 8.08 9.57
CA GLN A 4 -12.44 6.89 9.12
C GLN A 4 -11.30 6.51 10.08
N VAL A 5 -10.67 5.36 9.84
CA VAL A 5 -9.53 4.80 10.59
C VAL A 5 -8.20 4.96 9.84
N ARG A 6 -7.06 4.64 10.48
CA ARG A 6 -5.72 4.52 9.82
C ARG A 6 -5.41 3.07 9.40
N PRO A 7 -4.50 2.86 8.42
CA PRO A 7 -3.96 1.54 8.07
C PRO A 7 -3.05 0.97 9.17
N LYS A 8 -2.56 -0.26 8.96
CA LYS A 8 -1.67 -0.96 9.89
C LYS A 8 -0.32 -0.25 10.00
N LEU A 9 0.32 -0.32 11.17
CA LEU A 9 1.50 0.48 11.54
C LEU A 9 2.68 0.40 10.54
N PRO A 10 3.17 -0.78 10.11
CA PRO A 10 4.24 -0.87 9.10
C PRO A 10 3.82 -0.34 7.71
N LEU A 11 2.52 -0.27 7.38
CA LEU A 11 2.05 0.42 6.17
C LEU A 11 2.03 1.94 6.40
N LEU A 12 1.68 2.43 7.59
CA LEU A 12 1.80 3.84 7.97
C LEU A 12 3.26 4.35 7.87
N LYS A 13 4.24 3.48 8.18
CA LYS A 13 5.68 3.78 7.98
C LYS A 13 6.04 4.05 6.51
N ILE A 14 5.29 3.51 5.54
CA ILE A 14 5.48 3.77 4.11
C ILE A 14 5.01 5.19 3.74
N LEU A 15 3.93 5.67 4.34
CA LEU A 15 3.51 7.07 4.18
C LEU A 15 4.47 8.04 4.89
N HIS A 16 5.05 7.63 6.02
CA HIS A 16 6.14 8.39 6.65
C HIS A 16 7.38 8.44 5.76
N ALA A 17 7.76 7.33 5.11
CA ALA A 17 8.85 7.28 4.12
C ALA A 17 8.57 8.13 2.86
N ALA A 18 7.29 8.32 2.50
CA ALA A 18 6.86 9.23 1.46
C ALA A 18 7.03 10.73 1.83
N GLY A 19 7.40 11.03 3.09
CA GLY A 19 7.65 12.38 3.59
C GLY A 19 6.44 13.08 4.24
N ALA A 20 5.39 12.33 4.61
CA ALA A 20 4.14 12.86 5.16
C ALA A 20 3.78 12.25 6.53
N GLN A 21 3.28 13.09 7.45
CA GLN A 21 2.68 12.67 8.72
C GLN A 21 1.26 12.13 8.49
N GLY A 22 0.79 11.21 9.33
CA GLY A 22 -0.58 10.68 9.25
C GLY A 22 -1.06 9.92 10.48
N GLU A 23 -2.36 10.02 10.77
CA GLU A 23 -3.01 9.43 11.96
C GLU A 23 -4.37 8.75 11.69
N MET A 24 -5.00 8.97 10.53
CA MET A 24 -6.33 8.47 10.10
C MET A 24 -6.59 8.91 8.64
N PHE A 25 -6.92 7.97 7.74
CA PHE A 25 -7.28 8.25 6.34
C PHE A 25 -7.84 7.05 5.55
N THR A 26 -8.67 7.34 4.55
CA THR A 26 -9.29 6.38 3.60
C THR A 26 -8.31 5.86 2.54
N VAL A 27 -8.71 4.90 1.67
CA VAL A 27 -7.91 4.52 0.48
C VAL A 27 -7.61 5.75 -0.37
N LYS A 28 -8.61 6.59 -0.72
CA LYS A 28 -8.43 7.76 -1.57
C LYS A 28 -7.39 8.74 -1.02
N GLU A 29 -7.34 8.89 0.29
CA GLU A 29 -6.35 9.71 1.01
C GLU A 29 -4.98 9.02 1.17
N VAL A 30 -4.93 7.69 1.28
CA VAL A 30 -3.68 6.91 1.37
C VAL A 30 -2.98 6.81 0.01
N MET A 31 -3.68 6.51 -1.09
CA MET A 31 -3.07 6.34 -2.44
C MET A 31 -2.42 7.61 -2.95
N HIS A 32 -2.92 8.74 -2.48
CA HIS A 32 -2.30 10.05 -2.70
C HIS A 32 -0.80 10.02 -2.31
N TYR A 33 -0.47 9.59 -1.09
CA TYR A 33 0.89 9.31 -0.63
C TYR A 33 1.51 8.01 -1.17
N LEU A 34 0.74 6.94 -1.34
CA LEU A 34 1.26 5.61 -1.68
C LEU A 34 1.68 5.49 -3.17
N GLY A 35 0.90 6.05 -4.09
CA GLY A 35 1.27 6.18 -5.50
C GLY A 35 2.48 7.08 -5.70
N GLN A 36 2.59 8.15 -4.88
CA GLN A 36 3.78 9.02 -4.81
C GLN A 36 5.02 8.26 -4.28
N TYR A 37 4.88 7.46 -3.23
CA TYR A 37 5.95 6.60 -2.71
C TYR A 37 6.41 5.62 -3.78
N ILE A 38 5.49 4.92 -4.43
CA ILE A 38 5.77 3.97 -5.52
C ILE A 38 6.40 4.70 -6.73
N MET A 39 6.01 5.93 -7.03
CA MET A 39 6.65 6.77 -8.06
C MET A 39 8.09 7.15 -7.71
N VAL A 40 8.44 7.38 -6.43
CA VAL A 40 9.82 7.65 -6.02
C VAL A 40 10.65 6.37 -5.93
N LYS A 41 10.12 5.34 -5.28
CA LYS A 41 10.82 4.06 -4.99
C LYS A 41 10.83 3.11 -6.20
N GLN A 42 10.00 3.41 -7.20
CA GLN A 42 9.84 2.73 -8.47
C GLN A 42 9.62 1.20 -8.33
N LEU A 43 8.49 0.80 -7.70
CA LEU A 43 8.12 -0.61 -7.50
C LEU A 43 7.35 -1.19 -8.70
N TYR A 44 6.91 -0.33 -9.64
CA TYR A 44 6.25 -0.74 -10.87
C TYR A 44 7.27 -1.09 -11.97
N ASP A 45 6.88 -1.94 -12.93
CA ASP A 45 7.67 -2.16 -14.14
C ASP A 45 7.27 -1.15 -15.20
N GLN A 46 8.23 -0.43 -15.82
CA GLN A 46 7.94 0.56 -16.86
C GLN A 46 7.12 0.00 -18.04
N GLN A 47 7.28 -1.30 -18.36
CA GLN A 47 6.72 -1.93 -19.54
C GLN A 47 5.35 -2.61 -19.26
N GLU A 48 5.05 -2.84 -17.97
CA GLU A 48 3.86 -3.50 -17.43
C GLU A 48 3.40 -2.78 -16.14
N GLN A 49 3.00 -1.51 -16.27
CA GLN A 49 2.71 -0.61 -15.14
C GLN A 49 1.54 -1.08 -14.25
N HIS A 50 0.69 -1.98 -14.76
CA HIS A 50 -0.33 -2.67 -13.96
C HIS A 50 0.27 -3.52 -12.82
N MET A 51 1.46 -4.08 -13.01
CA MET A 51 2.16 -4.89 -12.01
C MET A 51 3.06 -4.02 -11.11
N VAL A 52 3.00 -4.33 -9.80
CA VAL A 52 3.86 -3.78 -8.75
C VAL A 52 4.59 -4.93 -8.06
N TYR A 53 5.91 -4.85 -7.98
CA TYR A 53 6.76 -5.83 -7.33
C TYR A 53 7.28 -5.27 -6.00
N CYS A 54 6.66 -5.70 -4.90
CA CYS A 54 7.02 -5.26 -3.55
C CYS A 54 7.88 -6.28 -2.77
N GLY A 55 8.37 -7.34 -3.43
CA GLY A 55 9.23 -8.35 -2.80
C GLY A 55 10.55 -7.79 -2.22
N GLY A 56 11.05 -6.69 -2.79
CA GLY A 56 12.20 -5.90 -2.29
C GLY A 56 11.83 -4.70 -1.40
N ASP A 57 10.55 -4.55 -1.04
CA ASP A 57 10.00 -3.44 -0.25
C ASP A 57 9.66 -3.86 1.19
N LEU A 58 9.41 -2.86 2.06
CA LEU A 58 8.87 -3.01 3.41
C LEU A 58 7.67 -3.96 3.44
N LEU A 59 6.75 -3.85 2.47
CA LEU A 59 5.60 -4.75 2.35
C LEU A 59 6.02 -6.22 2.15
N GLY A 60 7.07 -6.46 1.35
CA GLY A 60 7.67 -7.78 1.14
C GLY A 60 8.40 -8.33 2.36
N GLU A 61 9.12 -7.50 3.13
CA GLU A 61 9.74 -7.96 4.41
C GLU A 61 8.67 -8.39 5.41
N LEU A 62 7.62 -7.57 5.48
CA LEU A 62 6.46 -7.73 6.34
C LEU A 62 5.66 -9.02 6.05
N LEU A 63 5.34 -9.30 4.77
CA LEU A 63 4.43 -10.38 4.35
C LEU A 63 5.17 -11.59 3.72
N GLY A 64 6.49 -11.50 3.49
CA GLY A 64 7.28 -12.46 2.72
C GLY A 64 7.15 -12.30 1.19
N ARG A 65 5.98 -11.83 0.75
CA ARG A 65 5.60 -11.51 -0.65
C ARG A 65 4.46 -10.49 -0.68
N GLN A 66 4.58 -9.45 -1.48
CA GLN A 66 3.52 -8.42 -1.64
C GLN A 66 3.49 -7.92 -3.10
N SER A 67 3.76 -8.82 -4.05
CA SER A 67 3.76 -8.52 -5.50
C SER A 67 2.46 -8.95 -6.16
N PHE A 68 1.94 -8.11 -7.06
CA PHE A 68 0.60 -8.21 -7.63
C PHE A 68 0.43 -7.39 -8.91
N SER A 69 -0.76 -7.49 -9.51
CA SER A 69 -1.21 -6.62 -10.59
C SER A 69 -2.58 -6.03 -10.28
N VAL A 70 -2.78 -4.77 -10.63
CA VAL A 70 -4.06 -4.08 -10.44
C VAL A 70 -5.17 -4.55 -11.39
N LYS A 71 -4.83 -5.36 -12.42
CA LYS A 71 -5.81 -6.06 -13.28
C LYS A 71 -6.43 -7.30 -12.60
N ASP A 72 -5.88 -7.72 -11.47
CA ASP A 72 -6.30 -8.88 -10.68
C ASP A 72 -6.62 -8.43 -9.23
N PRO A 73 -7.80 -7.81 -9.00
CA PRO A 73 -8.11 -7.14 -7.74
C PRO A 73 -8.34 -8.07 -6.54
N SER A 74 -8.74 -9.34 -6.75
CA SER A 74 -9.02 -10.29 -5.66
C SER A 74 -7.82 -10.59 -4.76
N PRO A 75 -6.64 -11.01 -5.27
CA PRO A 75 -5.45 -11.23 -4.43
C PRO A 75 -4.91 -9.93 -3.81
N LEU A 76 -5.04 -8.79 -4.50
CA LEU A 76 -4.66 -7.47 -4.00
C LEU A 76 -5.51 -7.11 -2.77
N TYR A 77 -6.84 -7.21 -2.89
CA TYR A 77 -7.78 -7.07 -1.78
C TYR A 77 -7.47 -8.02 -0.61
N ASP A 78 -7.19 -9.30 -0.87
CA ASP A 78 -6.96 -10.30 0.18
C ASP A 78 -5.70 -10.04 1.03
N MET A 79 -4.64 -9.53 0.41
CA MET A 79 -3.46 -9.03 1.14
C MET A 79 -3.79 -7.75 1.93
N LEU A 80 -4.40 -6.76 1.27
CA LEU A 80 -4.77 -5.48 1.85
C LEU A 80 -5.75 -5.62 3.01
N ARG A 81 -6.60 -6.64 3.03
CA ARG A 81 -7.44 -7.02 4.16
C ARG A 81 -6.65 -7.19 5.47
N LYS A 82 -5.36 -7.57 5.37
CA LYS A 82 -4.41 -7.66 6.49
C LYS A 82 -3.67 -6.35 6.79
N ASN A 83 -3.52 -5.41 5.85
CA ASN A 83 -2.62 -4.24 6.02
C ASN A 83 -3.24 -2.83 5.87
N LEU A 84 -4.38 -2.68 5.17
CA LEU A 84 -4.99 -1.42 4.75
C LEU A 84 -6.48 -1.34 5.14
N VAL A 85 -7.02 -0.12 5.32
CA VAL A 85 -8.46 0.10 5.54
C VAL A 85 -9.30 -0.42 4.36
N THR A 86 -10.28 -1.29 4.65
CA THR A 86 -11.15 -1.91 3.64
C THR A 86 -12.45 -2.44 4.28
N LEU A 87 -13.27 -3.14 3.48
CA LEU A 87 -14.64 -3.56 3.80
C LEU A 87 -14.76 -4.79 4.72
N ALA A 88 -13.68 -5.12 5.43
CA ALA A 88 -13.59 -6.25 6.36
C ALA A 88 -12.52 -6.02 7.45
N THR A 89 -12.77 -6.53 8.65
CA THR A 89 -11.87 -6.55 9.83
C THR A 89 -10.96 -5.33 9.96
N GLN A 1 -15.64 17.32 7.07
CA GLN A 1 -14.83 16.47 7.97
C GLN A 1 -15.09 14.97 7.75
N ILE A 2 -14.13 14.14 8.17
CA ILE A 2 -14.15 12.67 8.07
C ILE A 2 -13.67 12.04 9.40
N ASN A 3 -14.13 10.83 9.72
CA ASN A 3 -13.71 10.04 10.88
C ASN A 3 -13.11 8.69 10.42
N GLN A 4 -11.87 8.73 9.92
CA GLN A 4 -11.20 7.58 9.29
C GLN A 4 -10.61 6.58 10.29
N VAL A 5 -10.08 5.48 9.76
CA VAL A 5 -9.34 4.40 10.46
C VAL A 5 -7.82 4.51 10.23
N ARG A 6 -7.02 3.73 10.97
CA ARG A 6 -5.55 3.65 10.83
C ARG A 6 -5.13 2.34 10.13
N PRO A 7 -4.19 2.37 9.17
CA PRO A 7 -3.60 1.16 8.59
C PRO A 7 -2.59 0.48 9.53
N LYS A 8 -2.04 -0.66 9.10
CA LYS A 8 -1.00 -1.39 9.84
C LYS A 8 0.26 -0.52 9.96
N LEU A 9 1.02 -0.69 11.05
CA LEU A 9 2.12 0.24 11.41
C LEU A 9 3.21 0.37 10.33
N PRO A 10 3.72 -0.70 9.68
CA PRO A 10 4.68 -0.54 8.57
C PRO A 10 4.11 0.20 7.34
N LEU A 11 2.79 0.14 7.10
CA LEU A 11 2.13 0.95 6.07
C LEU A 11 2.11 2.44 6.50
N LEU A 12 1.88 2.71 7.79
CA LEU A 12 2.03 4.05 8.37
C LEU A 12 3.49 4.57 8.23
N LYS A 13 4.50 3.71 8.38
CA LYS A 13 5.92 4.05 8.12
C LYS A 13 6.18 4.38 6.65
N ILE A 14 5.59 3.64 5.71
CA ILE A 14 5.65 3.91 4.27
C ILE A 14 5.02 5.26 3.90
N LEU A 15 3.89 5.63 4.52
CA LEU A 15 3.29 6.97 4.42
C LEU A 15 4.19 8.07 5.02
N HIS A 16 4.84 7.83 6.17
CA HIS A 16 5.86 8.75 6.73
C HIS A 16 7.04 8.95 5.76
N ALA A 17 7.54 7.86 5.16
CA ALA A 17 8.65 7.88 4.20
C ALA A 17 8.31 8.62 2.89
N ALA A 18 7.02 8.69 2.54
CA ALA A 18 6.52 9.48 1.42
C ALA A 18 6.49 11.00 1.72
N GLY A 19 6.83 11.42 2.95
CA GLY A 19 6.85 12.82 3.40
C GLY A 19 5.54 13.32 4.00
N ALA A 20 4.56 12.44 4.24
CA ALA A 20 3.25 12.76 4.82
C ALA A 20 3.20 12.47 6.33
N GLN A 21 2.47 13.29 7.10
CA GLN A 21 2.16 12.99 8.49
C GLN A 21 1.12 11.88 8.56
N GLY A 22 1.31 10.91 9.46
CA GLY A 22 0.48 9.71 9.51
C GLY A 22 -0.41 9.63 10.75
N GLU A 23 -1.65 10.12 10.61
CA GLU A 23 -2.68 10.13 11.65
C GLU A 23 -4.08 9.96 11.02
N MET A 24 -4.35 8.72 10.58
CA MET A 24 -5.63 8.15 10.09
C MET A 24 -6.20 8.74 8.78
N PHE A 25 -6.63 7.84 7.88
CA PHE A 25 -7.02 8.18 6.49
C PHE A 25 -7.86 7.08 5.79
N THR A 26 -8.50 7.45 4.69
CA THR A 26 -9.24 6.55 3.78
C THR A 26 -8.30 5.77 2.85
N VAL A 27 -8.82 4.78 2.10
CA VAL A 27 -8.08 4.11 1.00
C VAL A 27 -7.53 5.13 -0.01
N LYS A 28 -8.30 6.16 -0.37
CA LYS A 28 -7.91 7.20 -1.34
C LYS A 28 -6.79 8.11 -0.79
N GLU A 29 -6.90 8.51 0.47
CA GLU A 29 -5.88 9.33 1.14
C GLU A 29 -4.55 8.58 1.33
N VAL A 30 -4.62 7.28 1.68
CA VAL A 30 -3.44 6.38 1.72
C VAL A 30 -2.83 6.23 0.32
N MET A 31 -3.65 6.00 -0.71
CA MET A 31 -3.24 5.73 -2.08
C MET A 31 -2.57 6.91 -2.77
N HIS A 32 -3.01 8.13 -2.50
CA HIS A 32 -2.33 9.35 -2.98
C HIS A 32 -0.83 9.34 -2.63
N TYR A 33 -0.51 9.09 -1.36
CA TYR A 33 0.88 8.93 -0.90
C TYR A 33 1.53 7.58 -1.27
N LEU A 34 0.79 6.47 -1.34
CA LEU A 34 1.36 5.16 -1.73
C LEU A 34 1.79 5.11 -3.20
N GLY A 35 0.99 5.65 -4.12
CA GLY A 35 1.35 5.78 -5.52
C GLY A 35 2.57 6.69 -5.70
N GLN A 36 2.60 7.82 -5.00
CA GLN A 36 3.75 8.74 -4.92
C GLN A 36 5.01 8.06 -4.35
N TYR A 37 4.87 7.25 -3.30
CA TYR A 37 5.96 6.51 -2.66
C TYR A 37 6.56 5.48 -3.62
N ILE A 38 5.71 4.64 -4.22
CA ILE A 38 6.11 3.61 -5.18
C ILE A 38 6.75 4.27 -6.43
N MET A 39 6.23 5.42 -6.88
CA MET A 39 6.81 6.21 -7.97
C MET A 39 8.22 6.75 -7.64
N VAL A 40 8.43 7.34 -6.45
CA VAL A 40 9.70 7.99 -6.07
C VAL A 40 10.79 7.00 -5.64
N LYS A 41 10.38 5.83 -5.12
CA LYS A 41 11.27 4.71 -4.76
C LYS A 41 11.39 3.64 -5.85
N GLN A 42 10.53 3.68 -6.87
CA GLN A 42 10.45 2.75 -7.99
C GLN A 42 10.27 1.27 -7.54
N LEU A 43 9.16 0.98 -6.84
CA LEU A 43 8.77 -0.39 -6.47
C LEU A 43 7.83 -1.06 -7.49
N TYR A 44 7.57 -0.37 -8.60
CA TYR A 44 6.88 -0.90 -9.78
C TYR A 44 7.90 -1.52 -10.76
N ASP A 45 7.47 -2.48 -11.59
CA ASP A 45 8.30 -2.96 -12.69
C ASP A 45 8.20 -1.96 -13.86
N GLN A 46 9.32 -1.40 -14.32
CA GLN A 46 9.32 -0.35 -15.35
C GLN A 46 8.73 -0.81 -16.70
N GLN A 47 8.95 -2.08 -17.08
CA GLN A 47 8.52 -2.62 -18.37
C GLN A 47 7.04 -3.05 -18.35
N GLU A 48 6.53 -3.38 -17.15
CA GLU A 48 5.16 -3.83 -16.87
C GLU A 48 4.65 -3.20 -15.57
N GLN A 49 4.30 -1.90 -15.63
CA GLN A 49 3.80 -1.10 -14.49
C GLN A 49 2.53 -1.66 -13.82
N HIS A 50 1.82 -2.59 -14.48
CA HIS A 50 0.74 -3.36 -13.88
C HIS A 50 1.20 -4.34 -12.79
N MET A 51 2.51 -4.45 -12.49
CA MET A 51 3.08 -5.19 -11.35
C MET A 51 3.85 -4.28 -10.37
N VAL A 52 3.67 -4.55 -9.07
CA VAL A 52 4.42 -4.00 -7.93
C VAL A 52 5.20 -5.12 -7.23
N TYR A 53 6.41 -4.82 -6.77
CA TYR A 53 7.35 -5.78 -6.20
C TYR A 53 7.78 -5.40 -4.76
N CYS A 54 6.81 -5.16 -3.86
CA CYS A 54 7.10 -4.78 -2.47
C CYS A 54 7.58 -5.95 -1.58
N GLY A 55 7.76 -7.17 -2.10
CA GLY A 55 8.34 -8.29 -1.37
C GLY A 55 9.77 -8.04 -0.83
N GLY A 56 10.51 -7.11 -1.43
CA GLY A 56 11.80 -6.62 -0.95
C GLY A 56 11.74 -5.44 0.03
N ASP A 57 10.55 -4.97 0.41
CA ASP A 57 10.33 -3.76 1.22
C ASP A 57 9.79 -4.06 2.64
N LEU A 58 9.44 -3.02 3.41
CA LEU A 58 8.85 -3.15 4.74
C LEU A 58 7.47 -3.82 4.70
N LEU A 59 6.70 -3.58 3.63
CA LEU A 59 5.41 -4.27 3.38
C LEU A 59 5.65 -5.77 3.15
N GLY A 60 6.73 -6.08 2.44
CA GLY A 60 7.25 -7.44 2.24
C GLY A 60 7.73 -8.11 3.53
N GLU A 61 8.40 -7.40 4.44
CA GLU A 61 8.83 -7.99 5.71
C GLU A 61 7.66 -8.19 6.69
N LEU A 62 6.62 -7.33 6.59
CA LEU A 62 5.36 -7.47 7.31
C LEU A 62 4.57 -8.72 6.87
N LEU A 63 4.39 -8.94 5.56
CA LEU A 63 3.54 -10.02 5.04
C LEU A 63 4.32 -11.28 4.59
N GLY A 64 5.66 -11.25 4.61
CA GLY A 64 6.55 -12.27 4.04
C GLY A 64 6.67 -12.20 2.50
N ARG A 65 5.62 -11.70 1.83
CA ARG A 65 5.52 -11.44 0.39
C ARG A 65 4.49 -10.32 0.11
N GLN A 66 4.86 -9.30 -0.65
CA GLN A 66 3.98 -8.21 -1.07
C GLN A 66 4.27 -7.82 -2.53
N SER A 67 4.50 -8.84 -3.37
CA SER A 67 4.59 -8.66 -4.83
C SER A 67 3.30 -9.17 -5.47
N PHE A 68 2.74 -8.36 -6.37
CA PHE A 68 1.39 -8.51 -6.92
C PHE A 68 1.19 -7.69 -8.18
N SER A 69 0.07 -7.95 -8.85
CA SER A 69 -0.36 -7.18 -9.99
C SER A 69 -1.56 -6.30 -9.65
N VAL A 70 -1.49 -5.06 -10.08
CA VAL A 70 -2.39 -3.96 -9.72
C VAL A 70 -3.74 -4.01 -10.45
N LYS A 71 -3.77 -4.66 -11.61
CA LYS A 71 -4.94 -4.86 -12.49
C LYS A 71 -5.91 -5.99 -12.05
N ASP A 72 -5.54 -6.74 -11.00
CA ASP A 72 -6.20 -7.96 -10.54
C ASP A 72 -6.78 -7.77 -9.12
N PRO A 73 -8.02 -7.24 -8.99
CA PRO A 73 -8.60 -6.84 -7.70
C PRO A 73 -8.76 -7.95 -6.66
N SER A 74 -9.11 -9.19 -7.05
CA SER A 74 -9.37 -10.28 -6.11
C SER A 74 -8.19 -10.63 -5.18
N PRO A 75 -6.97 -10.92 -5.68
CA PRO A 75 -5.80 -11.14 -4.83
C PRO A 75 -5.31 -9.85 -4.14
N LEU A 76 -5.58 -8.67 -4.73
CA LEU A 76 -5.20 -7.38 -4.18
C LEU A 76 -5.98 -7.08 -2.88
N TYR A 77 -7.30 -7.24 -2.90
CA TYR A 77 -8.16 -7.04 -1.72
C TYR A 77 -7.83 -8.02 -0.58
N ASP A 78 -7.46 -9.26 -0.89
CA ASP A 78 -7.08 -10.28 0.11
C ASP A 78 -5.88 -9.85 0.97
N MET A 79 -4.87 -9.27 0.34
CA MET A 79 -3.72 -8.65 1.03
C MET A 79 -4.08 -7.35 1.74
N LEU A 80 -4.77 -6.43 1.07
CA LEU A 80 -5.10 -5.10 1.58
C LEU A 80 -5.94 -5.21 2.86
N ARG A 81 -6.88 -6.15 2.96
CA ARG A 81 -7.61 -6.46 4.20
C ARG A 81 -6.72 -6.79 5.41
N LYS A 82 -5.50 -7.29 5.18
CA LYS A 82 -4.46 -7.53 6.20
C LYS A 82 -3.57 -6.31 6.49
N ASN A 83 -3.43 -5.37 5.56
CA ASN A 83 -2.44 -4.26 5.67
C ASN A 83 -3.08 -2.87 5.89
N LEU A 84 -4.31 -2.65 5.40
CA LEU A 84 -5.07 -1.40 5.44
C LEU A 84 -6.50 -1.73 5.90
N VAL A 85 -6.94 -1.20 7.04
CA VAL A 85 -8.21 -1.58 7.68
C VAL A 85 -9.41 -1.27 6.77
N THR A 86 -10.16 -2.32 6.40
CA THR A 86 -11.38 -2.28 5.57
C THR A 86 -12.22 -3.54 5.81
N LEU A 87 -13.37 -3.64 5.13
CA LEU A 87 -14.39 -4.67 5.38
C LEU A 87 -14.24 -5.91 4.48
N ALA A 88 -15.02 -6.94 4.81
CA ALA A 88 -14.95 -8.30 4.28
C ALA A 88 -16.29 -8.79 3.69
N THR A 89 -16.25 -9.95 2.99
CA THR A 89 -17.44 -10.61 2.42
C THR A 89 -18.39 -11.20 3.49
N GLN A 1 -14.02 15.17 8.03
CA GLN A 1 -13.60 13.78 8.01
C GLN A 1 -14.58 12.85 7.26
N ILE A 2 -14.12 11.62 6.99
CA ILE A 2 -14.83 10.54 6.29
C ILE A 2 -15.01 9.32 7.24
N ASN A 3 -15.12 9.59 8.55
CA ASN A 3 -15.20 8.60 9.65
C ASN A 3 -14.08 7.54 9.60
N GLN A 4 -12.87 7.92 9.16
CA GLN A 4 -11.77 7.01 8.88
C GLN A 4 -10.92 6.65 10.12
N VAL A 5 -9.99 5.72 9.91
CA VAL A 5 -9.08 5.12 10.93
C VAL A 5 -7.62 5.12 10.45
N ARG A 6 -6.68 4.75 11.32
CA ARG A 6 -5.24 4.65 11.04
C ARG A 6 -4.83 3.21 10.62
N PRO A 7 -3.99 3.00 9.59
CA PRO A 7 -3.58 1.68 9.10
C PRO A 7 -2.55 0.97 9.99
N LYS A 8 -2.18 -0.26 9.61
CA LYS A 8 -1.15 -1.07 10.28
C LYS A 8 0.22 -0.35 10.22
N LEU A 9 1.03 -0.54 11.24
CA LEU A 9 2.25 0.24 11.49
C LEU A 9 3.24 0.27 10.30
N PRO A 10 3.62 -0.85 9.66
CA PRO A 10 4.51 -0.80 8.50
C PRO A 10 3.96 0.02 7.33
N LEU A 11 2.63 0.06 7.13
CA LEU A 11 2.02 0.87 6.06
C LEU A 11 1.97 2.35 6.43
N LEU A 12 1.77 2.67 7.71
CA LEU A 12 1.93 4.04 8.21
C LEU A 12 3.37 4.53 8.01
N LYS A 13 4.37 3.65 8.21
CA LYS A 13 5.80 3.95 7.95
C LYS A 13 6.10 4.16 6.46
N ILE A 14 5.44 3.42 5.55
CA ILE A 14 5.50 3.70 4.11
C ILE A 14 4.97 5.11 3.78
N LEU A 15 3.82 5.50 4.36
CA LEU A 15 3.25 6.84 4.16
C LEU A 15 4.09 7.96 4.82
N HIS A 16 4.78 7.67 5.93
CA HIS A 16 5.78 8.57 6.53
C HIS A 16 7.01 8.72 5.62
N ALA A 17 7.51 7.62 5.04
CA ALA A 17 8.62 7.63 4.08
C ALA A 17 8.27 8.37 2.77
N ALA A 18 6.98 8.45 2.41
CA ALA A 18 6.48 9.26 1.31
C ALA A 18 6.57 10.80 1.59
N GLY A 19 6.89 11.20 2.81
CA GLY A 19 6.97 12.60 3.26
C GLY A 19 5.61 13.24 3.55
N ALA A 20 4.56 12.43 3.80
CA ALA A 20 3.16 12.88 3.88
C ALA A 20 2.54 12.89 5.29
N GLN A 21 3.39 12.63 6.29
CA GLN A 21 3.01 12.36 7.68
C GLN A 21 1.89 11.28 7.76
N GLY A 22 1.15 11.21 8.87
CA GLY A 22 -0.06 10.38 8.96
C GLY A 22 -0.59 10.13 10.36
N GLU A 23 -1.91 10.27 10.53
CA GLU A 23 -2.63 9.97 11.78
C GLU A 23 -3.98 9.24 11.57
N MET A 24 -4.57 9.32 10.37
CA MET A 24 -5.88 8.74 9.96
C MET A 24 -6.08 8.96 8.44
N PHE A 25 -6.47 7.92 7.68
CA PHE A 25 -6.83 8.03 6.25
C PHE A 25 -7.60 6.82 5.68
N THR A 26 -8.41 7.11 4.66
CA THR A 26 -9.19 6.16 3.83
C THR A 26 -8.35 5.52 2.71
N VAL A 27 -8.87 4.56 1.93
CA VAL A 27 -8.20 4.07 0.69
C VAL A 27 -7.88 5.26 -0.22
N LYS A 28 -8.82 6.15 -0.51
CA LYS A 28 -8.64 7.28 -1.44
C LYS A 28 -7.45 8.18 -1.03
N GLU A 29 -7.26 8.38 0.27
CA GLU A 29 -6.14 9.14 0.84
C GLU A 29 -4.84 8.31 0.93
N VAL A 30 -4.92 7.02 1.28
CA VAL A 30 -3.77 6.13 1.42
C VAL A 30 -3.11 5.86 0.07
N MET A 31 -3.87 5.45 -0.95
CA MET A 31 -3.30 5.03 -2.25
C MET A 31 -2.67 6.19 -3.01
N HIS A 32 -3.13 7.40 -2.70
CA HIS A 32 -2.52 8.64 -3.17
C HIS A 32 -1.05 8.76 -2.70
N TYR A 33 -0.80 8.66 -1.39
CA TYR A 33 0.56 8.68 -0.81
C TYR A 33 1.35 7.39 -1.03
N LEU A 34 0.70 6.22 -1.08
CA LEU A 34 1.36 4.94 -1.40
C LEU A 34 1.80 4.89 -2.87
N GLY A 35 0.99 5.42 -3.79
CA GLY A 35 1.35 5.60 -5.20
C GLY A 35 2.53 6.56 -5.38
N GLN A 36 2.55 7.67 -4.62
CA GLN A 36 3.68 8.60 -4.55
C GLN A 36 4.95 7.90 -4.02
N TYR A 37 4.84 7.08 -2.97
CA TYR A 37 5.95 6.28 -2.44
C TYR A 37 6.48 5.31 -3.51
N ILE A 38 5.59 4.53 -4.12
CA ILE A 38 5.94 3.56 -5.17
C ILE A 38 6.57 4.27 -6.38
N MET A 39 6.10 5.47 -6.73
CA MET A 39 6.69 6.30 -7.79
C MET A 39 8.11 6.75 -7.46
N VAL A 40 8.38 7.25 -6.24
CA VAL A 40 9.69 7.79 -5.84
C VAL A 40 10.72 6.71 -5.49
N LYS A 41 10.27 5.55 -5.03
CA LYS A 41 11.09 4.36 -4.75
C LYS A 41 11.19 3.38 -5.94
N GLN A 42 10.31 3.52 -6.93
CA GLN A 42 10.12 2.63 -8.07
C GLN A 42 9.86 1.16 -7.66
N LEU A 43 8.66 0.88 -7.14
CA LEU A 43 8.22 -0.46 -6.70
C LEU A 43 7.43 -1.21 -7.81
N TYR A 44 7.58 -0.75 -9.05
CA TYR A 44 6.85 -1.19 -10.24
C TYR A 44 7.82 -1.58 -11.37
N ASP A 45 7.35 -2.38 -12.35
CA ASP A 45 8.15 -2.66 -13.55
C ASP A 45 8.06 -1.51 -14.57
N GLN A 46 9.21 -0.96 -14.98
CA GLN A 46 9.27 0.05 -16.05
C GLN A 46 8.73 -0.43 -17.41
N GLN A 47 8.65 -1.75 -17.62
CA GLN A 47 8.21 -2.32 -18.90
C GLN A 47 6.68 -2.33 -19.02
N GLU A 48 6.02 -2.57 -17.89
CA GLU A 48 4.56 -2.70 -17.72
C GLU A 48 4.16 -2.23 -16.32
N GLN A 49 3.79 -0.95 -16.18
CA GLN A 49 3.59 -0.27 -14.90
C GLN A 49 2.40 -0.82 -14.08
N HIS A 50 1.53 -1.65 -14.69
CA HIS A 50 0.50 -2.39 -13.95
C HIS A 50 1.06 -3.45 -13.00
N MET A 51 2.29 -3.94 -13.23
CA MET A 51 3.01 -4.88 -12.37
C MET A 51 3.68 -4.14 -11.20
N VAL A 52 3.29 -4.49 -9.97
CA VAL A 52 3.92 -4.06 -8.71
C VAL A 52 4.73 -5.23 -8.15
N TYR A 53 5.99 -4.98 -7.78
CA TYR A 53 6.91 -6.00 -7.28
C TYR A 53 7.60 -5.50 -6.01
N CYS A 54 7.31 -6.11 -4.87
CA CYS A 54 7.73 -5.57 -3.57
C CYS A 54 9.21 -5.79 -3.23
N GLY A 55 9.84 -6.86 -3.73
CA GLY A 55 11.22 -7.22 -3.36
C GLY A 55 11.40 -7.28 -1.83
N GLY A 56 12.37 -6.51 -1.31
CA GLY A 56 12.66 -6.35 0.12
C GLY A 56 11.87 -5.27 0.87
N ASP A 57 10.81 -4.70 0.29
CA ASP A 57 10.00 -3.64 0.92
C ASP A 57 9.29 -4.11 2.20
N LEU A 58 8.88 -3.15 3.05
CA LEU A 58 8.05 -3.34 4.24
C LEU A 58 6.77 -4.17 3.95
N LEU A 59 6.13 -4.00 2.79
CA LEU A 59 4.96 -4.81 2.39
C LEU A 59 5.32 -6.31 2.33
N GLY A 60 6.46 -6.63 1.73
CA GLY A 60 7.00 -7.98 1.64
C GLY A 60 7.56 -8.49 2.98
N GLU A 61 8.20 -7.64 3.79
CA GLU A 61 8.74 -8.07 5.09
C GLU A 61 7.62 -8.39 6.11
N LEU A 62 6.45 -7.75 5.98
CA LEU A 62 5.25 -8.04 6.75
C LEU A 62 4.48 -9.27 6.22
N LEU A 63 4.10 -9.28 4.92
CA LEU A 63 3.22 -10.32 4.33
C LEU A 63 3.99 -11.54 3.80
N GLY A 64 5.32 -11.50 3.77
CA GLY A 64 6.20 -12.48 3.10
C GLY A 64 6.35 -12.20 1.59
N ARG A 65 5.32 -11.60 0.97
CA ARG A 65 5.20 -11.26 -0.45
C ARG A 65 4.06 -10.24 -0.70
N GLN A 66 4.28 -9.25 -1.56
CA GLN A 66 3.24 -8.34 -2.08
C GLN A 66 3.58 -7.93 -3.53
N SER A 67 3.78 -8.93 -4.40
CA SER A 67 3.88 -8.71 -5.85
C SER A 67 2.59 -9.15 -6.54
N PHE A 68 2.06 -8.28 -7.39
CA PHE A 68 0.71 -8.37 -7.98
C PHE A 68 0.54 -7.37 -9.12
N SER A 69 -0.62 -7.41 -9.76
CA SER A 69 -0.99 -6.44 -10.79
C SER A 69 -2.26 -5.66 -10.48
N VAL A 70 -2.27 -4.37 -10.85
CA VAL A 70 -3.37 -3.46 -10.49
C VAL A 70 -4.68 -3.73 -11.24
N LYS A 71 -4.61 -4.51 -12.33
CA LYS A 71 -5.74 -5.05 -13.11
C LYS A 71 -6.46 -6.24 -12.46
N ASP A 72 -5.90 -6.79 -11.37
CA ASP A 72 -6.41 -7.96 -10.65
C ASP A 72 -6.75 -7.60 -9.19
N PRO A 73 -7.91 -6.94 -8.94
CA PRO A 73 -8.25 -6.35 -7.64
C PRO A 73 -8.50 -7.35 -6.50
N SER A 74 -8.94 -8.58 -6.77
CA SER A 74 -9.25 -9.58 -5.72
C SER A 74 -8.05 -9.90 -4.81
N PRO A 75 -6.87 -10.33 -5.35
CA PRO A 75 -5.68 -10.53 -4.52
C PRO A 75 -5.14 -9.21 -3.94
N LEU A 76 -5.35 -8.08 -4.64
CA LEU A 76 -4.97 -6.74 -4.20
C LEU A 76 -5.67 -6.40 -2.86
N TYR A 77 -6.99 -6.54 -2.81
CA TYR A 77 -7.79 -6.37 -1.60
C TYR A 77 -7.50 -7.43 -0.53
N ASP A 78 -7.10 -8.66 -0.87
CA ASP A 78 -6.71 -9.68 0.12
C ASP A 78 -5.49 -9.23 0.95
N MET A 79 -4.42 -8.79 0.29
CA MET A 79 -3.22 -8.24 0.96
C MET A 79 -3.54 -6.93 1.69
N LEU A 80 -4.31 -6.02 1.06
CA LEU A 80 -4.66 -4.75 1.66
C LEU A 80 -5.54 -4.91 2.89
N ARG A 81 -6.55 -5.78 2.92
CA ARG A 81 -7.35 -6.08 4.12
C ARG A 81 -6.49 -6.55 5.32
N LYS A 82 -5.35 -7.19 5.04
CA LYS A 82 -4.35 -7.63 6.03
C LYS A 82 -3.37 -6.52 6.45
N ASN A 83 -3.27 -5.43 5.67
CA ASN A 83 -2.27 -4.36 5.87
C ASN A 83 -2.85 -2.94 6.11
N LEU A 84 -4.13 -2.73 5.81
CA LEU A 84 -4.91 -1.49 5.77
C LEU A 84 -6.37 -1.82 6.12
N VAL A 85 -7.06 -0.98 6.90
CA VAL A 85 -8.50 -1.16 7.18
C VAL A 85 -9.30 -0.74 5.96
N THR A 86 -9.91 -1.71 5.26
CA THR A 86 -10.70 -1.52 4.04
C THR A 86 -11.73 -2.65 3.84
N LEU A 87 -12.64 -2.48 2.87
CA LEU A 87 -13.71 -3.42 2.54
C LEU A 87 -13.26 -4.63 1.69
N ALA A 88 -14.20 -5.54 1.42
CA ALA A 88 -13.98 -6.85 0.82
C ALA A 88 -14.84 -7.13 -0.43
N THR A 89 -14.72 -8.35 -0.96
CA THR A 89 -15.28 -8.79 -2.26
C THR A 89 -15.77 -10.24 -2.23
N GLN A 1 -15.75 15.16 11.01
CA GLN A 1 -14.88 13.98 11.08
C GLN A 1 -15.34 12.86 10.14
N ILE A 2 -14.38 12.09 9.65
CA ILE A 2 -14.51 11.10 8.57
C ILE A 2 -14.93 9.69 8.97
N ASN A 3 -14.82 9.39 10.26
CA ASN A 3 -15.05 8.07 10.87
C ASN A 3 -14.23 6.92 10.21
N GLN A 4 -13.01 7.23 9.74
CA GLN A 4 -12.08 6.32 9.08
C GLN A 4 -11.07 5.70 10.06
N VAL A 5 -10.35 4.67 9.61
CA VAL A 5 -9.49 3.79 10.45
C VAL A 5 -7.99 4.07 10.28
N ARG A 6 -7.18 3.64 11.25
CA ARG A 6 -5.71 3.77 11.22
C ARG A 6 -5.06 2.51 10.61
N PRO A 7 -4.02 2.60 9.75
CA PRO A 7 -3.33 1.45 9.16
C PRO A 7 -2.29 0.81 10.10
N LYS A 8 -1.75 -0.34 9.69
CA LYS A 8 -0.64 -1.01 10.40
C LYS A 8 0.59 -0.11 10.57
N LEU A 9 1.35 -0.30 11.65
CA LEU A 9 2.49 0.56 12.00
C LEU A 9 3.61 0.61 10.92
N PRO A 10 4.12 -0.52 10.38
CA PRO A 10 5.09 -0.48 9.28
C PRO A 10 4.48 0.05 7.96
N LEU A 11 3.15 0.00 7.80
CA LEU A 11 2.45 0.66 6.68
C LEU A 11 2.50 2.18 6.87
N LEU A 12 2.23 2.70 8.07
CA LEU A 12 2.31 4.15 8.38
C LEU A 12 3.73 4.72 8.17
N LYS A 13 4.78 3.92 8.39
CA LYS A 13 6.16 4.29 8.05
C LYS A 13 6.36 4.56 6.56
N ILE A 14 5.58 3.93 5.67
CA ILE A 14 5.59 4.22 4.22
C ILE A 14 4.96 5.58 3.94
N LEU A 15 3.82 5.90 4.58
CA LEU A 15 3.16 7.20 4.47
C LEU A 15 4.09 8.33 4.96
N HIS A 16 4.85 8.09 6.04
CA HIS A 16 5.90 9.01 6.52
C HIS A 16 7.07 9.13 5.52
N ALA A 17 7.55 8.01 4.96
CA ALA A 17 8.62 8.00 3.95
C ALA A 17 8.24 8.73 2.64
N ALA A 18 6.94 8.76 2.31
CA ALA A 18 6.39 9.52 1.19
C ALA A 18 6.36 11.05 1.44
N GLY A 19 6.72 11.50 2.65
CA GLY A 19 6.76 12.92 3.07
C GLY A 19 5.45 13.44 3.68
N ALA A 20 4.48 12.57 3.96
CA ALA A 20 3.19 12.93 4.57
C ALA A 20 3.15 12.69 6.10
N GLN A 21 2.14 13.26 6.76
CA GLN A 21 1.78 13.01 8.16
C GLN A 21 0.36 12.40 8.23
N GLY A 22 0.12 11.49 9.17
CA GLY A 22 -1.12 10.70 9.21
C GLY A 22 -1.35 9.85 10.44
N GLU A 23 -2.63 9.51 10.65
CA GLU A 23 -3.12 8.54 11.61
C GLU A 23 -4.27 7.73 11.00
N MET A 24 -5.39 8.37 10.66
CA MET A 24 -6.60 7.79 10.04
C MET A 24 -6.68 8.08 8.53
N PHE A 25 -7.14 7.10 7.74
CA PHE A 25 -7.19 7.17 6.27
C PHE A 25 -8.29 6.29 5.64
N THR A 26 -8.66 6.60 4.40
CA THR A 26 -9.46 5.73 3.50
C THR A 26 -8.49 4.95 2.59
N VAL A 27 -8.94 4.01 1.75
CA VAL A 27 -8.04 3.44 0.72
C VAL A 27 -7.54 4.55 -0.21
N LYS A 28 -8.38 5.52 -0.58
CA LYS A 28 -8.01 6.66 -1.43
C LYS A 28 -6.89 7.53 -0.81
N GLU A 29 -6.98 7.81 0.49
CA GLU A 29 -5.97 8.61 1.19
C GLU A 29 -4.66 7.84 1.42
N VAL A 30 -4.71 6.52 1.70
CA VAL A 30 -3.49 5.68 1.74
C VAL A 30 -2.85 5.59 0.36
N MET A 31 -3.64 5.21 -0.65
CA MET A 31 -3.15 4.86 -1.98
C MET A 31 -2.58 6.05 -2.77
N HIS A 32 -3.02 7.29 -2.48
CA HIS A 32 -2.43 8.50 -3.07
C HIS A 32 -0.94 8.63 -2.70
N TYR A 33 -0.63 8.56 -1.40
CA TYR A 33 0.74 8.65 -0.90
C TYR A 33 1.55 7.36 -1.14
N LEU A 34 0.91 6.18 -1.16
CA LEU A 34 1.57 4.92 -1.54
C LEU A 34 1.94 4.87 -3.03
N GLY A 35 1.09 5.37 -3.93
CA GLY A 35 1.40 5.51 -5.35
C GLY A 35 2.55 6.49 -5.58
N GLN A 36 2.54 7.63 -4.88
CA GLN A 36 3.66 8.59 -4.84
C GLN A 36 4.95 7.93 -4.31
N TYR A 37 4.87 7.16 -3.22
CA TYR A 37 6.02 6.44 -2.66
C TYR A 37 6.60 5.45 -3.67
N ILE A 38 5.76 4.60 -4.26
CA ILE A 38 6.15 3.62 -5.29
C ILE A 38 6.75 4.31 -6.51
N MET A 39 6.23 5.46 -6.92
CA MET A 39 6.77 6.29 -8.01
C MET A 39 8.16 6.85 -7.69
N VAL A 40 8.40 7.40 -6.49
CA VAL A 40 9.68 8.02 -6.10
C VAL A 40 10.77 7.02 -5.73
N LYS A 41 10.37 5.85 -5.21
CA LYS A 41 11.26 4.71 -4.87
C LYS A 41 11.44 3.72 -6.03
N GLN A 42 10.56 3.78 -7.03
CA GLN A 42 10.43 2.84 -8.15
C GLN A 42 10.35 1.37 -7.71
N LEU A 43 9.21 0.97 -7.15
CA LEU A 43 8.96 -0.41 -6.67
C LEU A 43 8.43 -1.33 -7.78
N TYR A 44 8.17 -0.77 -8.97
CA TYR A 44 7.70 -1.45 -10.17
C TYR A 44 8.85 -1.74 -11.15
N ASP A 45 8.64 -2.69 -12.06
CA ASP A 45 9.57 -2.90 -13.20
C ASP A 45 9.10 -2.08 -14.41
N GLN A 46 10.00 -1.38 -15.09
CA GLN A 46 9.64 -0.47 -16.19
C GLN A 46 8.92 -1.18 -17.34
N GLN A 47 9.25 -2.46 -17.59
CA GLN A 47 8.81 -3.19 -18.77
C GLN A 47 7.43 -3.86 -18.57
N GLU A 48 7.06 -4.06 -17.29
CA GLU A 48 5.82 -4.69 -16.81
C GLU A 48 5.29 -3.93 -15.58
N GLN A 49 4.91 -2.66 -15.78
CA GLN A 49 4.39 -1.77 -14.72
C GLN A 49 3.10 -2.30 -14.06
N HIS A 50 2.39 -3.22 -14.73
CA HIS A 50 1.26 -3.97 -14.17
C HIS A 50 1.64 -4.89 -12.99
N MET A 51 2.94 -5.04 -12.67
CA MET A 51 3.45 -5.68 -11.46
C MET A 51 4.32 -4.75 -10.61
N VAL A 52 4.28 -4.99 -9.30
CA VAL A 52 5.12 -4.35 -8.28
C VAL A 52 5.86 -5.42 -7.47
N TYR A 53 7.10 -5.13 -7.07
CA TYR A 53 8.03 -6.10 -6.47
C TYR A 53 8.60 -5.55 -5.15
N CYS A 54 8.20 -6.13 -4.02
CA CYS A 54 8.45 -5.61 -2.68
C CYS A 54 9.86 -5.84 -2.09
N GLY A 55 10.87 -6.17 -2.91
CA GLY A 55 12.21 -6.56 -2.44
C GLY A 55 12.86 -5.54 -1.48
N GLY A 56 13.04 -5.94 -0.22
CA GLY A 56 13.60 -5.10 0.85
C GLY A 56 12.67 -4.01 1.40
N ASP A 57 11.38 -4.00 1.03
CA ASP A 57 10.42 -2.96 1.41
C ASP A 57 9.72 -3.22 2.76
N LEU A 58 9.20 -2.16 3.37
CA LEU A 58 8.32 -2.21 4.54
C LEU A 58 7.09 -3.11 4.34
N LEU A 59 6.51 -3.13 3.14
CA LEU A 59 5.41 -4.04 2.78
C LEU A 59 5.83 -5.51 2.91
N GLY A 60 7.05 -5.82 2.44
CA GLY A 60 7.64 -7.16 2.57
C GLY A 60 8.03 -7.50 4.00
N GLU A 61 8.48 -6.55 4.83
CA GLU A 61 8.77 -6.84 6.24
C GLU A 61 7.47 -7.06 7.05
N LEU A 62 6.36 -6.43 6.65
CA LEU A 62 5.03 -6.63 7.23
C LEU A 62 4.43 -8.01 6.86
N LEU A 63 4.37 -8.36 5.57
CA LEU A 63 3.62 -9.54 5.09
C LEU A 63 4.52 -10.76 4.76
N GLY A 64 5.84 -10.60 4.74
CA GLY A 64 6.79 -11.59 4.22
C GLY A 64 6.88 -11.59 2.69
N ARG A 65 5.75 -11.29 2.01
CA ARG A 65 5.63 -11.12 0.55
C ARG A 65 4.51 -10.14 0.17
N GLN A 66 4.84 -9.10 -0.58
CA GLN A 66 3.91 -8.07 -1.08
C GLN A 66 4.21 -7.73 -2.56
N SER A 67 4.65 -8.73 -3.33
CA SER A 67 4.77 -8.61 -4.79
C SER A 67 3.50 -9.15 -5.44
N PHE A 68 2.94 -8.39 -6.38
CA PHE A 68 1.61 -8.63 -6.96
C PHE A 68 1.39 -7.90 -8.28
N SER A 69 0.26 -8.20 -8.93
CA SER A 69 -0.18 -7.57 -10.16
C SER A 69 -1.49 -6.80 -10.01
N VAL A 70 -1.50 -5.60 -10.60
CA VAL A 70 -2.62 -4.66 -10.47
C VAL A 70 -3.83 -5.01 -11.36
N LYS A 71 -3.63 -5.85 -12.38
CA LYS A 71 -4.67 -6.38 -13.28
C LYS A 71 -5.60 -7.42 -12.65
N ASP A 72 -5.29 -7.88 -11.44
CA ASP A 72 -6.00 -8.92 -10.68
C ASP A 72 -6.50 -8.34 -9.33
N PRO A 73 -7.66 -7.66 -9.31
CA PRO A 73 -8.13 -6.89 -8.15
C PRO A 73 -8.52 -7.74 -6.92
N SER A 74 -8.90 -9.00 -7.08
CA SER A 74 -9.33 -9.86 -5.96
C SER A 74 -8.22 -10.13 -4.92
N PRO A 75 -7.03 -10.65 -5.30
CA PRO A 75 -5.93 -10.81 -4.34
C PRO A 75 -5.40 -9.47 -3.82
N LEU A 76 -5.47 -8.39 -4.60
CA LEU A 76 -5.10 -7.05 -4.18
C LEU A 76 -6.02 -6.55 -3.04
N TYR A 77 -7.34 -6.71 -3.18
CA TYR A 77 -8.29 -6.41 -2.12
C TYR A 77 -8.04 -7.26 -0.86
N ASP A 78 -7.66 -8.54 -1.00
CA ASP A 78 -7.33 -9.42 0.12
C ASP A 78 -6.09 -8.97 0.90
N MET A 79 -5.01 -8.63 0.19
CA MET A 79 -3.79 -8.02 0.76
C MET A 79 -4.10 -6.72 1.53
N LEU A 80 -4.93 -5.84 0.94
CA LEU A 80 -5.38 -4.59 1.57
C LEU A 80 -6.19 -4.88 2.84
N ARG A 81 -7.15 -5.82 2.78
CA ARG A 81 -7.88 -6.35 3.95
C ARG A 81 -6.97 -6.95 5.04
N LYS A 82 -5.75 -7.35 4.68
CA LYS A 82 -4.70 -7.86 5.58
C LYS A 82 -3.63 -6.82 6.00
N ASN A 83 -3.65 -5.59 5.47
CA ASN A 83 -2.72 -4.53 5.90
C ASN A 83 -3.41 -3.30 6.56
N LEU A 84 -4.66 -3.02 6.21
CA LEU A 84 -5.51 -1.97 6.78
C LEU A 84 -6.35 -2.49 7.97
N VAL A 85 -5.87 -2.21 9.19
CA VAL A 85 -6.52 -2.38 10.53
C VAL A 85 -6.99 -3.76 11.00
N THR A 86 -6.78 -4.79 10.18
CA THR A 86 -7.23 -6.17 10.45
C THR A 86 -6.55 -7.21 9.54
N LEU A 87 -6.91 -8.48 9.73
CA LEU A 87 -6.51 -9.63 8.92
C LEU A 87 -7.74 -10.31 8.28
N ALA A 88 -8.30 -9.61 7.29
CA ALA A 88 -9.50 -10.00 6.53
C ALA A 88 -10.76 -10.28 7.39
N THR A 89 -11.84 -10.75 6.74
CA THR A 89 -13.13 -11.06 7.39
C THR A 89 -13.13 -12.41 8.13
N GLN A 1 -15.93 15.99 8.56
CA GLN A 1 -15.41 14.88 9.35
C GLN A 1 -15.56 13.52 8.65
N ILE A 2 -14.73 12.54 9.03
CA ILE A 2 -14.68 11.18 8.49
C ILE A 2 -14.67 10.15 9.64
N ASN A 3 -15.21 8.95 9.40
CA ASN A 3 -15.27 7.82 10.34
C ASN A 3 -14.17 6.75 10.09
N GLN A 4 -12.99 7.16 9.62
CA GLN A 4 -11.88 6.28 9.25
C GLN A 4 -11.06 5.79 10.46
N VAL A 5 -10.17 4.83 10.20
CA VAL A 5 -9.30 4.16 11.19
C VAL A 5 -7.82 4.18 10.76
N ARG A 6 -6.91 3.75 11.64
CA ARG A 6 -5.46 3.70 11.38
C ARG A 6 -5.05 2.36 10.71
N PRO A 7 -4.23 2.38 9.64
CA PRO A 7 -3.67 1.17 9.02
C PRO A 7 -2.57 0.53 9.88
N LYS A 8 -2.05 -0.64 9.44
CA LYS A 8 -0.97 -1.34 10.13
C LYS A 8 0.30 -0.47 10.17
N LEU A 9 1.10 -0.59 11.22
CA LEU A 9 2.23 0.32 11.48
C LEU A 9 3.29 0.35 10.37
N PRO A 10 3.69 -0.77 9.73
CA PRO A 10 4.58 -0.72 8.57
C PRO A 10 4.01 0.06 7.37
N LEU A 11 2.68 0.01 7.16
CA LEU A 11 2.01 0.79 6.10
C LEU A 11 2.04 2.28 6.46
N LEU A 12 1.81 2.64 7.73
CA LEU A 12 1.96 4.02 8.25
C LEU A 12 3.42 4.52 8.16
N LYS A 13 4.42 3.66 8.37
CA LYS A 13 5.84 3.98 8.12
C LYS A 13 6.12 4.29 6.64
N ILE A 14 5.49 3.57 5.71
CA ILE A 14 5.58 3.86 4.27
C ILE A 14 4.90 5.19 3.92
N LEU A 15 3.77 5.53 4.54
CA LEU A 15 3.14 6.85 4.43
C LEU A 15 4.05 7.98 4.96
N HIS A 16 4.76 7.77 6.08
CA HIS A 16 5.81 8.70 6.54
C HIS A 16 6.97 8.81 5.54
N ALA A 17 7.44 7.69 4.97
CA ALA A 17 8.51 7.68 3.96
C ALA A 17 8.13 8.40 2.66
N ALA A 18 6.83 8.48 2.34
CA ALA A 18 6.30 9.26 1.22
C ALA A 18 6.35 10.80 1.45
N GLY A 19 6.70 11.24 2.68
CA GLY A 19 6.70 12.65 3.09
C GLY A 19 5.38 13.14 3.68
N ALA A 20 4.41 12.25 3.89
CA ALA A 20 3.12 12.54 4.54
C ALA A 20 3.19 12.40 6.07
N GLN A 21 2.09 12.69 6.76
CA GLN A 21 1.89 12.46 8.20
C GLN A 21 0.47 11.95 8.47
N GLY A 22 0.30 11.13 9.51
CA GLY A 22 -1.03 10.75 9.97
C GLY A 22 -1.10 9.73 11.11
N GLU A 23 -2.26 9.70 11.76
CA GLU A 23 -2.66 8.70 12.77
C GLU A 23 -4.01 8.00 12.43
N MET A 24 -4.54 8.25 11.22
CA MET A 24 -5.82 7.76 10.65
C MET A 24 -5.87 8.13 9.16
N PHE A 25 -6.29 7.20 8.28
CA PHE A 25 -6.31 7.43 6.82
C PHE A 25 -7.44 6.67 6.08
N THR A 26 -8.02 7.28 5.04
CA THR A 26 -8.94 6.59 4.08
C THR A 26 -8.15 5.93 2.94
N VAL A 27 -8.79 5.09 2.11
CA VAL A 27 -8.17 4.59 0.84
C VAL A 27 -7.73 5.77 -0.03
N LYS A 28 -8.59 6.79 -0.21
CA LYS A 28 -8.28 7.98 -1.03
C LYS A 28 -7.02 8.71 -0.58
N GLU A 29 -6.75 8.77 0.74
CA GLU A 29 -5.51 9.31 1.29
C GLU A 29 -4.33 8.34 1.16
N VAL A 30 -4.51 7.05 1.50
CA VAL A 30 -3.41 6.07 1.47
C VAL A 30 -2.89 5.85 0.06
N MET A 31 -3.75 5.61 -0.94
CA MET A 31 -3.29 5.23 -2.29
C MET A 31 -2.64 6.39 -3.03
N HIS A 32 -3.04 7.60 -2.67
CA HIS A 32 -2.39 8.84 -3.12
C HIS A 32 -0.91 8.88 -2.70
N TYR A 33 -0.64 8.70 -1.40
CA TYR A 33 0.73 8.68 -0.86
C TYR A 33 1.51 7.39 -1.19
N LEU A 34 0.85 6.22 -1.28
CA LEU A 34 1.48 4.97 -1.71
C LEU A 34 1.88 5.01 -3.18
N GLY A 35 1.03 5.55 -4.07
CA GLY A 35 1.36 5.76 -5.48
C GLY A 35 2.55 6.72 -5.64
N GLN A 36 2.52 7.85 -4.94
CA GLN A 36 3.65 8.79 -4.84
C GLN A 36 4.94 8.13 -4.35
N TYR A 37 4.86 7.35 -3.27
CA TYR A 37 5.98 6.61 -2.70
C TYR A 37 6.54 5.61 -3.72
N ILE A 38 5.67 4.81 -4.36
CA ILE A 38 6.03 3.82 -5.40
C ILE A 38 6.68 4.51 -6.61
N MET A 39 6.24 5.71 -7.01
CA MET A 39 6.92 6.51 -8.04
C MET A 39 8.31 7.01 -7.60
N VAL A 40 8.49 7.40 -6.33
CA VAL A 40 9.77 7.93 -5.80
C VAL A 40 10.79 6.83 -5.51
N LYS A 41 10.30 5.66 -5.11
CA LYS A 41 11.10 4.45 -4.83
C LYS A 41 11.26 3.55 -6.06
N GLN A 42 10.44 3.75 -7.09
CA GLN A 42 10.33 2.92 -8.30
C GLN A 42 10.13 1.42 -7.98
N LEU A 43 8.99 1.09 -7.36
CA LEU A 43 8.58 -0.30 -7.06
C LEU A 43 7.69 -0.90 -8.16
N TYR A 44 7.74 -0.31 -9.36
CA TYR A 44 6.96 -0.66 -10.54
C TYR A 44 7.87 -0.95 -11.73
N ASP A 45 7.39 -1.70 -12.74
CA ASP A 45 8.13 -1.89 -13.99
C ASP A 45 7.84 -0.76 -14.99
N GLN A 46 8.88 -0.12 -15.53
CA GLN A 46 8.74 0.85 -16.63
C GLN A 46 8.13 0.26 -17.92
N GLN A 47 8.20 -1.07 -18.09
CA GLN A 47 7.72 -1.77 -19.28
C GLN A 47 6.20 -1.99 -19.21
N GLU A 48 5.70 -2.27 -18.01
CA GLU A 48 4.33 -2.65 -17.67
C GLU A 48 3.97 -2.13 -16.27
N GLN A 49 3.53 -0.87 -16.18
CA GLN A 49 3.29 -0.15 -14.92
C GLN A 49 2.20 -0.79 -14.02
N HIS A 50 1.37 -1.69 -14.57
CA HIS A 50 0.41 -2.47 -13.80
C HIS A 50 1.07 -3.46 -12.83
N MET A 51 2.31 -3.89 -13.07
CA MET A 51 3.12 -4.75 -12.19
C MET A 51 3.78 -3.93 -11.08
N VAL A 52 3.61 -4.36 -9.83
CA VAL A 52 4.16 -3.73 -8.62
C VAL A 52 4.95 -4.78 -7.83
N TYR A 53 6.27 -4.61 -7.76
CA TYR A 53 7.21 -5.59 -7.22
C TYR A 53 7.55 -5.32 -5.74
N CYS A 54 6.52 -5.18 -4.90
CA CYS A 54 6.71 -4.94 -3.47
C CYS A 54 7.28 -6.15 -2.69
N GLY A 55 7.46 -7.32 -3.31
CA GLY A 55 8.20 -8.45 -2.73
C GLY A 55 9.66 -8.11 -2.37
N GLY A 56 10.25 -7.11 -3.04
CA GLY A 56 11.57 -6.53 -2.72
C GLY A 56 11.54 -5.37 -1.71
N ASP A 57 10.37 -5.01 -1.18
CA ASP A 57 10.16 -3.89 -0.24
C ASP A 57 9.85 -4.37 1.20
N LEU A 58 9.78 -3.44 2.16
CA LEU A 58 9.28 -3.63 3.52
C LEU A 58 7.97 -4.41 3.56
N LEU A 59 7.05 -4.06 2.65
CA LEU A 59 5.79 -4.78 2.44
C LEU A 59 6.00 -6.28 2.17
N GLY A 60 6.99 -6.57 1.34
CA GLY A 60 7.41 -7.92 0.94
C GLY A 60 8.18 -8.69 2.01
N GLU A 61 8.96 -8.03 2.87
CA GLU A 61 9.56 -8.68 4.07
C GLU A 61 8.47 -9.05 5.07
N LEU A 62 7.54 -8.12 5.25
CA LEU A 62 6.39 -8.23 6.15
C LEU A 62 5.49 -9.44 5.78
N LEU A 63 5.08 -9.57 4.50
CA LEU A 63 4.19 -10.68 4.09
C LEU A 63 4.91 -11.89 3.48
N GLY A 64 6.18 -11.79 3.11
CA GLY A 64 6.99 -12.85 2.49
C GLY A 64 6.81 -13.04 0.97
N ARG A 65 5.71 -12.53 0.39
CA ARG A 65 5.36 -12.69 -1.05
C ARG A 65 4.65 -11.50 -1.70
N GLN A 66 4.72 -10.31 -1.10
CA GLN A 66 3.90 -9.14 -1.43
C GLN A 66 4.13 -8.45 -2.80
N SER A 67 4.34 -9.19 -3.90
CA SER A 67 4.33 -8.64 -5.26
C SER A 67 2.95 -8.89 -5.89
N PHE A 68 2.48 -7.94 -6.70
CA PHE A 68 1.10 -7.91 -7.19
C PHE A 68 0.92 -7.06 -8.45
N SER A 69 -0.20 -7.28 -9.13
CA SER A 69 -0.59 -6.54 -10.33
C SER A 69 -1.98 -5.94 -10.16
N VAL A 70 -2.14 -4.68 -10.59
CA VAL A 70 -3.37 -3.88 -10.31
C VAL A 70 -4.58 -4.23 -11.20
N LYS A 71 -4.37 -5.03 -12.27
CA LYS A 71 -5.43 -5.49 -13.20
C LYS A 71 -6.28 -6.65 -12.62
N ASP A 72 -5.79 -7.27 -11.54
CA ASP A 72 -6.38 -8.38 -10.81
C ASP A 72 -6.62 -7.94 -9.34
N PRO A 73 -7.73 -7.21 -9.07
CA PRO A 73 -7.96 -6.56 -7.78
C PRO A 73 -8.31 -7.51 -6.62
N SER A 74 -8.89 -8.69 -6.87
CA SER A 74 -9.26 -9.65 -5.80
C SER A 74 -8.09 -10.09 -4.91
N PRO A 75 -6.94 -10.55 -5.44
CA PRO A 75 -5.78 -10.88 -4.61
C PRO A 75 -5.13 -9.64 -3.96
N LEU A 76 -5.24 -8.44 -4.57
CA LEU A 76 -4.78 -7.18 -3.99
C LEU A 76 -5.64 -6.79 -2.77
N TYR A 77 -6.97 -6.95 -2.87
CA TYR A 77 -7.88 -6.77 -1.74
C TYR A 77 -7.60 -7.74 -0.59
N ASP A 78 -7.16 -8.98 -0.84
CA ASP A 78 -6.81 -9.93 0.24
C ASP A 78 -5.63 -9.43 1.09
N MET A 79 -4.56 -8.96 0.43
CA MET A 79 -3.41 -8.31 1.07
C MET A 79 -3.84 -7.07 1.87
N LEU A 80 -4.65 -6.20 1.25
CA LEU A 80 -5.13 -4.96 1.88
C LEU A 80 -6.06 -5.24 3.06
N ARG A 81 -6.96 -6.23 3.01
CA ARG A 81 -7.76 -6.66 4.18
C ARG A 81 -6.91 -7.07 5.38
N LYS A 82 -5.66 -7.46 5.15
CA LYS A 82 -4.66 -7.82 6.17
C LYS A 82 -3.73 -6.65 6.57
N ASN A 83 -3.70 -5.53 5.82
CA ASN A 83 -2.73 -4.43 6.09
C ASN A 83 -3.31 -2.99 6.13
N LEU A 84 -4.49 -2.73 5.58
CA LEU A 84 -5.09 -1.41 5.34
C LEU A 84 -6.57 -1.27 5.77
N VAL A 85 -6.84 -0.28 6.64
CA VAL A 85 -8.16 0.27 7.06
C VAL A 85 -9.27 -0.70 7.52
N THR A 86 -8.91 -1.96 7.77
CA THR A 86 -9.79 -3.02 8.30
C THR A 86 -8.98 -4.23 8.79
N LEU A 87 -9.66 -5.25 9.32
CA LEU A 87 -9.08 -6.51 9.78
C LEU A 87 -9.45 -7.75 8.95
N ALA A 88 -10.54 -7.63 8.22
CA ALA A 88 -11.15 -8.62 7.32
C ALA A 88 -12.36 -8.05 6.54
N THR A 89 -12.75 -8.73 5.45
CA THR A 89 -14.00 -8.53 4.68
C THR A 89 -14.48 -7.07 4.57
N GLN A 1 -12.72 15.27 8.40
CA GLN A 1 -12.31 13.88 8.27
C GLN A 1 -13.51 12.91 8.08
N ILE A 2 -13.21 11.65 7.78
CA ILE A 2 -14.17 10.61 7.35
C ILE A 2 -14.42 9.57 8.48
N ASN A 3 -14.08 9.91 9.73
CA ASN A 3 -14.11 9.02 10.92
C ASN A 3 -13.39 7.68 10.67
N GLN A 4 -12.26 7.74 9.95
CA GLN A 4 -11.51 6.59 9.45
C GLN A 4 -10.58 5.96 10.52
N VAL A 5 -9.96 4.82 10.16
CA VAL A 5 -9.20 3.93 11.06
C VAL A 5 -7.71 3.82 10.67
N ARG A 6 -6.89 3.25 11.55
CA ARG A 6 -5.42 3.18 11.40
C ARG A 6 -4.97 1.88 10.68
N PRO A 7 -4.10 1.95 9.64
CA PRO A 7 -3.46 0.78 9.03
C PRO A 7 -2.40 0.14 9.93
N LYS A 8 -1.82 -0.97 9.48
CA LYS A 8 -0.68 -1.63 10.13
C LYS A 8 0.50 -0.66 10.23
N LEU A 9 1.25 -0.73 11.32
CA LEU A 9 2.27 0.29 11.66
C LEU A 9 3.42 0.41 10.64
N PRO A 10 3.95 -0.69 10.04
CA PRO A 10 4.90 -0.58 8.94
C PRO A 10 4.30 0.08 7.69
N LEU A 11 3.01 -0.09 7.41
CA LEU A 11 2.35 0.56 6.26
C LEU A 11 2.22 2.06 6.49
N LEU A 12 1.80 2.49 7.69
CA LEU A 12 1.85 3.90 8.13
C LEU A 12 3.25 4.50 7.94
N LYS A 13 4.30 3.71 8.23
CA LYS A 13 5.70 4.13 8.04
C LYS A 13 6.08 4.35 6.56
N ILE A 14 5.44 3.67 5.60
CA ILE A 14 5.60 3.95 4.16
C ILE A 14 4.99 5.31 3.80
N LEU A 15 3.82 5.66 4.36
CA LEU A 15 3.25 7.00 4.17
C LEU A 15 4.14 8.09 4.80
N HIS A 16 4.75 7.80 5.95
CA HIS A 16 5.75 8.71 6.56
C HIS A 16 7.00 8.85 5.68
N ALA A 17 7.48 7.76 5.06
CA ALA A 17 8.59 7.80 4.08
C ALA A 17 8.25 8.60 2.82
N ALA A 18 6.97 8.65 2.43
CA ALA A 18 6.46 9.51 1.37
C ALA A 18 6.38 11.01 1.76
N GLY A 19 6.74 11.35 3.01
CA GLY A 19 6.72 12.71 3.57
C GLY A 19 5.41 13.12 4.26
N ALA A 20 4.46 12.19 4.45
CA ALA A 20 3.15 12.46 5.01
C ALA A 20 3.01 11.93 6.45
N GLN A 21 2.96 12.83 7.44
CA GLN A 21 2.62 12.50 8.83
C GLN A 21 1.13 12.11 8.93
N GLY A 22 0.83 11.11 9.77
CA GLY A 22 -0.53 10.62 9.97
C GLY A 22 -0.62 9.34 10.82
N GLU A 23 -1.85 9.03 11.22
CA GLU A 23 -2.20 7.86 12.03
C GLU A 23 -3.34 7.06 11.38
N MET A 24 -4.49 7.69 11.14
CA MET A 24 -5.71 7.08 10.58
C MET A 24 -5.94 7.50 9.12
N PHE A 25 -6.08 6.53 8.21
CA PHE A 25 -6.18 6.75 6.75
C PHE A 25 -7.24 5.87 6.06
N THR A 26 -7.90 6.39 5.02
CA THR A 26 -8.80 5.64 4.10
C THR A 26 -8.01 5.05 2.91
N VAL A 27 -8.65 4.25 2.03
CA VAL A 27 -8.01 3.85 0.73
C VAL A 27 -7.63 5.10 -0.05
N LYS A 28 -8.51 6.10 -0.17
CA LYS A 28 -8.27 7.35 -0.92
C LYS A 28 -7.05 8.10 -0.40
N GLU A 29 -6.87 8.16 0.92
CA GLU A 29 -5.69 8.78 1.56
C GLU A 29 -4.43 7.91 1.45
N VAL A 30 -4.56 6.58 1.54
CA VAL A 30 -3.42 5.65 1.38
C VAL A 30 -2.90 5.67 -0.04
N MET A 31 -3.70 5.37 -1.07
CA MET A 31 -3.20 5.24 -2.46
C MET A 31 -2.57 6.52 -2.98
N HIS A 32 -3.07 7.64 -2.49
CA HIS A 32 -2.50 8.97 -2.78
C HIS A 32 -1.00 9.02 -2.42
N TYR A 33 -0.64 8.78 -1.15
CA TYR A 33 0.75 8.71 -0.69
C TYR A 33 1.51 7.42 -1.09
N LEU A 34 0.84 6.27 -1.19
CA LEU A 34 1.48 4.98 -1.52
C LEU A 34 1.85 4.88 -3.00
N GLY A 35 0.99 5.35 -3.90
CA GLY A 35 1.30 5.48 -5.33
C GLY A 35 2.44 6.47 -5.57
N GLN A 36 2.45 7.59 -4.85
CA GLN A 36 3.56 8.55 -4.82
C GLN A 36 4.86 7.92 -4.32
N TYR A 37 4.82 7.14 -3.23
CA TYR A 37 5.96 6.42 -2.67
C TYR A 37 6.53 5.43 -3.71
N ILE A 38 5.66 4.59 -4.27
CA ILE A 38 6.02 3.60 -5.28
C ILE A 38 6.58 4.28 -6.54
N MET A 39 6.05 5.43 -6.95
CA MET A 39 6.58 6.19 -8.09
C MET A 39 7.96 6.79 -7.82
N VAL A 40 8.22 7.35 -6.62
CA VAL A 40 9.49 8.00 -6.29
C VAL A 40 10.62 7.01 -5.95
N LYS A 41 10.25 5.86 -5.38
CA LYS A 41 11.17 4.75 -5.03
C LYS A 41 11.24 3.64 -6.09
N GLN A 42 10.32 3.63 -7.07
CA GLN A 42 10.16 2.62 -8.12
C GLN A 42 10.09 1.16 -7.60
N LEU A 43 8.92 0.76 -7.07
CA LEU A 43 8.65 -0.61 -6.57
C LEU A 43 7.99 -1.53 -7.64
N TYR A 44 7.80 -0.98 -8.84
CA TYR A 44 7.30 -1.64 -10.04
C TYR A 44 8.45 -1.96 -11.01
N ASP A 45 8.22 -2.85 -11.97
CA ASP A 45 9.16 -3.05 -13.09
C ASP A 45 8.74 -2.17 -14.26
N GLN A 46 9.66 -1.42 -14.89
CA GLN A 46 9.32 -0.50 -15.98
C GLN A 46 8.62 -1.19 -17.16
N GLN A 47 8.91 -2.47 -17.39
CA GLN A 47 8.43 -3.25 -18.53
C GLN A 47 6.97 -3.70 -18.34
N GLU A 48 6.57 -3.82 -17.07
CA GLU A 48 5.33 -4.43 -16.58
C GLU A 48 4.82 -3.66 -15.35
N GLN A 49 4.46 -2.38 -15.54
CA GLN A 49 3.93 -1.51 -14.47
C GLN A 49 2.62 -2.04 -13.85
N HIS A 50 1.91 -2.92 -14.57
CA HIS A 50 0.77 -3.70 -14.06
C HIS A 50 1.14 -4.73 -12.97
N MET A 51 2.44 -4.93 -12.68
CA MET A 51 2.97 -5.78 -11.62
C MET A 51 3.93 -5.01 -10.69
N VAL A 52 3.87 -5.34 -9.40
CA VAL A 52 4.59 -4.67 -8.30
C VAL A 52 5.31 -5.75 -7.47
N TYR A 53 6.53 -5.45 -7.01
CA TYR A 53 7.43 -6.42 -6.36
C TYR A 53 7.84 -5.95 -4.96
N CYS A 54 6.89 -5.99 -4.00
CA CYS A 54 7.11 -5.43 -2.65
C CYS A 54 7.74 -6.42 -1.66
N GLY A 55 8.19 -7.60 -2.10
CA GLY A 55 8.84 -8.61 -1.23
C GLY A 55 10.10 -8.13 -0.51
N GLY A 56 10.82 -7.16 -1.10
CA GLY A 56 11.98 -6.47 -0.50
C GLY A 56 11.63 -5.22 0.34
N ASP A 57 10.35 -4.90 0.50
CA ASP A 57 9.84 -3.70 1.19
C ASP A 57 9.18 -4.03 2.55
N LEU A 58 8.81 -2.99 3.31
CA LEU A 58 8.00 -3.09 4.53
C LEU A 58 6.67 -3.84 4.31
N LEU A 59 6.05 -3.76 3.12
CA LEU A 59 4.89 -4.60 2.77
C LEU A 59 5.26 -6.10 2.78
N GLY A 60 6.39 -6.46 2.16
CA GLY A 60 6.93 -7.80 2.20
C GLY A 60 7.36 -8.24 3.61
N GLU A 61 7.93 -7.35 4.44
CA GLU A 61 8.34 -7.73 5.80
C GLU A 61 7.13 -7.91 6.75
N LEU A 62 6.02 -7.19 6.54
CA LEU A 62 4.80 -7.36 7.33
C LEU A 62 3.94 -8.57 6.89
N LEU A 63 3.90 -8.88 5.58
CA LEU A 63 3.07 -9.99 5.03
C LEU A 63 3.90 -11.28 4.72
N GLY A 64 5.22 -11.22 4.81
CA GLY A 64 6.16 -12.27 4.36
C GLY A 64 6.44 -12.21 2.84
N ARG A 65 5.48 -11.68 2.06
CA ARG A 65 5.51 -11.47 0.60
C ARG A 65 4.42 -10.47 0.17
N GLN A 66 4.73 -9.53 -0.73
CA GLN A 66 3.72 -8.66 -1.38
C GLN A 66 4.12 -8.38 -2.83
N SER A 67 4.32 -9.43 -3.63
CA SER A 67 4.46 -9.30 -5.09
C SER A 67 3.14 -9.73 -5.74
N PHE A 68 2.62 -8.88 -6.61
CA PHE A 68 1.26 -8.97 -7.17
C PHE A 68 1.06 -8.14 -8.43
N SER A 69 -0.11 -8.28 -9.04
CA SER A 69 -0.53 -7.45 -10.17
C SER A 69 -1.82 -6.68 -9.88
N VAL A 70 -1.91 -5.47 -10.45
CA VAL A 70 -3.16 -4.69 -10.46
C VAL A 70 -4.16 -5.19 -11.52
N LYS A 71 -3.69 -6.04 -12.44
CA LYS A 71 -4.49 -6.80 -13.42
C LYS A 71 -5.41 -7.83 -12.74
N ASP A 72 -5.01 -8.34 -11.57
CA ASP A 72 -5.75 -9.28 -10.73
C ASP A 72 -6.06 -8.63 -9.36
N PRO A 73 -7.07 -7.74 -9.28
CA PRO A 73 -7.34 -6.90 -8.11
C PRO A 73 -7.85 -7.65 -6.87
N SER A 74 -8.49 -8.83 -7.02
CA SER A 74 -9.05 -9.58 -5.89
C SER A 74 -8.00 -10.01 -4.83
N PRO A 75 -6.89 -10.70 -5.19
CA PRO A 75 -5.85 -11.04 -4.23
C PRO A 75 -5.14 -9.80 -3.65
N LEU A 76 -4.99 -8.71 -4.41
CA LEU A 76 -4.47 -7.43 -3.92
C LEU A 76 -5.40 -6.81 -2.87
N TYR A 77 -6.72 -6.83 -3.11
CA TYR A 77 -7.72 -6.37 -2.14
C TYR A 77 -7.73 -7.23 -0.86
N ASP A 78 -7.54 -8.55 -0.97
CA ASP A 78 -7.40 -9.46 0.19
C ASP A 78 -6.18 -9.13 1.06
N MET A 79 -5.02 -8.94 0.43
CA MET A 79 -3.80 -8.46 1.12
C MET A 79 -4.02 -7.08 1.77
N LEU A 80 -4.61 -6.13 1.05
CA LEU A 80 -4.95 -4.80 1.54
C LEU A 80 -5.87 -4.86 2.76
N ARG A 81 -6.94 -5.65 2.74
CA ARG A 81 -7.81 -5.89 3.92
C ARG A 81 -7.04 -6.40 5.15
N LYS A 82 -5.89 -7.03 4.94
CA LYS A 82 -4.96 -7.53 5.99
C LYS A 82 -3.87 -6.53 6.39
N ASN A 83 -3.59 -5.46 5.62
CA ASN A 83 -2.56 -4.45 5.96
C ASN A 83 -3.11 -3.02 6.22
N LEU A 84 -4.28 -2.71 5.69
CA LEU A 84 -5.11 -1.53 5.94
C LEU A 84 -6.37 -2.05 6.64
N VAL A 85 -6.37 -1.98 7.98
CA VAL A 85 -7.39 -2.62 8.84
C VAL A 85 -8.77 -2.02 8.55
N THR A 86 -9.76 -2.89 8.32
CA THR A 86 -11.16 -2.52 8.03
C THR A 86 -12.12 -3.66 8.41
N LEU A 87 -13.34 -3.58 7.90
CA LEU A 87 -14.37 -4.62 7.87
C LEU A 87 -13.89 -5.80 6.97
N ALA A 88 -14.79 -6.65 6.50
CA ALA A 88 -14.51 -7.66 5.47
C ALA A 88 -13.48 -8.75 5.84
N THR A 89 -13.18 -8.93 7.12
CA THR A 89 -12.31 -9.99 7.67
C THR A 89 -12.47 -10.15 9.18
N GLN A 1 -13.46 16.27 9.10
CA GLN A 1 -12.75 15.05 9.46
C GLN A 1 -13.43 13.79 8.88
N ILE A 2 -12.64 12.77 8.53
CA ILE A 2 -13.08 11.46 8.08
C ILE A 2 -13.43 10.52 9.24
N ASN A 3 -14.17 9.44 8.96
CA ASN A 3 -14.63 8.45 9.94
C ASN A 3 -13.80 7.14 9.92
N GLN A 4 -12.75 7.06 9.09
CA GLN A 4 -11.96 5.87 8.84
C GLN A 4 -10.89 5.60 9.92
N VAL A 5 -10.30 4.41 9.87
CA VAL A 5 -9.32 3.82 10.81
C VAL A 5 -7.89 3.84 10.25
N ARG A 6 -6.87 3.47 11.05
CA ARG A 6 -5.46 3.50 10.62
C ARG A 6 -5.07 2.20 9.91
N PRO A 7 -4.13 2.26 8.95
CA PRO A 7 -3.51 1.07 8.35
C PRO A 7 -2.54 0.39 9.32
N LYS A 8 -2.01 -0.77 8.90
CA LYS A 8 -1.02 -1.54 9.65
C LYS A 8 0.28 -0.74 9.80
N LEU A 9 1.00 -0.93 10.90
CA LEU A 9 2.12 -0.05 11.29
C LEU A 9 3.22 0.13 10.23
N PRO A 10 3.76 -0.91 9.56
CA PRO A 10 4.74 -0.71 8.47
C PRO A 10 4.17 0.00 7.23
N LEU A 11 2.86 -0.05 6.98
CA LEU A 11 2.21 0.76 5.95
C LEU A 11 2.16 2.24 6.39
N LEU A 12 1.89 2.51 7.68
CA LEU A 12 2.01 3.86 8.26
C LEU A 12 3.46 4.39 8.19
N LYS A 13 4.47 3.51 8.33
CA LYS A 13 5.89 3.84 8.07
C LYS A 13 6.16 4.17 6.60
N ILE A 14 5.55 3.46 5.65
CA ILE A 14 5.61 3.78 4.20
C ILE A 14 4.96 5.15 3.89
N LEU A 15 3.85 5.49 4.54
CA LEU A 15 3.25 6.84 4.50
C LEU A 15 4.21 7.92 5.06
N HIS A 16 4.92 7.64 6.16
CA HIS A 16 5.96 8.53 6.69
C HIS A 16 7.15 8.67 5.71
N ALA A 17 7.60 7.56 5.10
CA ALA A 17 8.68 7.53 4.11
C ALA A 17 8.34 8.31 2.82
N ALA A 18 7.05 8.45 2.50
CA ALA A 18 6.57 9.30 1.40
C ALA A 18 6.71 10.81 1.70
N GLY A 19 7.09 11.19 2.93
CA GLY A 19 7.26 12.57 3.37
C GLY A 19 6.00 13.20 4.00
N ALA A 20 5.00 12.39 4.33
CA ALA A 20 3.72 12.79 4.91
C ALA A 20 3.57 12.39 6.38
N GLN A 21 2.62 13.00 7.10
CA GLN A 21 2.20 12.56 8.43
C GLN A 21 1.23 11.36 8.33
N GLY A 22 0.87 10.76 9.47
CA GLY A 22 -0.08 9.64 9.51
C GLY A 22 -0.82 9.50 10.82
N GLU A 23 -2.08 9.95 10.81
CA GLU A 23 -3.08 9.77 11.85
C GLU A 23 -4.47 9.76 11.16
N MET A 24 -4.84 8.56 10.71
CA MET A 24 -6.08 8.11 10.06
C MET A 24 -6.36 8.67 8.65
N PHE A 25 -6.78 7.79 7.73
CA PHE A 25 -7.17 8.12 6.35
C PHE A 25 -8.02 7.02 5.68
N THR A 26 -8.58 7.34 4.52
CA THR A 26 -9.31 6.42 3.61
C THR A 26 -8.38 5.78 2.57
N VAL A 27 -8.87 4.80 1.79
CA VAL A 27 -8.13 4.21 0.65
C VAL A 27 -7.60 5.30 -0.30
N LYS A 28 -8.40 6.33 -0.61
CA LYS A 28 -8.02 7.44 -1.49
C LYS A 28 -6.84 8.25 -0.94
N GLU A 29 -6.90 8.63 0.33
CA GLU A 29 -5.85 9.44 0.97
C GLU A 29 -4.57 8.64 1.25
N VAL A 30 -4.69 7.33 1.53
CA VAL A 30 -3.52 6.42 1.60
C VAL A 30 -2.85 6.29 0.24
N MET A 31 -3.62 6.08 -0.83
CA MET A 31 -3.15 5.89 -2.20
C MET A 31 -2.54 7.12 -2.84
N HIS A 32 -3.04 8.31 -2.48
CA HIS A 32 -2.41 9.59 -2.85
C HIS A 32 -0.91 9.59 -2.48
N TYR A 33 -0.58 9.23 -1.23
CA TYR A 33 0.80 9.02 -0.78
C TYR A 33 1.46 7.72 -1.28
N LEU A 34 0.75 6.59 -1.41
CA LEU A 34 1.37 5.31 -1.82
C LEU A 34 1.75 5.29 -3.31
N GLY A 35 0.96 5.89 -4.20
CA GLY A 35 1.36 6.09 -5.61
C GLY A 35 2.58 7.01 -5.73
N GLN A 36 2.63 8.08 -4.94
CA GLN A 36 3.78 8.98 -4.81
C GLN A 36 5.02 8.25 -4.25
N TYR A 37 4.86 7.41 -3.24
CA TYR A 37 5.93 6.59 -2.64
C TYR A 37 6.49 5.62 -3.70
N ILE A 38 5.63 4.85 -4.36
CA ILE A 38 6.00 3.89 -5.41
C ILE A 38 6.72 4.61 -6.55
N MET A 39 6.27 5.81 -6.94
CA MET A 39 6.90 6.64 -7.97
C MET A 39 8.30 7.14 -7.56
N VAL A 40 8.50 7.62 -6.32
CA VAL A 40 9.79 8.17 -5.87
C VAL A 40 10.81 7.09 -5.50
N LYS A 41 10.34 5.91 -5.08
CA LYS A 41 11.15 4.70 -4.81
C LYS A 41 11.32 3.80 -6.05
N GLN A 42 10.50 4.00 -7.09
CA GLN A 42 10.38 3.17 -8.29
C GLN A 42 10.16 1.68 -7.94
N LEU A 43 9.09 1.39 -7.19
CA LEU A 43 8.78 0.05 -6.67
C LEU A 43 7.86 -0.76 -7.61
N TYR A 44 7.50 -0.15 -8.74
CA TYR A 44 6.79 -0.77 -9.85
C TYR A 44 7.76 -1.33 -10.90
N ASP A 45 7.33 -2.31 -11.70
CA ASP A 45 8.13 -2.79 -12.83
C ASP A 45 7.97 -1.86 -14.05
N GLN A 46 9.09 -1.32 -14.56
CA GLN A 46 9.11 -0.45 -15.73
C GLN A 46 8.56 -1.10 -17.03
N GLN A 47 8.58 -2.42 -17.12
CA GLN A 47 8.22 -3.15 -18.34
C GLN A 47 6.72 -3.53 -18.37
N GLU A 48 6.11 -3.68 -17.19
CA GLU A 48 4.71 -3.99 -16.94
C GLU A 48 4.25 -3.31 -15.63
N GLN A 49 3.79 -2.06 -15.72
CA GLN A 49 3.51 -1.20 -14.56
C GLN A 49 2.39 -1.69 -13.64
N HIS A 50 1.61 -2.70 -14.07
CA HIS A 50 0.64 -3.37 -13.21
C HIS A 50 1.30 -4.16 -12.06
N MET A 51 2.56 -4.59 -12.22
CA MET A 51 3.34 -5.30 -11.19
C MET A 51 4.05 -4.34 -10.23
N VAL A 52 3.93 -4.60 -8.93
CA VAL A 52 4.52 -3.86 -7.82
C VAL A 52 5.28 -4.82 -6.90
N TYR A 53 6.56 -4.53 -6.66
CA TYR A 53 7.50 -5.43 -6.00
C TYR A 53 7.73 -5.10 -4.51
N CYS A 54 6.66 -4.86 -3.75
CA CYS A 54 6.80 -4.52 -2.32
C CYS A 54 7.39 -5.65 -1.46
N GLY A 55 7.55 -6.88 -2.00
CA GLY A 55 8.30 -7.98 -1.38
C GLY A 55 9.75 -7.61 -1.01
N GLY A 56 10.32 -6.60 -1.67
CA GLY A 56 11.64 -6.03 -1.37
C GLY A 56 11.68 -4.92 -0.29
N ASP A 57 10.55 -4.56 0.34
CA ASP A 57 10.46 -3.44 1.30
C ASP A 57 9.73 -3.81 2.60
N LEU A 58 9.49 -2.82 3.49
CA LEU A 58 8.79 -2.98 4.78
C LEU A 58 7.47 -3.78 4.68
N LEU A 59 6.68 -3.57 3.62
CA LEU A 59 5.43 -4.30 3.40
C LEU A 59 5.68 -5.78 3.07
N GLY A 60 6.81 -6.05 2.41
CA GLY A 60 7.35 -7.37 2.11
C GLY A 60 7.95 -8.10 3.30
N GLU A 61 8.61 -7.41 4.23
CA GLU A 61 9.04 -8.02 5.51
C GLU A 61 7.83 -8.40 6.36
N LEU A 62 6.85 -7.48 6.38
CA LEU A 62 5.58 -7.64 7.09
C LEU A 62 4.79 -8.87 6.61
N LEU A 63 4.56 -9.04 5.30
CA LEU A 63 3.76 -10.16 4.76
C LEU A 63 4.59 -11.38 4.28
N GLY A 64 5.91 -11.26 4.17
CA GLY A 64 6.83 -12.31 3.73
C GLY A 64 6.94 -12.50 2.20
N ARG A 65 5.95 -12.04 1.42
CA ARG A 65 5.85 -12.23 -0.04
C ARG A 65 5.06 -11.14 -0.79
N GLN A 66 5.09 -9.91 -0.28
CA GLN A 66 4.20 -8.81 -0.71
C GLN A 66 4.48 -8.21 -2.11
N SER A 67 4.69 -9.04 -3.13
CA SER A 67 4.73 -8.61 -4.54
C SER A 67 3.44 -9.05 -5.23
N PHE A 68 2.90 -8.17 -6.06
CA PHE A 68 1.54 -8.31 -6.60
C PHE A 68 1.30 -7.54 -7.89
N SER A 69 0.17 -7.86 -8.51
CA SER A 69 -0.34 -7.21 -9.71
C SER A 69 -1.66 -6.49 -9.39
N VAL A 70 -1.83 -5.26 -9.87
CA VAL A 70 -3.06 -4.45 -9.61
C VAL A 70 -4.25 -4.86 -10.47
N LYS A 71 -3.99 -5.56 -11.59
CA LYS A 71 -4.98 -6.05 -12.57
C LYS A 71 -5.81 -7.26 -12.11
N ASP A 72 -5.49 -7.83 -10.96
CA ASP A 72 -6.11 -9.02 -10.37
C ASP A 72 -6.69 -8.66 -8.98
N PRO A 73 -7.95 -8.18 -8.90
CA PRO A 73 -8.54 -7.60 -7.69
C PRO A 73 -8.68 -8.58 -6.50
N SER A 74 -8.89 -9.87 -6.72
CA SER A 74 -9.09 -10.85 -5.63
C SER A 74 -7.88 -10.98 -4.68
N PRO A 75 -6.65 -11.29 -5.15
CA PRO A 75 -5.47 -11.31 -4.28
C PRO A 75 -5.10 -9.91 -3.75
N LEU A 76 -5.43 -8.84 -4.50
CA LEU A 76 -5.20 -7.46 -4.07
C LEU A 76 -6.05 -7.11 -2.84
N TYR A 77 -7.35 -7.47 -2.84
CA TYR A 77 -8.21 -7.31 -1.66
C TYR A 77 -7.76 -8.18 -0.48
N ASP A 78 -7.25 -9.39 -0.71
CA ASP A 78 -6.73 -10.26 0.36
C ASP A 78 -5.57 -9.59 1.13
N MET A 79 -4.60 -9.01 0.40
CA MET A 79 -3.54 -8.19 1.00
C MET A 79 -4.09 -6.95 1.71
N LEU A 80 -4.95 -6.17 1.05
CA LEU A 80 -5.41 -4.87 1.55
C LEU A 80 -6.22 -5.03 2.82
N ARG A 81 -7.18 -5.96 2.89
CA ARG A 81 -7.95 -6.24 4.14
C ARG A 81 -7.06 -6.64 5.33
N LYS A 82 -5.85 -7.16 5.06
CA LYS A 82 -4.82 -7.51 6.06
C LYS A 82 -3.83 -6.38 6.38
N ASN A 83 -3.69 -5.35 5.53
CA ASN A 83 -2.64 -4.32 5.66
C ASN A 83 -3.19 -2.87 5.79
N LEU A 84 -4.38 -2.59 5.25
CA LEU A 84 -5.13 -1.33 5.34
C LEU A 84 -6.52 -1.67 5.91
N VAL A 85 -6.69 -1.52 7.23
CA VAL A 85 -7.88 -2.00 7.97
C VAL A 85 -9.17 -1.36 7.41
N THR A 86 -10.18 -2.19 7.17
CA THR A 86 -11.44 -1.82 6.49
C THR A 86 -12.63 -2.65 7.01
N LEU A 87 -13.80 -2.48 6.39
CA LEU A 87 -15.11 -2.97 6.85
C LEU A 87 -15.52 -4.36 6.32
N ALA A 88 -14.54 -5.20 5.99
CA ALA A 88 -14.73 -6.49 5.33
C ALA A 88 -13.83 -7.61 5.88
N THR A 89 -14.26 -8.86 5.66
CA THR A 89 -13.62 -10.10 6.16
C THR A 89 -12.44 -10.56 5.31
N GLN A 1 -17.07 16.47 7.76
CA GLN A 1 -16.45 15.41 8.55
C GLN A 1 -16.48 14.05 7.84
N ILE A 2 -15.58 13.14 8.25
CA ILE A 2 -15.40 11.77 7.71
C ILE A 2 -15.32 10.75 8.87
N ASN A 3 -15.74 9.51 8.63
CA ASN A 3 -15.61 8.37 9.55
C ASN A 3 -14.53 7.37 9.05
N GLN A 4 -13.34 7.90 8.71
CA GLN A 4 -12.21 7.15 8.14
C GLN A 4 -11.39 6.39 9.21
N VAL A 5 -10.53 5.48 8.74
CA VAL A 5 -9.80 4.49 9.57
C VAL A 5 -8.29 4.43 9.27
N ARG A 6 -7.50 3.94 10.23
CA ARG A 6 -6.02 3.94 10.18
C ARG A 6 -5.44 2.71 9.45
N PRO A 7 -4.34 2.86 8.67
CA PRO A 7 -3.59 1.71 8.16
C PRO A 7 -2.92 0.90 9.28
N LYS A 8 -2.43 -0.31 8.97
CA LYS A 8 -1.61 -1.04 9.92
C LYS A 8 -0.23 -0.37 10.01
N LEU A 9 0.50 -0.58 11.09
CA LEU A 9 1.73 0.18 11.41
C LEU A 9 2.76 0.25 10.28
N PRO A 10 3.14 -0.84 9.59
CA PRO A 10 4.10 -0.76 8.49
C PRO A 10 3.59 0.03 7.28
N LEU A 11 2.27 0.04 7.04
CA LEU A 11 1.68 0.81 5.93
C LEU A 11 1.68 2.31 6.29
N LEU A 12 1.42 2.64 7.56
CA LEU A 12 1.60 4.00 8.08
C LEU A 12 3.07 4.47 7.96
N LYS A 13 4.04 3.55 8.13
CA LYS A 13 5.49 3.86 7.94
C LYS A 13 5.84 4.09 6.46
N ILE A 14 5.22 3.36 5.53
CA ILE A 14 5.33 3.62 4.08
C ILE A 14 4.76 5.01 3.74
N LEU A 15 3.67 5.44 4.36
CA LEU A 15 3.15 6.82 4.24
C LEU A 15 4.12 7.87 4.80
N HIS A 16 4.78 7.62 5.94
CA HIS A 16 5.88 8.49 6.41
C HIS A 16 7.01 8.58 5.37
N ALA A 17 7.46 7.44 4.83
CA ALA A 17 8.50 7.37 3.79
C ALA A 17 8.08 8.05 2.47
N ALA A 18 6.77 8.15 2.19
CA ALA A 18 6.23 8.90 1.06
C ALA A 18 6.44 10.43 1.17
N GLY A 19 6.77 10.92 2.38
CA GLY A 19 6.80 12.34 2.72
C GLY A 19 5.46 12.88 3.27
N ALA A 20 4.52 12.00 3.61
CA ALA A 20 3.22 12.34 4.20
C ALA A 20 3.23 12.18 5.73
N GLN A 21 2.33 12.87 6.42
CA GLN A 21 2.13 12.74 7.87
C GLN A 21 1.28 11.50 8.22
N GLY A 22 1.29 11.08 9.49
CA GLY A 22 0.46 10.00 10.02
C GLY A 22 -0.98 10.37 10.38
N GLU A 23 -1.55 9.57 11.28
CA GLU A 23 -2.86 9.72 11.93
C GLU A 23 -4.09 9.76 11.01
N MET A 24 -4.33 8.60 10.37
CA MET A 24 -5.51 8.12 9.60
C MET A 24 -6.12 8.96 8.45
N PHE A 25 -6.62 8.23 7.43
CA PHE A 25 -7.04 8.77 6.12
C PHE A 25 -8.04 7.84 5.39
N THR A 26 -8.61 8.30 4.28
CA THR A 26 -9.45 7.48 3.37
C THR A 26 -8.59 6.64 2.39
N VAL A 27 -9.16 5.67 1.65
CA VAL A 27 -8.41 4.96 0.58
C VAL A 27 -7.86 5.95 -0.46
N LYS A 28 -8.66 6.95 -0.84
CA LYS A 28 -8.25 7.98 -1.82
C LYS A 28 -7.02 8.77 -1.36
N GLU A 29 -6.85 8.96 -0.06
CA GLU A 29 -5.63 9.52 0.54
C GLU A 29 -4.50 8.47 0.68
N VAL A 30 -4.76 7.32 1.32
CA VAL A 30 -3.75 6.28 1.59
C VAL A 30 -3.08 5.82 0.30
N MET A 31 -3.84 5.43 -0.71
CA MET A 31 -3.29 4.83 -1.92
C MET A 31 -2.57 5.84 -2.80
N HIS A 32 -3.05 7.06 -2.76
CA HIS A 32 -2.38 8.22 -3.39
C HIS A 32 -0.99 8.45 -2.78
N TYR A 33 -0.87 8.49 -1.45
CA TYR A 33 0.43 8.57 -0.78
C TYR A 33 1.31 7.34 -1.03
N LEU A 34 0.74 6.13 -1.05
CA LEU A 34 1.46 4.90 -1.39
C LEU A 34 1.95 4.92 -2.86
N GLY A 35 1.15 5.44 -3.79
CA GLY A 35 1.51 5.68 -5.19
C GLY A 35 2.64 6.70 -5.35
N GLN A 36 2.64 7.76 -4.54
CA GLN A 36 3.74 8.72 -4.42
C GLN A 36 5.02 8.03 -3.91
N TYR A 37 4.94 7.22 -2.85
CA TYR A 37 6.09 6.43 -2.38
C TYR A 37 6.61 5.52 -3.50
N ILE A 38 5.72 4.78 -4.18
CA ILE A 38 6.04 3.90 -5.31
C ILE A 38 6.67 4.66 -6.47
N MET A 39 6.26 5.89 -6.76
CA MET A 39 6.87 6.78 -7.77
C MET A 39 8.28 7.24 -7.36
N VAL A 40 8.54 7.48 -6.07
CA VAL A 40 9.87 7.90 -5.56
C VAL A 40 10.84 6.73 -5.43
N LYS A 41 10.32 5.54 -5.11
CA LYS A 41 11.08 4.28 -4.98
C LYS A 41 11.18 3.50 -6.29
N GLN A 42 10.34 3.84 -7.28
CA GLN A 42 10.11 3.15 -8.56
C GLN A 42 9.86 1.64 -8.38
N LEU A 43 8.74 1.29 -7.72
CA LEU A 43 8.37 -0.11 -7.38
C LEU A 43 7.50 -0.78 -8.46
N TYR A 44 7.16 -0.02 -9.51
CA TYR A 44 6.36 -0.47 -10.65
C TYR A 44 7.24 -1.05 -11.77
N ASP A 45 6.67 -1.90 -12.62
CA ASP A 45 7.34 -2.38 -13.83
C ASP A 45 7.31 -1.31 -14.94
N GLN A 46 8.46 -0.98 -15.52
CA GLN A 46 8.62 0.14 -16.45
C GLN A 46 7.92 -0.03 -17.82
N GLN A 47 7.73 -1.26 -18.30
CA GLN A 47 7.14 -1.52 -19.60
C GLN A 47 5.63 -1.82 -19.50
N GLU A 48 5.20 -2.33 -18.34
CA GLU A 48 3.80 -2.61 -17.99
C GLU A 48 3.48 -2.14 -16.55
N GLN A 49 3.23 -0.84 -16.37
CA GLN A 49 3.05 -0.19 -15.07
C GLN A 49 1.86 -0.72 -14.24
N HIS A 50 0.96 -1.51 -14.83
CA HIS A 50 -0.08 -2.22 -14.08
C HIS A 50 0.49 -3.23 -13.07
N MET A 51 1.70 -3.76 -13.30
CA MET A 51 2.44 -4.62 -12.36
C MET A 51 3.21 -3.77 -11.33
N VAL A 52 3.02 -4.10 -10.05
CA VAL A 52 3.74 -3.52 -8.90
C VAL A 52 4.49 -4.65 -8.20
N TYR A 53 5.82 -4.56 -8.16
CA TYR A 53 6.70 -5.65 -7.73
C TYR A 53 7.21 -5.45 -6.29
N CYS A 54 6.33 -5.50 -5.30
CA CYS A 54 6.69 -5.19 -3.91
C CYS A 54 7.41 -6.33 -3.17
N GLY A 55 7.71 -7.46 -3.82
CA GLY A 55 8.54 -8.53 -3.24
C GLY A 55 9.94 -8.07 -2.80
N GLY A 56 10.48 -7.00 -3.39
CA GLY A 56 11.73 -6.33 -2.99
C GLY A 56 11.56 -5.16 -2.00
N ASP A 57 10.35 -4.95 -1.47
CA ASP A 57 9.98 -3.82 -0.60
C ASP A 57 9.66 -4.26 0.84
N LEU A 58 9.51 -3.29 1.77
CA LEU A 58 8.99 -3.49 3.13
C LEU A 58 7.72 -4.35 3.12
N LEU A 59 6.79 -4.11 2.18
CA LEU A 59 5.59 -4.94 1.96
C LEU A 59 5.93 -6.42 1.74
N GLY A 60 6.94 -6.69 0.93
CA GLY A 60 7.45 -8.02 0.63
C GLY A 60 8.18 -8.68 1.81
N GLU A 61 8.97 -7.95 2.61
CA GLU A 61 9.58 -8.52 3.84
C GLU A 61 8.50 -8.92 4.85
N LEU A 62 7.52 -8.03 4.97
CA LEU A 62 6.38 -8.14 5.88
C LEU A 62 5.50 -9.37 5.57
N LEU A 63 5.06 -9.54 4.32
CA LEU A 63 4.14 -10.62 3.91
C LEU A 63 4.86 -11.85 3.31
N GLY A 64 6.18 -11.76 3.05
CA GLY A 64 6.97 -12.73 2.29
C GLY A 64 6.86 -12.54 0.76
N ARG A 65 5.76 -11.93 0.29
CA ARG A 65 5.48 -11.56 -1.10
C ARG A 65 4.41 -10.45 -1.19
N GLN A 66 4.60 -9.45 -2.05
CA GLN A 66 3.55 -8.47 -2.40
C GLN A 66 3.74 -7.99 -3.86
N SER A 67 3.99 -8.92 -4.78
CA SER A 67 3.97 -8.60 -6.23
C SER A 67 2.64 -9.03 -6.85
N PHE A 68 2.04 -8.10 -7.61
CA PHE A 68 0.66 -8.18 -8.11
C PHE A 68 0.41 -7.17 -9.23
N SER A 69 -0.81 -7.17 -9.77
CA SER A 69 -1.24 -6.19 -10.75
C SER A 69 -2.55 -5.48 -10.40
N VAL A 70 -2.62 -4.20 -10.76
CA VAL A 70 -3.75 -3.31 -10.38
C VAL A 70 -5.04 -3.61 -11.15
N LYS A 71 -4.94 -4.34 -12.27
CA LYS A 71 -6.07 -4.86 -13.05
C LYS A 71 -6.80 -6.06 -12.40
N ASP A 72 -6.24 -6.61 -11.32
CA ASP A 72 -6.76 -7.76 -10.57
C ASP A 72 -7.02 -7.36 -9.10
N PRO A 73 -8.14 -6.69 -8.80
CA PRO A 73 -8.39 -6.08 -7.48
C PRO A 73 -8.61 -7.08 -6.35
N SER A 74 -9.13 -8.29 -6.60
CA SER A 74 -9.41 -9.28 -5.54
C SER A 74 -8.17 -9.65 -4.69
N PRO A 75 -7.03 -10.10 -5.28
CA PRO A 75 -5.81 -10.33 -4.50
C PRO A 75 -5.22 -9.05 -3.91
N LEU A 76 -5.45 -7.89 -4.54
CA LEU A 76 -5.03 -6.57 -4.04
C LEU A 76 -5.69 -6.28 -2.67
N TYR A 77 -7.02 -6.38 -2.63
CA TYR A 77 -7.79 -6.27 -1.39
C TYR A 77 -7.48 -7.39 -0.39
N ASP A 78 -7.13 -8.61 -0.83
CA ASP A 78 -6.71 -9.70 0.06
C ASP A 78 -5.43 -9.37 0.84
N MET A 79 -4.42 -8.80 0.16
CA MET A 79 -3.21 -8.27 0.81
C MET A 79 -3.54 -7.10 1.75
N LEU A 80 -4.29 -6.11 1.27
CA LEU A 80 -4.65 -4.91 2.01
C LEU A 80 -5.49 -5.25 3.26
N ARG A 81 -6.39 -6.23 3.24
CA ARG A 81 -7.10 -6.71 4.43
C ARG A 81 -6.15 -7.16 5.57
N LYS A 82 -4.91 -7.54 5.25
CA LYS A 82 -3.84 -7.86 6.22
C LYS A 82 -2.96 -6.66 6.62
N ASN A 83 -2.99 -5.52 5.91
CA ASN A 83 -2.13 -4.35 6.23
C ASN A 83 -2.85 -2.98 6.27
N LEU A 84 -4.16 -2.95 6.08
CA LEU A 84 -5.05 -1.78 6.04
C LEU A 84 -6.42 -2.18 6.63
N VAL A 85 -7.08 -1.28 7.37
CA VAL A 85 -8.47 -1.51 7.83
C VAL A 85 -9.41 -1.30 6.65
N THR A 86 -9.78 -2.39 5.97
CA THR A 86 -10.61 -2.41 4.75
C THR A 86 -11.31 -3.77 4.56
N LEU A 87 -12.00 -3.94 3.42
CA LEU A 87 -12.80 -5.10 3.03
C LEU A 87 -12.06 -5.95 2.00
N ALA A 88 -12.58 -7.14 1.73
CA ALA A 88 -11.96 -8.14 0.86
C ALA A 88 -12.24 -7.98 -0.65
N THR A 89 -12.93 -6.90 -1.00
CA THR A 89 -13.52 -6.66 -2.32
C THR A 89 -13.41 -5.19 -2.74
N GLN A 1 -15.44 15.13 6.02
CA GLN A 1 -14.59 14.02 6.45
C GLN A 1 -15.28 12.65 6.29
N ILE A 2 -14.48 11.57 6.22
CA ILE A 2 -14.94 10.18 6.07
C ILE A 2 -14.69 9.40 7.37
N ASN A 3 -15.65 8.55 7.78
CA ASN A 3 -15.50 7.66 8.92
C ASN A 3 -14.61 6.45 8.55
N GLN A 4 -13.40 6.38 9.11
CA GLN A 4 -12.40 5.33 8.89
C GLN A 4 -11.47 5.14 10.11
N VAL A 5 -10.64 4.10 10.08
CA VAL A 5 -9.69 3.71 11.14
C VAL A 5 -8.25 3.53 10.59
N ARG A 6 -7.27 3.34 11.47
CA ARG A 6 -5.83 3.38 11.15
C ARG A 6 -5.31 2.05 10.54
N PRO A 7 -4.41 2.12 9.53
CA PRO A 7 -3.76 0.95 8.94
C PRO A 7 -2.74 0.27 9.86
N LYS A 8 -2.20 -0.85 9.38
CA LYS A 8 -1.11 -1.58 10.01
C LYS A 8 0.13 -0.67 10.10
N LEU A 9 0.94 -0.84 11.14
CA LEU A 9 2.01 0.11 11.48
C LEU A 9 3.04 0.36 10.37
N PRO A 10 3.61 -0.64 9.68
CA PRO A 10 4.54 -0.38 8.58
C PRO A 10 3.90 0.29 7.35
N LEU A 11 2.58 0.17 7.13
CA LEU A 11 1.89 0.91 6.05
C LEU A 11 1.93 2.42 6.38
N LEU A 12 1.66 2.80 7.65
CA LEU A 12 1.82 4.18 8.12
C LEU A 12 3.28 4.66 8.01
N LYS A 13 4.26 3.80 8.34
CA LYS A 13 5.70 4.10 8.17
C LYS A 13 6.08 4.35 6.71
N ILE A 14 5.52 3.60 5.76
CA ILE A 14 5.70 3.80 4.32
C ILE A 14 5.12 5.13 3.84
N LEU A 15 3.99 5.60 4.41
CA LEU A 15 3.50 6.95 4.11
C LEU A 15 4.40 8.05 4.73
N HIS A 16 4.98 7.82 5.92
CA HIS A 16 6.01 8.71 6.46
C HIS A 16 7.24 8.76 5.54
N ALA A 17 7.68 7.61 5.00
CA ALA A 17 8.77 7.51 4.02
C ALA A 17 8.47 8.20 2.68
N ALA A 18 7.17 8.34 2.32
CA ALA A 18 6.72 9.12 1.19
C ALA A 18 6.86 10.66 1.39
N GLY A 19 7.23 11.09 2.60
CA GLY A 19 7.30 12.50 3.02
C GLY A 19 5.96 13.07 3.52
N ALA A 20 4.97 12.21 3.80
CA ALA A 20 3.62 12.59 4.21
C ALA A 20 3.36 12.32 5.71
N GLN A 21 2.65 13.23 6.38
CA GLN A 21 2.14 12.98 7.73
C GLN A 21 0.90 12.05 7.68
N GLY A 22 0.52 11.45 8.81
CA GLY A 22 -0.62 10.54 8.85
C GLY A 22 -1.16 10.25 10.26
N GLU A 23 -2.48 10.38 10.41
CA GLU A 23 -3.26 10.03 11.60
C GLU A 23 -4.62 9.43 11.16
N MET A 24 -4.53 8.25 10.54
CA MET A 24 -5.60 7.45 9.91
C MET A 24 -6.34 8.04 8.69
N PHE A 25 -6.71 7.14 7.77
CA PHE A 25 -7.22 7.45 6.42
C PHE A 25 -7.94 6.26 5.76
N THR A 26 -8.62 6.50 4.64
CA THR A 26 -9.20 5.48 3.74
C THR A 26 -8.14 4.85 2.81
N VAL A 27 -8.46 3.79 2.06
CA VAL A 27 -7.53 3.22 1.04
C VAL A 27 -7.16 4.24 -0.02
N LYS A 28 -8.14 5.06 -0.44
CA LYS A 28 -7.98 6.16 -1.40
C LYS A 28 -7.03 7.25 -0.90
N GLU A 29 -7.17 7.67 0.36
CA GLU A 29 -6.27 8.64 1.00
C GLU A 29 -4.85 8.09 1.22
N VAL A 30 -4.75 6.82 1.61
CA VAL A 30 -3.48 6.06 1.68
C VAL A 30 -2.79 6.01 0.31
N MET A 31 -3.54 5.72 -0.76
CA MET A 31 -3.08 5.48 -2.12
C MET A 31 -2.52 6.71 -2.83
N HIS A 32 -3.07 7.89 -2.55
CA HIS A 32 -2.47 9.15 -3.00
C HIS A 32 -0.98 9.24 -2.61
N TYR A 33 -0.66 8.96 -1.34
CA TYR A 33 0.71 8.82 -0.84
C TYR A 33 1.43 7.51 -1.24
N LEU A 34 0.73 6.37 -1.40
CA LEU A 34 1.36 5.10 -1.80
C LEU A 34 1.85 5.12 -3.25
N GLY A 35 1.08 5.72 -4.17
CA GLY A 35 1.51 5.97 -5.55
C GLY A 35 2.75 6.87 -5.58
N GLN A 36 2.75 7.96 -4.81
CA GLN A 36 3.91 8.84 -4.63
C GLN A 36 5.14 8.09 -4.07
N TYR A 37 4.97 7.21 -3.09
CA TYR A 37 6.03 6.36 -2.55
C TYR A 37 6.60 5.44 -3.65
N ILE A 38 5.72 4.74 -4.37
CA ILE A 38 6.12 3.85 -5.47
C ILE A 38 6.83 4.62 -6.59
N MET A 39 6.42 5.86 -6.91
CA MET A 39 7.12 6.72 -7.87
C MET A 39 8.51 7.18 -7.40
N VAL A 40 8.67 7.58 -6.13
CA VAL A 40 9.95 8.09 -5.61
C VAL A 40 10.97 7.00 -5.29
N LYS A 41 10.47 5.79 -4.96
CA LYS A 41 11.28 4.57 -4.75
C LYS A 41 11.42 3.70 -6.01
N GLN A 42 10.59 3.93 -7.04
CA GLN A 42 10.50 3.17 -8.28
C GLN A 42 10.28 1.66 -8.05
N LEU A 43 9.15 1.30 -7.41
CA LEU A 43 8.81 -0.08 -7.03
C LEU A 43 7.92 -0.79 -8.08
N TYR A 44 7.77 -0.15 -9.25
CA TYR A 44 6.96 -0.57 -10.38
C TYR A 44 7.84 -0.91 -11.60
N ASP A 45 7.33 -1.76 -12.50
CA ASP A 45 7.97 -1.99 -13.79
C ASP A 45 7.61 -0.87 -14.77
N GLN A 46 8.59 -0.26 -15.45
CA GLN A 46 8.39 0.91 -16.32
C GLN A 46 7.41 0.68 -17.48
N GLN A 47 7.37 -0.54 -18.04
CA GLN A 47 6.63 -0.86 -19.25
C GLN A 47 5.38 -1.71 -18.96
N GLU A 48 5.42 -2.50 -17.88
CA GLU A 48 4.31 -3.28 -17.32
C GLU A 48 3.85 -2.67 -15.97
N GLN A 49 3.47 -1.38 -15.99
CA GLN A 49 3.09 -0.61 -14.79
C GLN A 49 1.87 -1.19 -14.05
N HIS A 50 1.08 -2.03 -14.73
CA HIS A 50 -0.01 -2.81 -14.13
C HIS A 50 0.45 -3.83 -13.08
N MET A 51 1.75 -4.15 -12.99
CA MET A 51 2.34 -4.97 -11.92
C MET A 51 3.27 -4.15 -11.01
N VAL A 52 3.22 -4.47 -9.71
CA VAL A 52 4.06 -3.89 -8.64
C VAL A 52 4.79 -5.04 -7.94
N TYR A 53 6.10 -4.88 -7.71
CA TYR A 53 6.98 -5.97 -7.25
C TYR A 53 7.52 -5.73 -5.84
N CYS A 54 6.63 -5.45 -4.88
CA CYS A 54 7.02 -5.12 -3.50
C CYS A 54 7.56 -6.32 -2.69
N GLY A 55 7.53 -7.54 -3.23
CA GLY A 55 8.05 -8.76 -2.61
C GLY A 55 9.55 -8.70 -2.22
N GLY A 56 10.34 -7.85 -2.88
CA GLY A 56 11.76 -7.59 -2.57
C GLY A 56 12.01 -6.47 -1.54
N ASP A 57 10.97 -5.83 -1.01
CA ASP A 57 11.02 -4.63 -0.15
C ASP A 57 10.16 -4.78 1.11
N LEU A 58 10.05 -3.72 1.93
CA LEU A 58 9.44 -3.71 3.27
C LEU A 58 8.06 -4.40 3.34
N LEU A 59 7.17 -4.08 2.38
CA LEU A 59 5.85 -4.72 2.22
C LEU A 59 5.94 -6.24 1.99
N GLY A 60 6.95 -6.66 1.22
CA GLY A 60 7.28 -8.06 0.94
C GLY A 60 7.91 -8.80 2.11
N GLU A 61 8.72 -8.15 2.96
CA GLU A 61 9.22 -8.75 4.21
C GLU A 61 8.05 -8.97 5.19
N LEU A 62 7.18 -7.96 5.26
CA LEU A 62 5.99 -7.93 6.09
C LEU A 62 4.98 -9.06 5.74
N LEU A 63 4.62 -9.23 4.46
CA LEU A 63 3.60 -10.20 4.03
C LEU A 63 4.16 -11.53 3.47
N GLY A 64 5.45 -11.60 3.15
CA GLY A 64 6.14 -12.79 2.61
C GLY A 64 5.99 -13.04 1.09
N ARG A 65 4.98 -12.43 0.44
CA ARG A 65 4.68 -12.64 -1.01
C ARG A 65 4.12 -11.41 -1.74
N GLN A 66 4.37 -10.21 -1.23
CA GLN A 66 3.71 -8.97 -1.63
C GLN A 66 4.03 -8.40 -3.04
N SER A 67 3.91 -9.21 -4.09
CA SER A 67 3.96 -8.77 -5.50
C SER A 67 2.61 -9.09 -6.15
N PHE A 68 2.11 -8.16 -6.96
CA PHE A 68 0.72 -8.19 -7.46
C PHE A 68 0.47 -7.38 -8.72
N SER A 69 -0.70 -7.62 -9.30
CA SER A 69 -1.30 -6.85 -10.38
C SER A 69 -2.36 -5.88 -9.84
N VAL A 70 -2.37 -4.63 -10.31
CA VAL A 70 -3.38 -3.60 -9.96
C VAL A 70 -4.71 -3.80 -10.70
N LYS A 71 -4.66 -4.55 -11.82
CA LYS A 71 -5.78 -4.88 -12.73
C LYS A 71 -6.68 -6.03 -12.27
N ASP A 72 -6.34 -6.64 -11.13
CA ASP A 72 -6.93 -7.87 -10.59
C ASP A 72 -7.41 -7.63 -9.13
N PRO A 73 -8.69 -7.27 -8.90
CA PRO A 73 -9.21 -6.92 -7.57
C PRO A 73 -9.14 -8.03 -6.51
N SER A 74 -9.24 -9.31 -6.88
CA SER A 74 -9.22 -10.43 -5.91
C SER A 74 -7.94 -10.49 -5.05
N PRO A 75 -6.71 -10.49 -5.62
CA PRO A 75 -5.48 -10.43 -4.83
C PRO A 75 -5.27 -9.08 -4.12
N LEU A 76 -5.85 -7.98 -4.63
CA LEU A 76 -5.80 -6.69 -3.94
C LEU A 76 -6.56 -6.72 -2.62
N TYR A 77 -7.78 -7.26 -2.61
CA TYR A 77 -8.60 -7.39 -1.39
C TYR A 77 -7.89 -8.20 -0.30
N ASP A 78 -7.21 -9.31 -0.64
CA ASP A 78 -6.45 -10.13 0.32
C ASP A 78 -5.35 -9.32 1.03
N MET A 79 -4.52 -8.63 0.24
CA MET A 79 -3.41 -7.83 0.76
C MET A 79 -3.90 -6.64 1.60
N LEU A 80 -4.86 -5.88 1.06
CA LEU A 80 -5.40 -4.68 1.68
C LEU A 80 -6.10 -5.01 3.00
N ARG A 81 -7.00 -6.01 3.05
CA ARG A 81 -7.70 -6.41 4.30
C ARG A 81 -6.75 -6.87 5.41
N LYS A 82 -5.50 -7.25 5.06
CA LYS A 82 -4.43 -7.63 5.98
C LYS A 82 -3.43 -6.49 6.31
N ASN A 83 -3.42 -5.38 5.56
CA ASN A 83 -2.48 -4.25 5.78
C ASN A 83 -3.19 -2.91 6.14
N LEU A 84 -4.47 -2.77 5.81
CA LEU A 84 -5.37 -1.69 6.23
C LEU A 84 -6.52 -2.34 7.05
N VAL A 85 -6.81 -1.81 8.23
CA VAL A 85 -7.95 -2.29 9.04
C VAL A 85 -9.26 -1.83 8.38
N THR A 86 -10.00 -2.79 7.81
CA THR A 86 -11.26 -2.56 7.08
C THR A 86 -12.13 -3.84 7.05
N LEU A 87 -13.40 -3.70 6.62
CA LEU A 87 -14.38 -4.78 6.51
C LEU A 87 -14.20 -5.66 5.26
N ALA A 88 -14.97 -6.76 5.23
CA ALA A 88 -14.86 -7.86 4.28
C ALA A 88 -16.13 -8.12 3.42
N THR A 89 -17.05 -7.17 3.41
CA THR A 89 -18.38 -7.26 2.75
C THR A 89 -18.94 -5.89 2.34
N GLN A 1 -11.66 15.91 14.33
CA GLN A 1 -11.20 14.61 13.81
C GLN A 1 -12.31 13.82 13.09
N ILE A 2 -11.89 13.00 12.13
CA ILE A 2 -12.69 12.22 11.21
C ILE A 2 -13.23 10.91 11.81
N ASN A 3 -14.23 10.33 11.13
CA ASN A 3 -14.85 9.03 11.46
C ASN A 3 -14.12 7.80 10.84
N GLN A 4 -13.02 8.03 10.11
CA GLN A 4 -12.16 7.00 9.52
C GLN A 4 -11.23 6.36 10.58
N VAL A 5 -10.49 5.33 10.16
CA VAL A 5 -9.63 4.48 11.03
C VAL A 5 -8.18 4.45 10.53
N ARG A 6 -7.27 3.86 11.31
CA ARG A 6 -5.81 3.83 11.02
C ARG A 6 -5.40 2.58 10.21
N PRO A 7 -4.41 2.67 9.29
CA PRO A 7 -3.79 1.51 8.64
C PRO A 7 -2.82 0.77 9.58
N LYS A 8 -2.22 -0.33 9.11
CA LYS A 8 -1.25 -1.11 9.89
C LYS A 8 0.06 -0.32 10.08
N LEU A 9 0.73 -0.55 11.21
CA LEU A 9 1.88 0.25 11.68
C LEU A 9 3.02 0.40 10.67
N PRO A 10 3.62 -0.69 10.11
CA PRO A 10 4.64 -0.56 9.07
C PRO A 10 4.13 0.04 7.75
N LEU A 11 2.82 0.00 7.45
CA LEU A 11 2.26 0.70 6.30
C LEU A 11 2.17 2.21 6.55
N LEU A 12 1.94 2.63 7.80
CA LEU A 12 2.07 4.05 8.19
C LEU A 12 3.52 4.53 8.04
N LYS A 13 4.52 3.69 8.34
CA LYS A 13 5.95 3.99 8.11
C LYS A 13 6.25 4.17 6.61
N ILE A 14 5.63 3.39 5.73
CA ILE A 14 5.71 3.58 4.26
C ILE A 14 5.13 4.92 3.82
N LEU A 15 4.03 5.38 4.43
CA LEU A 15 3.49 6.73 4.19
C LEU A 15 4.36 7.85 4.80
N HIS A 16 5.03 7.62 5.93
CA HIS A 16 6.04 8.56 6.45
C HIS A 16 7.25 8.67 5.50
N ALA A 17 7.71 7.55 4.94
CA ALA A 17 8.74 7.53 3.89
C ALA A 17 8.31 8.24 2.58
N ALA A 18 7.00 8.34 2.33
CA ALA A 18 6.43 9.11 1.22
C ALA A 18 6.53 10.64 1.45
N GLY A 19 6.93 11.09 2.65
CA GLY A 19 6.97 12.50 3.05
C GLY A 19 5.69 13.02 3.73
N ALA A 20 4.72 12.14 4.03
CA ALA A 20 3.44 12.47 4.65
C ALA A 20 3.46 12.31 6.19
N GLN A 21 2.45 12.86 6.86
CA GLN A 21 2.15 12.66 8.29
C GLN A 21 0.68 12.21 8.43
N GLY A 22 0.40 11.32 9.39
CA GLY A 22 -0.92 10.66 9.48
C GLY A 22 -1.16 9.78 10.69
N GLU A 23 -2.44 9.47 10.88
CA GLU A 23 -2.96 8.46 11.83
C GLU A 23 -4.13 7.71 11.17
N MET A 24 -5.23 8.42 10.89
CA MET A 24 -6.49 7.93 10.31
C MET A 24 -6.66 8.36 8.84
N PHE A 25 -7.24 7.49 7.99
CA PHE A 25 -7.34 7.71 6.54
C PHE A 25 -8.47 6.89 5.88
N THR A 26 -8.87 7.28 4.66
CA THR A 26 -9.71 6.46 3.77
C THR A 26 -8.78 5.69 2.80
N VAL A 27 -9.30 4.76 1.97
CA VAL A 27 -8.47 4.19 0.88
C VAL A 27 -7.95 5.30 -0.04
N LYS A 28 -8.81 6.24 -0.45
CA LYS A 28 -8.46 7.35 -1.34
C LYS A 28 -7.31 8.19 -0.79
N GLU A 29 -7.29 8.44 0.52
CA GLU A 29 -6.19 9.17 1.17
C GLU A 29 -4.92 8.32 1.32
N VAL A 30 -5.01 7.02 1.60
CA VAL A 30 -3.81 6.15 1.66
C VAL A 30 -3.18 5.96 0.28
N MET A 31 -3.95 5.60 -0.76
CA MET A 31 -3.39 5.20 -2.05
C MET A 31 -2.72 6.36 -2.79
N HIS A 32 -3.22 7.55 -2.50
CA HIS A 32 -2.60 8.83 -2.92
C HIS A 32 -1.13 8.90 -2.49
N TYR A 33 -0.83 8.70 -1.20
CA TYR A 33 0.53 8.68 -0.67
C TYR A 33 1.30 7.39 -1.02
N LEU A 34 0.65 6.23 -1.08
CA LEU A 34 1.30 4.96 -1.43
C LEU A 34 1.72 4.91 -2.92
N GLY A 35 0.91 5.47 -3.82
CA GLY A 35 1.25 5.66 -5.23
C GLY A 35 2.41 6.63 -5.43
N GLN A 36 2.43 7.75 -4.68
CA GLN A 36 3.57 8.65 -4.60
C GLN A 36 4.84 7.93 -4.10
N TYR A 37 4.73 7.11 -3.07
CA TYR A 37 5.84 6.31 -2.56
C TYR A 37 6.37 5.33 -3.62
N ILE A 38 5.49 4.54 -4.24
CA ILE A 38 5.83 3.60 -5.32
C ILE A 38 6.46 4.33 -6.51
N MET A 39 6.00 5.55 -6.85
CA MET A 39 6.57 6.41 -7.90
C MET A 39 7.99 6.89 -7.56
N VAL A 40 8.26 7.36 -6.33
CA VAL A 40 9.58 7.89 -5.93
C VAL A 40 10.62 6.80 -5.63
N LYS A 41 10.15 5.62 -5.22
CA LYS A 41 10.96 4.40 -5.01
C LYS A 41 11.06 3.50 -6.25
N GLN A 42 10.19 3.72 -7.24
CA GLN A 42 10.03 2.94 -8.48
C GLN A 42 9.82 1.43 -8.23
N LEU A 43 8.70 1.08 -7.59
CA LEU A 43 8.29 -0.32 -7.34
C LEU A 43 7.39 -0.89 -8.45
N TYR A 44 6.93 -0.04 -9.38
CA TYR A 44 6.24 -0.46 -10.59
C TYR A 44 7.23 -1.02 -11.63
N ASP A 45 6.77 -1.91 -12.51
CA ASP A 45 7.58 -2.37 -13.65
C ASP A 45 7.48 -1.36 -14.82
N GLN A 46 8.62 -0.94 -15.39
CA GLN A 46 8.64 0.04 -16.48
C GLN A 46 7.93 -0.44 -17.77
N GLN A 47 7.87 -1.77 -17.98
CA GLN A 47 7.38 -2.38 -19.21
C GLN A 47 5.87 -2.67 -19.14
N GLU A 48 5.36 -2.78 -17.91
CA GLU A 48 4.00 -3.17 -17.50
C GLU A 48 3.65 -2.47 -16.16
N GLN A 49 3.35 -1.17 -16.19
CA GLN A 49 3.13 -0.35 -15.00
C GLN A 49 1.97 -0.82 -14.10
N HIS A 50 1.06 -1.64 -14.64
CA HIS A 50 0.03 -2.32 -13.86
C HIS A 50 0.60 -3.33 -12.85
N MET A 51 1.76 -3.95 -13.12
CA MET A 51 2.49 -4.79 -12.18
C MET A 51 3.33 -3.92 -11.22
N VAL A 52 3.19 -4.20 -9.93
CA VAL A 52 3.90 -3.56 -8.83
C VAL A 52 4.60 -4.63 -8.00
N TYR A 53 5.93 -4.57 -7.94
CA TYR A 53 6.79 -5.54 -7.27
C TYR A 53 7.17 -5.03 -5.86
N CYS A 54 6.22 -5.06 -4.92
CA CYS A 54 6.52 -4.77 -3.52
C CYS A 54 7.24 -5.94 -2.80
N GLY A 55 7.48 -7.09 -3.46
CA GLY A 55 8.34 -8.16 -2.93
C GLY A 55 9.78 -7.71 -2.61
N GLY A 56 10.27 -6.66 -3.28
CA GLY A 56 11.54 -5.98 -2.98
C GLY A 56 11.46 -4.86 -1.93
N ASP A 57 10.29 -4.64 -1.32
CA ASP A 57 10.00 -3.57 -0.35
C ASP A 57 9.85 -4.11 1.09
N LEU A 58 9.84 -3.21 2.08
CA LEU A 58 9.49 -3.46 3.48
C LEU A 58 8.21 -4.29 3.61
N LEU A 59 7.21 -3.93 2.80
CA LEU A 59 5.92 -4.62 2.67
C LEU A 59 6.10 -6.10 2.23
N GLY A 60 7.00 -6.33 1.29
CA GLY A 60 7.44 -7.66 0.86
C GLY A 60 8.18 -8.43 1.95
N GLU A 61 9.09 -7.82 2.72
CA GLU A 61 9.78 -8.52 3.81
C GLU A 61 8.79 -8.97 4.90
N LEU A 62 7.91 -8.04 5.28
CA LEU A 62 6.94 -8.28 6.36
C LEU A 62 5.83 -9.27 5.98
N LEU A 63 5.40 -9.34 4.71
CA LEU A 63 4.40 -10.33 4.26
C LEU A 63 5.06 -11.58 3.61
N GLY A 64 6.38 -11.55 3.36
CA GLY A 64 7.13 -12.57 2.60
C GLY A 64 7.01 -12.40 1.07
N ARG A 65 5.91 -11.80 0.62
CA ARG A 65 5.56 -11.42 -0.76
C ARG A 65 4.44 -10.37 -0.74
N GLN A 66 4.55 -9.31 -1.54
CA GLN A 66 3.48 -8.30 -1.68
C GLN A 66 3.37 -7.80 -3.13
N SER A 67 3.74 -8.64 -4.10
CA SER A 67 3.72 -8.28 -5.53
C SER A 67 2.39 -8.66 -6.20
N PHE A 68 1.92 -7.81 -7.11
CA PHE A 68 0.57 -7.89 -7.70
C PHE A 68 0.47 -7.12 -9.02
N SER A 69 -0.65 -7.32 -9.72
CA SER A 69 -1.03 -6.51 -10.88
C SER A 69 -2.42 -5.92 -10.70
N VAL A 70 -2.62 -4.65 -11.03
CA VAL A 70 -3.90 -3.96 -10.76
C VAL A 70 -5.06 -4.41 -11.65
N LYS A 71 -4.77 -5.19 -12.72
CA LYS A 71 -5.79 -5.89 -13.54
C LYS A 71 -6.41 -7.11 -12.85
N ASP A 72 -5.82 -7.55 -11.72
CA ASP A 72 -6.25 -8.67 -10.89
C ASP A 72 -6.52 -8.18 -9.45
N PRO A 73 -7.69 -7.53 -9.22
CA PRO A 73 -7.98 -6.82 -7.97
C PRO A 73 -8.22 -7.72 -6.75
N SER A 74 -8.70 -8.95 -6.90
CA SER A 74 -8.99 -9.85 -5.77
C SER A 74 -7.78 -10.13 -4.85
N PRO A 75 -6.61 -10.56 -5.35
CA PRO A 75 -5.42 -10.74 -4.50
C PRO A 75 -4.88 -9.43 -3.93
N LEU A 76 -5.03 -8.30 -4.64
CA LEU A 76 -4.65 -6.97 -4.16
C LEU A 76 -5.51 -6.57 -2.96
N TYR A 77 -6.84 -6.71 -3.06
CA TYR A 77 -7.76 -6.52 -1.93
C TYR A 77 -7.46 -7.47 -0.77
N ASP A 78 -7.16 -8.76 -1.00
CA ASP A 78 -6.88 -9.73 0.07
C ASP A 78 -5.70 -9.29 0.96
N MET A 79 -4.60 -8.88 0.33
CA MET A 79 -3.42 -8.35 1.03
C MET A 79 -3.71 -7.01 1.73
N LEU A 80 -4.30 -6.05 1.02
CA LEU A 80 -4.57 -4.72 1.56
C LEU A 80 -5.60 -4.77 2.69
N ARG A 81 -6.62 -5.61 2.65
CA ARG A 81 -7.52 -5.87 3.80
C ARG A 81 -6.78 -6.33 5.07
N LYS A 82 -5.57 -6.87 4.95
CA LYS A 82 -4.67 -7.28 6.05
C LYS A 82 -3.69 -6.18 6.47
N ASN A 83 -3.46 -5.13 5.67
CA ASN A 83 -2.45 -4.08 5.98
C ASN A 83 -2.96 -2.61 5.90
N LEU A 84 -4.15 -2.37 5.36
CA LEU A 84 -4.69 -1.07 4.97
C LEU A 84 -6.19 -0.96 5.31
N VAL A 85 -6.72 0.27 5.30
CA VAL A 85 -8.13 0.61 5.52
C VAL A 85 -8.99 0.26 4.28
N THR A 86 -9.12 -1.04 4.00
CA THR A 86 -9.94 -1.61 2.91
C THR A 86 -11.17 -2.31 3.49
N LEU A 87 -12.32 -2.18 2.81
CA LEU A 87 -13.60 -2.77 3.26
C LEU A 87 -13.85 -4.20 2.75
N ALA A 88 -14.87 -4.83 3.34
CA ALA A 88 -15.20 -6.25 3.22
C ALA A 88 -16.66 -6.49 2.79
N THR A 89 -16.98 -7.73 2.41
CA THR A 89 -18.34 -8.18 2.05
C THR A 89 -19.29 -8.25 3.24
N GLN A 1 -12.28 17.15 7.65
CA GLN A 1 -12.23 16.47 8.94
C GLN A 1 -11.96 14.95 8.80
N ILE A 2 -11.43 14.33 9.87
CA ILE A 2 -11.09 12.91 9.92
C ILE A 2 -12.04 12.15 10.87
N ASN A 3 -12.64 11.07 10.36
CA ASN A 3 -13.43 10.07 11.09
C ASN A 3 -13.16 8.65 10.53
N GLN A 4 -11.91 8.40 10.12
CA GLN A 4 -11.44 7.16 9.47
C GLN A 4 -10.84 6.16 10.48
N VAL A 5 -10.37 5.02 9.97
CA VAL A 5 -9.64 3.97 10.71
C VAL A 5 -8.14 4.02 10.38
N ARG A 6 -7.30 3.38 11.21
CA ARG A 6 -5.83 3.40 11.06
C ARG A 6 -5.32 2.20 10.23
N PRO A 7 -4.32 2.38 9.34
CA PRO A 7 -3.63 1.26 8.68
C PRO A 7 -2.65 0.55 9.62
N LYS A 8 -2.01 -0.52 9.14
CA LYS A 8 -1.03 -1.30 9.91
C LYS A 8 0.24 -0.47 10.17
N LEU A 9 0.98 -0.74 11.24
CA LEU A 9 2.08 0.14 11.68
C LEU A 9 3.21 0.32 10.64
N PRO A 10 3.72 -0.72 9.95
CA PRO A 10 4.67 -0.52 8.85
C PRO A 10 4.05 0.21 7.64
N LEU A 11 2.73 0.13 7.44
CA LEU A 11 2.01 0.87 6.40
C LEU A 11 1.98 2.37 6.71
N LEU A 12 1.74 2.75 7.96
CA LEU A 12 1.89 4.14 8.43
C LEU A 12 3.35 4.63 8.26
N LYS A 13 4.35 3.77 8.48
CA LYS A 13 5.76 4.05 8.14
C LYS A 13 6.01 4.23 6.64
N ILE A 14 5.36 3.47 5.75
CA ILE A 14 5.39 3.71 4.30
C ILE A 14 4.84 5.09 3.94
N LEU A 15 3.74 5.55 4.57
CA LEU A 15 3.24 6.92 4.36
C LEU A 15 4.22 7.99 4.91
N HIS A 16 4.89 7.74 6.03
CA HIS A 16 5.95 8.63 6.52
C HIS A 16 7.14 8.68 5.53
N ALA A 17 7.56 7.53 4.98
CA ALA A 17 8.59 7.45 3.93
C ALA A 17 8.17 8.15 2.63
N ALA A 18 6.86 8.22 2.35
CA ALA A 18 6.30 8.99 1.23
C ALA A 18 6.41 10.52 1.43
N GLY A 19 6.70 10.99 2.66
CA GLY A 19 6.77 12.39 3.05
C GLY A 19 5.54 12.92 3.82
N ALA A 20 4.61 12.04 4.21
CA ALA A 20 3.36 12.40 4.89
C ALA A 20 3.43 12.29 6.43
N GLN A 21 2.36 12.73 7.10
CA GLN A 21 2.09 12.53 8.53
C GLN A 21 0.61 12.16 8.72
N GLY A 22 0.32 11.26 9.69
CA GLY A 22 -1.04 10.82 9.98
C GLY A 22 -1.14 9.64 10.93
N GLU A 23 -2.39 9.24 11.19
CA GLU A 23 -2.79 8.15 12.10
C GLU A 23 -3.94 7.33 11.49
N MET A 24 -5.06 7.99 11.17
CA MET A 24 -6.24 7.48 10.46
C MET A 24 -6.27 7.97 9.00
N PHE A 25 -6.70 7.13 8.05
CA PHE A 25 -6.71 7.42 6.60
C PHE A 25 -7.77 6.61 5.83
N THR A 26 -8.39 7.18 4.79
CA THR A 26 -9.23 6.42 3.83
C THR A 26 -8.36 5.61 2.85
N VAL A 27 -8.97 4.73 2.03
CA VAL A 27 -8.28 4.09 0.89
C VAL A 27 -7.69 5.14 -0.06
N LYS A 28 -8.42 6.23 -0.34
CA LYS A 28 -7.99 7.32 -1.23
C LYS A 28 -6.82 8.13 -0.65
N GLU A 29 -6.85 8.42 0.65
CA GLU A 29 -5.77 9.11 1.36
C GLU A 29 -4.50 8.25 1.41
N VAL A 30 -4.63 6.93 1.66
CA VAL A 30 -3.50 5.99 1.55
C VAL A 30 -2.95 5.97 0.12
N MET A 31 -3.79 5.83 -0.89
CA MET A 31 -3.44 5.71 -2.29
C MET A 31 -2.76 6.95 -2.87
N HIS A 32 -3.20 8.15 -2.46
CA HIS A 32 -2.51 9.41 -2.79
C HIS A 32 -1.03 9.37 -2.39
N TYR A 33 -0.73 8.99 -1.14
CA TYR A 33 0.65 8.84 -0.64
C TYR A 33 1.37 7.58 -1.15
N LEU A 34 0.67 6.47 -1.38
CA LEU A 34 1.27 5.22 -1.88
C LEU A 34 1.68 5.32 -3.36
N GLY A 35 0.89 5.97 -4.21
CA GLY A 35 1.28 6.27 -5.60
C GLY A 35 2.55 7.15 -5.65
N GLN A 36 2.65 8.14 -4.77
CA GLN A 36 3.84 8.96 -4.52
C GLN A 36 5.03 8.11 -4.05
N TYR A 37 4.85 7.27 -3.03
CA TYR A 37 5.92 6.42 -2.50
C TYR A 37 6.45 5.48 -3.60
N ILE A 38 5.54 4.79 -4.29
CA ILE A 38 5.85 3.87 -5.39
C ILE A 38 6.53 4.58 -6.56
N MET A 39 6.16 5.83 -6.88
CA MET A 39 6.84 6.68 -7.87
C MET A 39 8.28 7.02 -7.44
N VAL A 40 8.53 7.32 -6.17
CA VAL A 40 9.86 7.69 -5.64
C VAL A 40 10.78 6.48 -5.43
N LYS A 41 10.19 5.34 -5.05
CA LYS A 41 10.89 4.06 -4.83
C LYS A 41 10.99 3.21 -6.10
N GLN A 42 10.20 3.53 -7.12
CA GLN A 42 9.97 2.77 -8.36
C GLN A 42 9.67 1.28 -8.09
N LEU A 43 8.48 1.00 -7.52
CA LEU A 43 8.06 -0.36 -7.12
C LEU A 43 7.29 -1.10 -8.25
N TYR A 44 7.09 -0.41 -9.37
CA TYR A 44 6.49 -0.90 -10.60
C TYR A 44 7.56 -1.22 -11.65
N ASP A 45 7.22 -2.07 -12.63
CA ASP A 45 8.07 -2.26 -13.81
C ASP A 45 7.67 -1.22 -14.88
N GLN A 46 8.63 -0.46 -15.43
CA GLN A 46 8.36 0.55 -16.47
C GLN A 46 7.59 -0.01 -17.68
N GLN A 47 7.83 -1.27 -18.04
CA GLN A 47 7.29 -1.92 -19.24
C GLN A 47 5.93 -2.61 -18.99
N GLU A 48 5.61 -2.83 -17.71
CA GLU A 48 4.42 -3.52 -17.20
C GLU A 48 3.95 -2.83 -15.91
N GLN A 49 3.52 -1.56 -16.01
CA GLN A 49 3.04 -0.76 -14.87
C GLN A 49 1.82 -1.39 -14.17
N HIS A 50 1.09 -2.26 -14.87
CA HIS A 50 0.03 -3.12 -14.32
C HIS A 50 0.54 -4.18 -13.34
N MET A 51 1.85 -4.35 -13.15
CA MET A 51 2.51 -5.23 -12.17
C MET A 51 3.34 -4.41 -11.18
N VAL A 52 3.18 -4.70 -9.89
CA VAL A 52 3.93 -4.11 -8.76
C VAL A 52 4.74 -5.22 -8.10
N TYR A 53 6.07 -5.05 -8.01
CA TYR A 53 6.99 -6.03 -7.44
C TYR A 53 7.52 -5.53 -6.09
N CYS A 54 7.01 -6.08 -4.99
CA CYS A 54 7.34 -5.64 -3.63
C CYS A 54 8.46 -6.46 -2.96
N GLY A 55 9.22 -7.26 -3.72
CA GLY A 55 10.31 -8.08 -3.20
C GLY A 55 11.38 -7.23 -2.49
N GLY A 56 11.58 -7.49 -1.20
CA GLY A 56 12.50 -6.72 -0.33
C GLY A 56 11.97 -5.35 0.14
N ASP A 57 10.71 -4.99 -0.16
CA ASP A 57 10.06 -3.77 0.32
C ASP A 57 9.26 -4.01 1.62
N LEU A 58 8.99 -2.96 2.39
CA LEU A 58 8.19 -3.00 3.63
C LEU A 58 6.86 -3.75 3.47
N LEU A 59 6.22 -3.63 2.30
CA LEU A 59 4.98 -4.37 1.97
C LEU A 59 5.20 -5.89 2.04
N GLY A 60 6.31 -6.37 1.47
CA GLY A 60 6.73 -7.77 1.48
C GLY A 60 7.28 -8.24 2.83
N GLU A 61 7.98 -7.40 3.61
CA GLU A 61 8.37 -7.77 4.99
C GLU A 61 7.13 -8.07 5.83
N LEU A 62 6.15 -7.17 5.71
CA LEU A 62 4.91 -7.24 6.47
C LEU A 62 4.00 -8.42 6.05
N LEU A 63 3.69 -8.60 4.76
CA LEU A 63 2.79 -9.66 4.26
C LEU A 63 3.54 -10.98 3.92
N GLY A 64 4.88 -10.98 3.94
CA GLY A 64 5.74 -12.08 3.45
C GLY A 64 5.99 -11.99 1.94
N ARG A 65 5.04 -11.37 1.20
CA ARG A 65 5.03 -11.12 -0.26
C ARG A 65 3.93 -10.10 -0.61
N GLN A 66 4.21 -9.18 -1.53
CA GLN A 66 3.18 -8.30 -2.13
C GLN A 66 3.47 -8.05 -3.63
N SER A 67 3.98 -9.06 -4.34
CA SER A 67 4.06 -8.96 -5.82
C SER A 67 2.74 -9.42 -6.43
N PHE A 68 2.16 -8.56 -7.25
CA PHE A 68 0.80 -8.69 -7.79
C PHE A 68 0.57 -7.76 -8.98
N SER A 69 -0.56 -7.98 -9.66
CA SER A 69 -0.99 -7.16 -10.77
C SER A 69 -2.30 -6.44 -10.46
N VAL A 70 -2.34 -5.16 -10.82
CA VAL A 70 -3.39 -4.20 -10.42
C VAL A 70 -4.70 -4.37 -11.21
N LYS A 71 -4.64 -5.10 -12.34
CA LYS A 71 -5.81 -5.55 -13.12
C LYS A 71 -6.60 -6.72 -12.49
N ASP A 72 -6.07 -7.31 -11.42
CA ASP A 72 -6.60 -8.50 -10.73
C ASP A 72 -6.98 -8.15 -9.27
N PRO A 73 -8.19 -7.59 -9.02
CA PRO A 73 -8.59 -7.06 -7.72
C PRO A 73 -8.74 -8.12 -6.60
N SER A 74 -9.13 -9.36 -6.92
CA SER A 74 -9.38 -10.40 -5.91
C SER A 74 -8.17 -10.72 -5.02
N PRO A 75 -6.96 -11.02 -5.55
CA PRO A 75 -5.78 -11.21 -4.71
C PRO A 75 -5.32 -9.91 -4.02
N LEU A 76 -5.49 -8.76 -4.66
CA LEU A 76 -5.17 -7.44 -4.12
C LEU A 76 -5.99 -7.16 -2.84
N TYR A 77 -7.30 -7.41 -2.85
CA TYR A 77 -8.15 -7.23 -1.66
C TYR A 77 -7.65 -8.04 -0.46
N ASP A 78 -7.15 -9.27 -0.64
CA ASP A 78 -6.62 -10.09 0.46
C ASP A 78 -5.36 -9.46 1.09
N MET A 79 -4.36 -9.12 0.27
CA MET A 79 -3.13 -8.46 0.74
C MET A 79 -3.34 -7.01 1.26
N LEU A 80 -4.32 -6.28 0.73
CA LEU A 80 -4.69 -4.92 1.11
C LEU A 80 -5.43 -4.90 2.44
N ARG A 81 -6.51 -5.66 2.61
CA ARG A 81 -7.34 -5.67 3.84
C ARG A 81 -6.56 -6.05 5.10
N LYS A 82 -5.50 -6.84 4.93
CA LYS A 82 -4.54 -7.22 5.98
C LYS A 82 -3.55 -6.10 6.36
N ASN A 83 -3.26 -5.17 5.44
CA ASN A 83 -2.32 -4.05 5.70
C ASN A 83 -3.01 -2.68 5.91
N LEU A 84 -4.24 -2.53 5.42
CA LEU A 84 -5.16 -1.40 5.64
C LEU A 84 -6.56 -2.00 5.89
N VAL A 85 -7.07 -1.91 7.12
CA VAL A 85 -8.40 -2.45 7.45
C VAL A 85 -9.50 -1.67 6.70
N THR A 86 -10.21 -2.34 5.79
CA THR A 86 -11.21 -1.76 4.89
C THR A 86 -12.14 -2.85 4.31
N LEU A 87 -13.09 -2.46 3.46
CA LEU A 87 -14.03 -3.34 2.76
C LEU A 87 -13.39 -4.18 1.63
N ALA A 88 -14.19 -5.06 1.03
CA ALA A 88 -13.81 -6.08 0.07
C ALA A 88 -14.61 -6.00 -1.25
N THR A 89 -14.11 -6.67 -2.29
CA THR A 89 -14.74 -6.85 -3.63
C THR A 89 -15.42 -5.58 -4.16
N GLN A 1 -14.85 14.35 10.24
CA GLN A 1 -13.88 13.26 10.00
C GLN A 1 -14.57 12.01 9.39
N ILE A 2 -13.79 11.19 8.68
CA ILE A 2 -14.20 9.93 8.08
C ILE A 2 -14.45 8.80 9.11
N ASN A 3 -15.20 7.77 8.71
CA ASN A 3 -15.56 6.63 9.57
C ASN A 3 -14.46 5.55 9.69
N GLN A 4 -13.43 5.64 8.85
CA GLN A 4 -12.28 4.77 8.78
C GLN A 4 -11.33 4.88 10.00
N VAL A 5 -10.49 3.86 10.17
CA VAL A 5 -9.65 3.61 11.36
C VAL A 5 -8.18 3.29 11.02
N ARG A 6 -7.31 3.22 12.04
CA ARG A 6 -5.84 3.15 11.88
C ARG A 6 -5.34 1.82 11.27
N PRO A 7 -4.24 1.84 10.48
CA PRO A 7 -3.68 0.69 9.76
C PRO A 7 -2.65 -0.09 10.58
N LYS A 8 -2.06 -1.12 9.95
CA LYS A 8 -0.90 -1.83 10.48
C LYS A 8 0.31 -0.90 10.45
N LEU A 9 1.24 -1.05 11.41
CA LEU A 9 2.32 -0.08 11.63
C LEU A 9 3.27 0.15 10.44
N PRO A 10 3.72 -0.88 9.68
CA PRO A 10 4.56 -0.66 8.50
C PRO A 10 3.90 0.22 7.43
N LEU A 11 2.56 0.17 7.28
CA LEU A 11 1.82 1.02 6.33
C LEU A 11 1.95 2.50 6.73
N LEU A 12 1.80 2.82 8.02
CA LEU A 12 2.00 4.17 8.55
C LEU A 12 3.44 4.66 8.33
N LYS A 13 4.44 3.79 8.48
CA LYS A 13 5.86 4.12 8.20
C LYS A 13 6.13 4.36 6.71
N ILE A 14 5.49 3.63 5.80
CA ILE A 14 5.54 3.88 4.36
C ILE A 14 4.92 5.25 4.00
N LEU A 15 3.78 5.61 4.61
CA LEU A 15 3.19 6.94 4.47
C LEU A 15 4.09 8.06 5.03
N HIS A 16 4.79 7.82 6.14
CA HIS A 16 5.84 8.74 6.64
C HIS A 16 6.99 8.88 5.63
N ALA A 17 7.47 7.78 5.03
CA ALA A 17 8.52 7.78 4.03
C ALA A 17 8.12 8.50 2.72
N ALA A 18 6.82 8.50 2.40
CA ALA A 18 6.24 9.25 1.30
C ALA A 18 6.14 10.78 1.57
N GLY A 19 6.51 11.23 2.79
CA GLY A 19 6.53 12.63 3.19
C GLY A 19 5.24 13.16 3.83
N ALA A 20 4.30 12.28 4.19
CA ALA A 20 3.01 12.63 4.80
C ALA A 20 2.95 12.28 6.30
N GLN A 21 2.08 12.95 7.05
CA GLN A 21 1.75 12.57 8.43
C GLN A 21 0.72 11.41 8.46
N GLY A 22 0.29 10.96 9.65
CA GLY A 22 -0.73 9.92 9.73
C GLY A 22 -1.12 9.39 11.10
N GLU A 23 -2.35 8.88 11.12
CA GLU A 23 -2.97 8.11 12.20
C GLU A 23 -3.94 7.09 11.56
N MET A 24 -5.03 7.55 10.95
CA MET A 24 -6.03 6.76 10.21
C MET A 24 -6.39 7.27 8.81
N PHE A 25 -6.84 6.34 7.95
CA PHE A 25 -7.02 6.57 6.51
C PHE A 25 -8.07 5.66 5.83
N THR A 26 -8.54 6.09 4.66
CA THR A 26 -9.35 5.32 3.69
C THR A 26 -8.43 4.72 2.60
N VAL A 27 -8.92 3.86 1.67
CA VAL A 27 -8.10 3.46 0.50
C VAL A 27 -7.66 4.70 -0.27
N LYS A 28 -8.53 5.71 -0.48
CA LYS A 28 -8.20 6.93 -1.23
C LYS A 28 -7.05 7.72 -0.58
N GLU A 29 -7.06 7.85 0.75
CA GLU A 29 -6.03 8.58 1.48
C GLU A 29 -4.70 7.81 1.58
N VAL A 30 -4.73 6.47 1.72
CA VAL A 30 -3.51 5.65 1.65
C VAL A 30 -2.94 5.64 0.25
N MET A 31 -3.76 5.36 -0.75
CA MET A 31 -3.33 5.06 -2.12
C MET A 31 -2.77 6.28 -2.87
N HIS A 32 -3.17 7.50 -2.51
CA HIS A 32 -2.58 8.74 -3.02
C HIS A 32 -1.07 8.78 -2.72
N TYR A 33 -0.72 8.62 -1.43
CA TYR A 33 0.67 8.55 -0.98
C TYR A 33 1.38 7.22 -1.31
N LEU A 34 0.69 6.08 -1.37
CA LEU A 34 1.29 4.80 -1.77
C LEU A 34 1.67 4.76 -3.26
N GLY A 35 0.85 5.32 -4.15
CA GLY A 35 1.18 5.48 -5.55
C GLY A 35 2.40 6.40 -5.74
N GLN A 36 2.40 7.55 -5.06
CA GLN A 36 3.55 8.46 -4.99
C GLN A 36 4.82 7.79 -4.43
N TYR A 37 4.67 6.99 -3.37
CA TYR A 37 5.75 6.23 -2.74
C TYR A 37 6.34 5.20 -3.72
N ILE A 38 5.50 4.35 -4.31
CA ILE A 38 5.90 3.35 -5.31
C ILE A 38 6.58 4.03 -6.51
N MET A 39 6.13 5.20 -6.92
CA MET A 39 6.76 5.97 -8.01
C MET A 39 8.13 6.57 -7.63
N VAL A 40 8.31 7.12 -6.43
CA VAL A 40 9.59 7.71 -5.99
C VAL A 40 10.63 6.66 -5.57
N LYS A 41 10.15 5.50 -5.12
CA LYS A 41 10.95 4.31 -4.78
C LYS A 41 11.13 3.34 -5.96
N GLN A 42 10.33 3.49 -7.03
CA GLN A 42 10.28 2.64 -8.22
C GLN A 42 10.10 1.13 -7.89
N LEU A 43 8.97 0.77 -7.26
CA LEU A 43 8.61 -0.63 -6.99
C LEU A 43 7.82 -1.28 -8.14
N TYR A 44 7.47 -0.49 -9.17
CA TYR A 44 6.86 -0.96 -10.41
C TYR A 44 7.91 -1.44 -11.42
N ASP A 45 7.53 -2.30 -12.37
CA ASP A 45 8.38 -2.64 -13.51
C ASP A 45 8.16 -1.63 -14.64
N GLN A 46 9.23 -1.00 -15.15
CA GLN A 46 9.14 -0.03 -16.26
C GLN A 46 8.43 -0.57 -17.52
N GLN A 47 8.54 -1.88 -17.79
CA GLN A 47 8.11 -2.51 -19.03
C GLN A 47 6.67 -3.10 -18.93
N GLU A 48 6.22 -3.35 -17.70
CA GLU A 48 4.90 -3.91 -17.33
C GLU A 48 4.39 -3.18 -16.08
N GLN A 49 4.04 -1.89 -16.24
CA GLN A 49 3.74 -0.96 -15.14
C GLN A 49 2.49 -1.36 -14.32
N HIS A 50 1.64 -2.25 -14.86
CA HIS A 50 0.55 -2.87 -14.10
C HIS A 50 1.05 -3.71 -12.91
N MET A 51 2.24 -4.29 -12.99
CA MET A 51 2.86 -5.04 -11.88
C MET A 51 3.68 -4.17 -10.93
N VAL A 52 3.63 -4.55 -9.65
CA VAL A 52 4.42 -3.98 -8.55
C VAL A 52 5.07 -5.12 -7.76
N TYR A 53 6.38 -5.01 -7.51
CA TYR A 53 7.16 -5.92 -6.69
C TYR A 53 7.61 -5.18 -5.41
N CYS A 54 6.95 -5.47 -4.29
CA CYS A 54 7.30 -4.92 -2.99
C CYS A 54 8.05 -5.94 -2.09
N GLY A 55 8.46 -7.09 -2.65
CA GLY A 55 9.08 -8.20 -1.92
C GLY A 55 10.39 -7.86 -1.20
N GLY A 56 11.13 -6.86 -1.72
CA GLY A 56 12.34 -6.30 -1.09
C GLY A 56 12.11 -5.17 -0.09
N ASP A 57 10.84 -4.79 0.17
CA ASP A 57 10.44 -3.65 1.01
C ASP A 57 9.78 -4.09 2.34
N LEU A 58 9.42 -3.13 3.19
CA LEU A 58 8.63 -3.34 4.41
C LEU A 58 7.32 -4.11 4.17
N LEU A 59 6.66 -3.90 3.03
CA LEU A 59 5.47 -4.67 2.64
C LEU A 59 5.80 -6.17 2.50
N GLY A 60 6.89 -6.48 1.80
CA GLY A 60 7.38 -7.85 1.63
C GLY A 60 7.93 -8.46 2.93
N GLU A 61 8.56 -7.68 3.81
CA GLU A 61 9.05 -8.18 5.10
C GLU A 61 7.90 -8.45 6.10
N LEU A 62 6.79 -7.73 5.99
CA LEU A 62 5.56 -7.95 6.76
C LEU A 62 4.78 -9.19 6.27
N LEU A 63 4.46 -9.25 4.97
CA LEU A 63 3.53 -10.25 4.40
C LEU A 63 4.21 -11.49 3.79
N GLY A 64 5.51 -11.43 3.49
CA GLY A 64 6.30 -12.51 2.87
C GLY A 64 6.18 -12.63 1.34
N ARG A 65 5.14 -12.04 0.72
CA ARG A 65 4.84 -12.18 -0.73
C ARG A 65 4.13 -11.00 -1.40
N GLN A 66 4.36 -9.77 -0.94
CA GLN A 66 3.71 -8.56 -1.49
C GLN A 66 4.20 -8.22 -2.91
N SER A 67 3.77 -9.02 -3.89
CA SER A 67 3.91 -8.75 -5.33
C SER A 67 2.59 -9.03 -6.04
N PHE A 68 2.20 -8.13 -6.94
CA PHE A 68 0.86 -8.12 -7.53
C PHE A 68 0.77 -7.35 -8.85
N SER A 69 -0.41 -7.42 -9.48
CA SER A 69 -0.80 -6.60 -10.62
C SER A 69 -2.10 -5.86 -10.32
N VAL A 70 -2.19 -4.61 -10.77
CA VAL A 70 -3.41 -3.81 -10.66
C VAL A 70 -4.53 -4.25 -11.59
N LYS A 71 -4.25 -5.14 -12.57
CA LYS A 71 -5.27 -5.76 -13.44
C LYS A 71 -6.05 -6.91 -12.75
N ASP A 72 -5.59 -7.34 -11.58
CA ASP A 72 -6.16 -8.41 -10.77
C ASP A 72 -6.48 -7.88 -9.35
N PRO A 73 -7.59 -7.13 -9.19
CA PRO A 73 -7.89 -6.38 -7.96
C PRO A 73 -8.22 -7.25 -6.75
N SER A 74 -8.77 -8.46 -6.91
CA SER A 74 -9.17 -9.33 -5.79
C SER A 74 -8.02 -9.71 -4.84
N PRO A 75 -6.89 -10.30 -5.30
CA PRO A 75 -5.75 -10.60 -4.43
C PRO A 75 -5.07 -9.34 -3.87
N LEU A 76 -5.11 -8.22 -4.62
CA LEU A 76 -4.59 -6.94 -4.16
C LEU A 76 -5.43 -6.40 -3.00
N TYR A 77 -6.77 -6.42 -3.09
CA TYR A 77 -7.65 -6.09 -1.98
C TYR A 77 -7.48 -7.03 -0.78
N ASP A 78 -7.28 -8.34 -0.98
CA ASP A 78 -7.06 -9.30 0.11
C ASP A 78 -5.81 -8.96 0.95
N MET A 79 -4.69 -8.69 0.28
CA MET A 79 -3.45 -8.23 0.92
C MET A 79 -3.62 -6.87 1.62
N LEU A 80 -4.22 -5.89 0.91
CA LEU A 80 -4.51 -4.56 1.45
C LEU A 80 -5.36 -4.65 2.72
N ARG A 81 -6.42 -5.47 2.76
CA ARG A 81 -7.25 -5.71 3.94
C ARG A 81 -6.48 -6.31 5.14
N LYS A 82 -5.33 -6.94 4.88
CA LYS A 82 -4.38 -7.45 5.90
C LYS A 82 -3.36 -6.38 6.34
N ASN A 83 -3.18 -5.30 5.58
CA ASN A 83 -2.29 -4.19 5.95
C ASN A 83 -3.04 -2.91 6.43
N LEU A 84 -4.29 -2.73 6.01
CA LEU A 84 -5.22 -1.64 6.31
C LEU A 84 -6.56 -2.25 6.74
N VAL A 85 -7.16 -1.76 7.83
CA VAL A 85 -8.53 -2.15 8.20
C VAL A 85 -9.51 -1.48 7.24
N THR A 86 -10.11 -2.23 6.32
CA THR A 86 -10.99 -1.72 5.24
C THR A 86 -11.91 -2.83 4.70
N LEU A 87 -12.66 -2.53 3.62
CA LEU A 87 -13.54 -3.44 2.89
C LEU A 87 -12.82 -4.48 2.02
N ALA A 88 -13.61 -5.34 1.39
CA ALA A 88 -13.18 -6.51 0.62
C ALA A 88 -13.70 -6.51 -0.83
N THR A 89 -13.15 -7.39 -1.68
CA THR A 89 -13.59 -7.59 -3.08
C THR A 89 -15.01 -8.15 -3.19
N GLN A 1 -12.34 17.88 6.66
CA GLN A 1 -11.65 16.62 6.94
C GLN A 1 -12.61 15.41 7.09
N ILE A 2 -12.07 14.20 7.03
CA ILE A 2 -12.79 12.93 7.17
C ILE A 2 -12.44 12.30 8.54
N ASN A 3 -13.40 11.64 9.19
CA ASN A 3 -13.17 10.87 10.42
C ASN A 3 -12.67 9.45 10.09
N GLN A 4 -11.35 9.27 9.94
CA GLN A 4 -10.74 8.03 9.44
C GLN A 4 -10.42 6.99 10.55
N VAL A 5 -9.86 5.85 10.11
CA VAL A 5 -9.25 4.79 10.94
C VAL A 5 -7.74 4.72 10.65
N ARG A 6 -6.96 3.98 11.44
CA ARG A 6 -5.50 3.80 11.25
C ARG A 6 -5.19 2.44 10.60
N PRO A 7 -4.39 2.37 9.52
CA PRO A 7 -3.92 1.12 8.91
C PRO A 7 -2.80 0.45 9.74
N LYS A 8 -2.25 -0.67 9.26
CA LYS A 8 -1.19 -1.41 9.95
C LYS A 8 0.08 -0.56 10.06
N LEU A 9 0.86 -0.74 11.13
CA LEU A 9 1.96 0.17 11.48
C LEU A 9 3.03 0.38 10.39
N PRO A 10 3.55 -0.65 9.69
CA PRO A 10 4.47 -0.43 8.58
C PRO A 10 3.85 0.33 7.39
N LEU A 11 2.52 0.27 7.19
CA LEU A 11 1.84 1.09 6.18
C LEU A 11 1.92 2.59 6.54
N LEU A 12 1.77 2.93 7.82
CA LEU A 12 2.00 4.28 8.34
C LEU A 12 3.47 4.70 8.18
N LYS A 13 4.43 3.78 8.36
CA LYS A 13 5.85 4.03 8.05
C LYS A 13 6.08 4.35 6.56
N ILE A 14 5.45 3.61 5.64
CA ILE A 14 5.50 3.89 4.19
C ILE A 14 4.88 5.25 3.85
N LEU A 15 3.75 5.61 4.47
CA LEU A 15 3.10 6.90 4.29
C LEU A 15 3.99 8.07 4.79
N HIS A 16 4.70 7.86 5.91
CA HIS A 16 5.70 8.82 6.40
C HIS A 16 6.92 8.90 5.47
N ALA A 17 7.41 7.78 4.95
CA ALA A 17 8.49 7.72 3.95
C ALA A 17 8.12 8.40 2.61
N ALA A 18 6.82 8.46 2.28
CA ALA A 18 6.30 9.22 1.13
C ALA A 18 6.35 10.76 1.35
N GLY A 19 6.69 11.21 2.56
CA GLY A 19 6.76 12.63 2.95
C GLY A 19 5.51 13.17 3.63
N ALA A 20 4.53 12.32 3.96
CA ALA A 20 3.29 12.71 4.65
C ALA A 20 3.42 12.64 6.19
N GLN A 21 2.41 13.16 6.89
CA GLN A 21 2.21 13.02 8.33
C GLN A 21 0.78 12.52 8.59
N GLY A 22 0.63 11.60 9.55
CA GLY A 22 -0.67 11.02 9.88
C GLY A 22 -0.64 9.91 10.93
N GLU A 23 -1.74 9.82 11.67
CA GLU A 23 -2.06 8.75 12.64
C GLU A 23 -3.43 8.08 12.33
N MET A 24 -3.98 8.33 11.13
CA MET A 24 -5.31 7.97 10.64
C MET A 24 -5.43 8.38 9.15
N PHE A 25 -5.97 7.50 8.29
CA PHE A 25 -6.03 7.71 6.83
C PHE A 25 -7.19 6.94 6.15
N THR A 26 -7.84 7.49 5.12
CA THR A 26 -8.80 6.77 4.24
C THR A 26 -8.07 6.06 3.10
N VAL A 27 -8.73 5.19 2.32
CA VAL A 27 -8.13 4.64 1.07
C VAL A 27 -7.72 5.79 0.14
N LYS A 28 -8.55 6.83 -0.05
CA LYS A 28 -8.23 8.00 -0.88
C LYS A 28 -6.95 8.71 -0.45
N GLU A 29 -6.65 8.76 0.85
CA GLU A 29 -5.38 9.29 1.38
C GLU A 29 -4.22 8.28 1.29
N VAL A 30 -4.43 7.02 1.68
CA VAL A 30 -3.38 5.98 1.68
C VAL A 30 -2.84 5.76 0.27
N MET A 31 -3.72 5.56 -0.72
CA MET A 31 -3.33 5.18 -2.09
C MET A 31 -2.57 6.28 -2.79
N HIS A 32 -3.02 7.51 -2.56
CA HIS A 32 -2.38 8.72 -3.08
C HIS A 32 -0.89 8.80 -2.68
N TYR A 33 -0.61 8.68 -1.38
CA TYR A 33 0.77 8.66 -0.87
C TYR A 33 1.53 7.35 -1.14
N LEU A 34 0.88 6.18 -1.22
CA LEU A 34 1.53 4.94 -1.66
C LEU A 34 1.93 4.98 -3.14
N GLY A 35 1.10 5.56 -4.02
CA GLY A 35 1.45 5.82 -5.41
C GLY A 35 2.66 6.76 -5.54
N GLN A 36 2.69 7.84 -4.74
CA GLN A 36 3.83 8.75 -4.61
C GLN A 36 5.09 8.03 -4.09
N TYR A 37 4.96 7.16 -3.08
CA TYR A 37 6.06 6.34 -2.56
C TYR A 37 6.61 5.40 -3.65
N ILE A 38 5.73 4.64 -4.31
CA ILE A 38 6.09 3.72 -5.39
C ILE A 38 6.76 4.46 -6.57
N MET A 39 6.29 5.67 -6.90
CA MET A 39 6.90 6.56 -7.89
C MET A 39 8.31 7.01 -7.51
N VAL A 40 8.54 7.47 -6.26
CA VAL A 40 9.84 8.01 -5.81
C VAL A 40 10.87 6.93 -5.46
N LYS A 41 10.41 5.74 -5.05
CA LYS A 41 11.23 4.55 -4.77
C LYS A 41 11.37 3.62 -5.98
N GLN A 42 10.53 3.79 -7.00
CA GLN A 42 10.40 2.94 -8.19
C GLN A 42 10.15 1.46 -7.85
N LEU A 43 9.01 1.16 -7.21
CA LEU A 43 8.58 -0.21 -6.87
C LEU A 43 7.77 -0.87 -8.02
N TYR A 44 7.40 -0.07 -9.01
CA TYR A 44 6.83 -0.49 -10.29
C TYR A 44 7.92 -0.79 -11.33
N ASP A 45 7.58 -1.53 -12.39
CA ASP A 45 8.48 -1.70 -13.54
C ASP A 45 8.08 -0.76 -14.69
N GLN A 46 9.02 0.01 -15.24
CA GLN A 46 8.78 0.84 -16.42
C GLN A 46 8.33 0.05 -17.68
N GLN A 47 8.61 -1.26 -17.71
CA GLN A 47 8.29 -2.14 -18.82
C GLN A 47 6.83 -2.63 -18.74
N GLU A 48 6.33 -2.76 -17.50
CA GLU A 48 5.06 -3.41 -17.15
C GLU A 48 4.46 -2.83 -15.84
N GLN A 49 4.00 -1.58 -15.90
CA GLN A 49 3.42 -0.83 -14.77
C GLN A 49 2.23 -1.55 -14.10
N HIS A 50 1.58 -2.48 -14.81
CA HIS A 50 0.50 -3.32 -14.25
C HIS A 50 0.98 -4.28 -13.16
N MET A 51 2.30 -4.48 -12.97
CA MET A 51 2.92 -5.24 -11.87
C MET A 51 3.69 -4.30 -10.92
N VAL A 52 3.54 -4.51 -9.61
CA VAL A 52 4.30 -3.86 -8.54
C VAL A 52 5.03 -4.95 -7.74
N TYR A 53 6.35 -5.03 -7.89
CA TYR A 53 7.17 -6.06 -7.25
C TYR A 53 7.71 -5.55 -5.90
N CYS A 54 7.22 -6.13 -4.80
CA CYS A 54 7.47 -5.65 -3.44
C CYS A 54 8.49 -6.50 -2.66
N GLY A 55 9.26 -7.35 -3.35
CA GLY A 55 10.32 -8.15 -2.73
C GLY A 55 11.38 -7.27 -2.05
N GLY A 56 11.57 -7.45 -0.73
CA GLY A 56 12.45 -6.63 0.10
C GLY A 56 11.87 -5.28 0.56
N ASP A 57 10.62 -4.94 0.19
CA ASP A 57 9.91 -3.77 0.72
C ASP A 57 9.30 -4.06 2.11
N LEU A 58 9.03 -3.01 2.89
CA LEU A 58 8.27 -3.05 4.13
C LEU A 58 6.96 -3.87 3.99
N LEU A 59 6.25 -3.71 2.87
CA LEU A 59 5.05 -4.50 2.54
C LEU A 59 5.34 -6.01 2.54
N GLY A 60 6.47 -6.41 1.94
CA GLY A 60 6.93 -7.79 1.86
C GLY A 60 7.44 -8.35 3.18
N GLU A 61 8.12 -7.56 4.02
CA GLU A 61 8.50 -8.03 5.38
C GLU A 61 7.24 -8.30 6.21
N LEU A 62 6.27 -7.41 6.08
CA LEU A 62 5.00 -7.47 6.81
C LEU A 62 4.12 -8.69 6.39
N LEU A 63 3.90 -8.91 5.09
CA LEU A 63 3.01 -9.97 4.55
C LEU A 63 3.78 -11.27 4.19
N GLY A 64 5.12 -11.26 4.23
CA GLY A 64 6.01 -12.32 3.72
C GLY A 64 6.26 -12.22 2.20
N ARG A 65 5.29 -11.65 1.48
CA ARG A 65 5.27 -11.36 0.03
C ARG A 65 4.15 -10.34 -0.25
N GLN A 66 4.40 -9.32 -1.08
CA GLN A 66 3.37 -8.33 -1.45
C GLN A 66 3.43 -7.96 -2.93
N SER A 67 4.00 -8.83 -3.76
CA SER A 67 4.09 -8.56 -5.21
C SER A 67 2.79 -8.99 -5.88
N PHE A 68 2.24 -8.08 -6.66
CA PHE A 68 0.88 -8.18 -7.21
C PHE A 68 0.70 -7.29 -8.43
N SER A 69 -0.45 -7.48 -9.08
CA SER A 69 -0.84 -6.69 -10.23
C SER A 69 -2.05 -5.80 -9.97
N VAL A 70 -1.95 -4.55 -10.45
CA VAL A 70 -2.99 -3.52 -10.26
C VAL A 70 -4.20 -3.67 -11.19
N LYS A 71 -4.12 -4.56 -12.17
CA LYS A 71 -5.22 -4.94 -13.09
C LYS A 71 -6.23 -5.96 -12.52
N ASP A 72 -5.93 -6.54 -11.37
CA ASP A 72 -6.69 -7.65 -10.74
C ASP A 72 -6.99 -7.34 -9.25
N PRO A 73 -8.14 -6.70 -8.95
CA PRO A 73 -8.48 -6.26 -7.58
C PRO A 73 -8.74 -7.40 -6.58
N SER A 74 -9.20 -8.58 -7.01
CA SER A 74 -9.52 -9.69 -6.11
C SER A 74 -8.33 -10.21 -5.28
N PRO A 75 -7.16 -10.58 -5.87
CA PRO A 75 -5.99 -10.98 -5.09
C PRO A 75 -5.39 -9.84 -4.26
N LEU A 76 -5.50 -8.58 -4.75
CA LEU A 76 -5.11 -7.38 -4.03
C LEU A 76 -5.92 -7.21 -2.73
N TYR A 77 -7.24 -7.33 -2.77
CA TYR A 77 -8.09 -7.11 -1.59
C TYR A 77 -7.76 -8.04 -0.42
N ASP A 78 -7.26 -9.26 -0.66
CA ASP A 78 -6.88 -10.18 0.42
C ASP A 78 -5.64 -9.69 1.19
N MET A 79 -4.58 -9.36 0.46
CA MET A 79 -3.33 -8.82 1.02
C MET A 79 -3.49 -7.40 1.61
N LEU A 80 -4.42 -6.61 1.05
CA LEU A 80 -4.76 -5.25 1.43
C LEU A 80 -5.60 -5.22 2.71
N ARG A 81 -6.65 -6.03 2.84
CA ARG A 81 -7.46 -6.12 4.09
C ARG A 81 -6.63 -6.49 5.32
N LYS A 82 -5.52 -7.21 5.10
CA LYS A 82 -4.52 -7.57 6.14
C LYS A 82 -3.59 -6.42 6.52
N ASN A 83 -3.40 -5.42 5.65
CA ASN A 83 -2.49 -4.27 5.90
C ASN A 83 -3.19 -2.90 6.05
N LEU A 84 -4.40 -2.74 5.54
CA LEU A 84 -5.20 -1.51 5.47
C LEU A 84 -6.64 -1.83 5.87
N VAL A 85 -7.20 -1.13 6.86
CA VAL A 85 -8.58 -1.37 7.33
C VAL A 85 -9.59 -0.92 6.26
N THR A 86 -10.27 -1.89 5.65
CA THR A 86 -11.31 -1.70 4.61
C THR A 86 -12.36 -2.82 4.69
N LEU A 87 -13.50 -2.63 4.02
CA LEU A 87 -14.66 -3.54 4.12
C LEU A 87 -14.51 -4.86 3.36
N ALA A 88 -15.40 -5.80 3.69
CA ALA A 88 -15.36 -7.21 3.30
C ALA A 88 -16.67 -7.74 2.69
N THR A 89 -17.56 -6.83 2.27
CA THR A 89 -18.90 -7.13 1.72
C THR A 89 -19.43 -6.03 0.79
N GLN A 1 -17.06 12.36 9.80
CA GLN A 1 -16.18 11.21 10.03
C GLN A 1 -16.16 10.24 8.83
N ILE A 2 -15.02 9.58 8.65
CA ILE A 2 -14.65 8.76 7.50
C ILE A 2 -14.93 7.26 7.63
N ASN A 3 -15.49 6.86 8.77
CA ASN A 3 -15.78 5.46 9.17
C ASN A 3 -14.58 4.49 9.15
N GLN A 4 -13.35 5.01 9.06
CA GLN A 4 -12.11 4.28 8.87
C GLN A 4 -11.16 4.33 10.09
N VAL A 5 -10.15 3.47 10.05
CA VAL A 5 -9.19 3.14 11.13
C VAL A 5 -7.74 3.12 10.60
N ARG A 6 -6.74 2.99 11.48
CA ARG A 6 -5.31 3.11 11.10
C ARG A 6 -4.80 1.81 10.45
N PRO A 7 -3.89 1.89 9.45
CA PRO A 7 -3.28 0.72 8.82
C PRO A 7 -2.25 0.04 9.73
N LYS A 8 -1.69 -1.07 9.24
CA LYS A 8 -0.60 -1.80 9.90
C LYS A 8 0.61 -0.86 10.08
N LEU A 9 1.38 -1.03 11.16
CA LEU A 9 2.42 -0.07 11.57
C LEU A 9 3.48 0.21 10.48
N PRO A 10 4.06 -0.79 9.79
CA PRO A 10 5.00 -0.52 8.70
C PRO A 10 4.36 0.16 7.48
N LEU A 11 3.04 -0.01 7.25
CA LEU A 11 2.32 0.71 6.20
C LEU A 11 2.21 2.20 6.56
N LEU A 12 1.94 2.53 7.84
CA LEU A 12 2.03 3.92 8.31
C LEU A 12 3.46 4.49 8.13
N LYS A 13 4.51 3.67 8.32
CA LYS A 13 5.91 4.07 8.05
C LYS A 13 6.17 4.29 6.56
N ILE A 14 5.54 3.53 5.66
CA ILE A 14 5.57 3.78 4.21
C ILE A 14 4.95 5.14 3.84
N LEU A 15 3.86 5.57 4.49
CA LEU A 15 3.35 6.95 4.30
C LEU A 15 4.29 8.01 4.89
N HIS A 16 4.94 7.74 6.05
CA HIS A 16 5.97 8.63 6.59
C HIS A 16 7.16 8.77 5.63
N ALA A 17 7.63 7.67 5.03
CA ALA A 17 8.69 7.64 4.03
C ALA A 17 8.31 8.36 2.71
N ALA A 18 7.02 8.50 2.42
CA ALA A 18 6.51 9.31 1.32
C ALA A 18 6.65 10.84 1.57
N GLY A 19 7.06 11.25 2.77
CA GLY A 19 7.26 12.65 3.17
C GLY A 19 6.03 13.32 3.81
N ALA A 20 5.07 12.54 4.31
CA ALA A 20 3.81 13.02 4.87
C ALA A 20 3.53 12.49 6.29
N GLN A 21 2.90 13.32 7.13
CA GLN A 21 2.37 12.92 8.44
C GLN A 21 1.09 12.08 8.25
N GLY A 22 0.76 11.19 9.21
CA GLY A 22 -0.44 10.36 9.14
C GLY A 22 -1.05 9.95 10.49
N GLU A 23 -2.38 10.08 10.58
CA GLU A 23 -3.23 9.64 11.69
C GLU A 23 -4.61 9.23 11.13
N MET A 24 -4.67 8.03 10.56
CA MET A 24 -5.84 7.31 10.01
C MET A 24 -6.54 7.91 8.76
N PHE A 25 -6.94 7.02 7.84
CA PHE A 25 -7.41 7.40 6.50
C PHE A 25 -8.23 6.29 5.79
N THR A 26 -8.82 6.65 4.65
CA THR A 26 -9.47 5.77 3.67
C THR A 26 -8.55 5.38 2.50
N VAL A 27 -8.98 4.48 1.61
CA VAL A 27 -8.27 4.16 0.35
C VAL A 27 -7.91 5.42 -0.43
N LYS A 28 -8.83 6.38 -0.60
CA LYS A 28 -8.63 7.61 -1.37
C LYS A 28 -7.42 8.43 -0.88
N GLU A 29 -7.25 8.49 0.44
CA GLU A 29 -6.12 9.16 1.10
C GLU A 29 -4.84 8.31 1.11
N VAL A 30 -4.94 6.97 1.23
CA VAL A 30 -3.76 6.08 1.26
C VAL A 30 -3.12 5.94 -0.11
N MET A 31 -3.87 5.72 -1.20
CA MET A 31 -3.30 5.54 -2.55
C MET A 31 -2.59 6.78 -3.06
N HIS A 32 -3.08 7.93 -2.62
CA HIS A 32 -2.44 9.22 -2.90
C HIS A 32 -0.96 9.22 -2.47
N TYR A 33 -0.67 8.87 -1.21
CA TYR A 33 0.70 8.72 -0.69
C TYR A 33 1.41 7.45 -1.17
N LEU A 34 0.72 6.32 -1.35
CA LEU A 34 1.33 5.06 -1.79
C LEU A 34 1.79 5.10 -3.25
N GLY A 35 1.00 5.64 -4.17
CA GLY A 35 1.40 5.85 -5.56
C GLY A 35 2.57 6.82 -5.68
N GLN A 36 2.58 7.88 -4.87
CA GLN A 36 3.70 8.82 -4.73
C GLN A 36 4.97 8.13 -4.21
N TYR A 37 4.86 7.33 -3.15
CA TYR A 37 5.97 6.57 -2.59
C TYR A 37 6.53 5.58 -3.63
N ILE A 38 5.67 4.79 -4.27
CA ILE A 38 6.03 3.81 -5.30
C ILE A 38 6.67 4.50 -6.52
N MET A 39 6.23 5.71 -6.89
CA MET A 39 6.87 6.54 -7.93
C MET A 39 8.27 7.02 -7.51
N VAL A 40 8.49 7.40 -6.24
CA VAL A 40 9.79 7.89 -5.74
C VAL A 40 10.80 6.77 -5.48
N LYS A 41 10.30 5.61 -5.07
CA LYS A 41 11.09 4.38 -4.80
C LYS A 41 11.23 3.48 -6.04
N GLN A 42 10.39 3.71 -7.06
CA GLN A 42 10.24 2.91 -8.28
C GLN A 42 10.06 1.40 -7.99
N LEU A 43 8.92 1.03 -7.37
CA LEU A 43 8.56 -0.37 -7.08
C LEU A 43 7.74 -1.03 -8.20
N TYR A 44 7.46 -0.29 -9.27
CA TYR A 44 6.86 -0.79 -10.50
C TYR A 44 7.93 -1.28 -11.50
N ASP A 45 7.54 -2.16 -12.43
CA ASP A 45 8.42 -2.52 -13.55
C ASP A 45 8.20 -1.56 -14.73
N GLN A 46 9.27 -1.06 -15.37
CA GLN A 46 9.15 -0.26 -16.60
C GLN A 46 8.53 -1.04 -17.79
N GLN A 47 8.59 -2.37 -17.74
CA GLN A 47 8.06 -3.25 -18.78
C GLN A 47 6.54 -3.48 -18.62
N GLU A 48 6.12 -3.51 -17.35
CA GLU A 48 4.80 -3.90 -16.85
C GLU A 48 4.46 -3.09 -15.59
N GLN A 49 4.07 -1.81 -15.76
CA GLN A 49 3.76 -0.91 -14.65
C GLN A 49 2.60 -1.41 -13.76
N HIS A 50 1.74 -2.27 -14.32
CA HIS A 50 0.70 -2.97 -13.58
C HIS A 50 1.22 -4.00 -12.55
N MET A 51 2.44 -4.51 -12.70
CA MET A 51 3.13 -5.33 -11.69
C MET A 51 3.90 -4.43 -10.71
N VAL A 52 3.72 -4.71 -9.42
CA VAL A 52 4.25 -3.95 -8.29
C VAL A 52 5.05 -4.91 -7.39
N TYR A 53 6.37 -4.71 -7.35
CA TYR A 53 7.33 -5.55 -6.63
C TYR A 53 7.53 -5.04 -5.19
N CYS A 54 6.46 -5.00 -4.40
CA CYS A 54 6.58 -4.72 -2.96
C CYS A 54 7.18 -5.88 -2.16
N GLY A 55 7.46 -7.05 -2.76
CA GLY A 55 8.23 -8.13 -2.12
C GLY A 55 9.65 -7.71 -1.70
N GLY A 56 10.23 -6.68 -2.35
CA GLY A 56 11.50 -6.03 -1.98
C GLY A 56 11.36 -4.82 -1.03
N ASP A 57 10.16 -4.54 -0.53
CA ASP A 57 9.81 -3.35 0.29
C ASP A 57 9.48 -3.71 1.75
N LEU A 58 9.33 -2.71 2.63
CA LEU A 58 8.80 -2.85 4.00
C LEU A 58 7.50 -3.70 4.03
N LEU A 59 6.61 -3.52 3.05
CA LEU A 59 5.37 -4.30 2.90
C LEU A 59 5.67 -5.79 2.61
N GLY A 60 6.76 -6.04 1.89
CA GLY A 60 7.31 -7.38 1.59
C GLY A 60 8.02 -8.05 2.76
N GLU A 61 8.71 -7.32 3.63
CA GLU A 61 9.24 -7.87 4.89
C GLU A 61 8.08 -8.26 5.82
N LEU A 62 7.08 -7.38 5.86
CA LEU A 62 5.87 -7.53 6.66
C LEU A 62 5.05 -8.79 6.25
N LEU A 63 4.77 -9.01 4.96
CA LEU A 63 3.96 -10.16 4.50
C LEU A 63 4.76 -11.37 3.97
N GLY A 64 6.07 -11.23 3.75
CA GLY A 64 6.97 -12.29 3.25
C GLY A 64 6.97 -12.52 1.74
N ARG A 65 5.92 -12.07 1.01
CA ARG A 65 5.73 -12.30 -0.44
C ARG A 65 4.91 -11.24 -1.17
N GLN A 66 4.94 -9.99 -0.68
CA GLN A 66 4.04 -8.90 -1.08
C GLN A 66 4.26 -8.33 -2.50
N SER A 67 4.42 -9.17 -3.53
CA SER A 67 4.41 -8.74 -4.95
C SER A 67 3.10 -9.14 -5.63
N PHE A 68 2.61 -8.28 -6.51
CA PHE A 68 1.25 -8.37 -7.06
C PHE A 68 1.06 -7.56 -8.36
N SER A 69 -0.11 -7.76 -8.98
CA SER A 69 -0.53 -7.02 -10.16
C SER A 69 -1.87 -6.29 -9.92
N VAL A 70 -1.98 -5.04 -10.35
CA VAL A 70 -3.16 -4.18 -10.10
C VAL A 70 -4.38 -4.55 -10.96
N LYS A 71 -4.16 -5.24 -12.10
CA LYS A 71 -5.21 -5.76 -12.99
C LYS A 71 -5.97 -6.98 -12.43
N ASP A 72 -5.50 -7.53 -11.31
CA ASP A 72 -6.04 -8.69 -10.60
C ASP A 72 -6.50 -8.25 -9.19
N PRO A 73 -7.72 -7.68 -9.05
CA PRO A 73 -8.18 -7.03 -7.82
C PRO A 73 -8.36 -7.99 -6.63
N SER A 74 -8.74 -9.26 -6.83
CA SER A 74 -9.01 -10.20 -5.73
C SER A 74 -7.82 -10.39 -4.78
N PRO A 75 -6.59 -10.74 -5.24
CA PRO A 75 -5.43 -10.84 -4.35
C PRO A 75 -5.01 -9.49 -3.76
N LEU A 76 -5.24 -8.37 -4.45
CA LEU A 76 -4.94 -7.03 -3.95
C LEU A 76 -5.87 -6.64 -2.79
N TYR A 77 -7.17 -6.92 -2.89
CA TYR A 77 -8.10 -6.75 -1.78
C TYR A 77 -7.81 -7.73 -0.62
N ASP A 78 -7.35 -8.96 -0.90
CA ASP A 78 -6.94 -9.92 0.14
C ASP A 78 -5.74 -9.42 0.96
N MET A 79 -4.70 -8.91 0.30
CA MET A 79 -3.58 -8.22 0.96
C MET A 79 -4.05 -6.99 1.75
N LEU A 80 -4.84 -6.11 1.11
CA LEU A 80 -5.30 -4.86 1.72
C LEU A 80 -6.12 -5.13 2.99
N ARG A 81 -7.06 -6.07 2.99
CA ARG A 81 -7.83 -6.44 4.19
C ARG A 81 -6.96 -6.86 5.40
N LYS A 82 -5.73 -7.34 5.16
CA LYS A 82 -4.73 -7.66 6.20
C LYS A 82 -3.72 -6.54 6.50
N ASN A 83 -3.59 -5.52 5.63
CA ASN A 83 -2.54 -4.48 5.73
C ASN A 83 -3.10 -3.04 5.93
N LEU A 84 -4.17 -2.68 5.21
CA LEU A 84 -4.97 -1.47 5.40
C LEU A 84 -6.27 -1.86 6.13
N VAL A 85 -6.29 -1.72 7.45
CA VAL A 85 -7.37 -2.23 8.31
C VAL A 85 -8.71 -1.58 7.94
N THR A 86 -9.76 -2.41 7.85
CA THR A 86 -11.09 -2.09 7.33
C THR A 86 -12.18 -2.87 8.08
N LEU A 87 -13.42 -2.79 7.61
CA LEU A 87 -14.64 -3.28 8.27
C LEU A 87 -14.91 -4.79 8.04
N ALA A 88 -13.85 -5.54 7.79
CA ALA A 88 -13.84 -6.97 7.51
C ALA A 88 -12.51 -7.63 7.97
N THR A 89 -12.58 -8.88 8.42
CA THR A 89 -11.45 -9.69 8.96
C THR A 89 -10.45 -8.89 9.80
N GLN A 1 -13.11 16.75 9.57
CA GLN A 1 -12.48 15.91 10.59
C GLN A 1 -12.45 14.42 10.16
N ILE A 2 -11.35 13.73 10.47
CA ILE A 2 -11.17 12.29 10.17
C ILE A 2 -12.06 11.43 11.09
N ASN A 3 -12.76 10.47 10.47
CA ASN A 3 -13.55 9.40 11.14
C ASN A 3 -13.22 8.00 10.53
N GLN A 4 -12.09 7.90 9.83
CA GLN A 4 -11.58 6.69 9.14
C GLN A 4 -10.76 5.79 10.07
N VAL A 5 -10.26 4.68 9.51
CA VAL A 5 -9.46 3.64 10.20
C VAL A 5 -7.96 3.76 9.86
N ARG A 6 -7.10 2.99 10.53
CA ARG A 6 -5.64 3.14 10.48
C ARG A 6 -4.93 1.98 9.75
N PRO A 7 -3.97 2.24 8.84
CA PRO A 7 -3.12 1.19 8.27
C PRO A 7 -2.14 0.63 9.32
N LYS A 8 -1.62 -0.59 9.09
CA LYS A 8 -0.63 -1.22 9.99
C LYS A 8 0.61 -0.39 10.25
N LEU A 9 1.31 -0.75 11.33
CA LEU A 9 2.40 0.04 11.92
C LEU A 9 3.61 0.26 10.98
N PRO A 10 4.07 -0.74 10.19
CA PRO A 10 5.06 -0.51 9.13
C PRO A 10 4.48 0.27 7.94
N LEU A 11 3.18 0.12 7.66
CA LEU A 11 2.49 0.71 6.50
C LEU A 11 2.32 2.22 6.68
N LEU A 12 1.92 2.69 7.87
CA LEU A 12 1.88 4.13 8.23
C LEU A 12 3.25 4.81 7.99
N LYS A 13 4.34 4.09 8.26
CA LYS A 13 5.71 4.55 8.05
C LYS A 13 6.13 4.60 6.57
N ILE A 14 5.42 3.91 5.69
CA ILE A 14 5.56 4.09 4.22
C ILE A 14 4.98 5.45 3.82
N LEU A 15 3.84 5.85 4.39
CA LEU A 15 3.27 7.18 4.15
C LEU A 15 4.16 8.28 4.74
N HIS A 16 4.81 8.03 5.89
CA HIS A 16 5.86 8.93 6.40
C HIS A 16 7.04 9.04 5.42
N ALA A 17 7.56 7.90 4.95
CA ALA A 17 8.66 7.84 3.96
C ALA A 17 8.30 8.46 2.59
N ALA A 18 7.01 8.51 2.25
CA ALA A 18 6.50 9.20 1.06
C ALA A 18 6.68 10.73 1.12
N GLY A 19 6.96 11.29 2.31
CA GLY A 19 7.16 12.73 2.55
C GLY A 19 5.95 13.45 3.15
N ALA A 20 5.04 12.71 3.82
CA ALA A 20 3.78 13.24 4.35
C ALA A 20 3.51 12.82 5.82
N GLN A 21 2.71 13.62 6.54
CA GLN A 21 2.18 13.27 7.86
C GLN A 21 1.00 12.28 7.71
N GLY A 22 0.76 11.43 8.71
CA GLY A 22 -0.35 10.47 8.71
C GLY A 22 -1.00 10.22 10.06
N GLU A 23 -2.32 10.39 10.11
CA GLU A 23 -3.21 10.09 11.24
C GLU A 23 -4.61 9.73 10.69
N MET A 24 -4.74 8.48 10.21
CA MET A 24 -5.95 7.77 9.73
C MET A 24 -6.60 8.30 8.43
N PHE A 25 -7.07 7.37 7.59
CA PHE A 25 -7.54 7.63 6.21
C PHE A 25 -8.23 6.41 5.55
N THR A 26 -8.92 6.68 4.44
CA THR A 26 -9.47 5.65 3.51
C THR A 26 -8.36 4.99 2.67
N VAL A 27 -8.64 3.88 1.98
CA VAL A 27 -7.66 3.25 1.05
C VAL A 27 -7.25 4.20 -0.08
N LYS A 28 -8.21 4.99 -0.59
CA LYS A 28 -8.02 6.03 -1.60
C LYS A 28 -7.09 7.16 -1.14
N GLU A 29 -7.27 7.63 0.09
CA GLU A 29 -6.34 8.60 0.71
C GLU A 29 -4.97 7.99 0.99
N VAL A 30 -4.89 6.72 1.40
CA VAL A 30 -3.63 5.97 1.57
C VAL A 30 -2.87 5.85 0.24
N MET A 31 -3.55 5.54 -0.87
CA MET A 31 -2.85 5.38 -2.16
C MET A 31 -2.38 6.68 -2.81
N HIS A 32 -2.99 7.82 -2.48
CA HIS A 32 -2.44 9.12 -2.89
C HIS A 32 -0.96 9.23 -2.46
N TYR A 33 -0.65 8.80 -1.23
CA TYR A 33 0.71 8.64 -0.71
C TYR A 33 1.46 7.40 -1.25
N LEU A 34 0.84 6.22 -1.33
CA LEU A 34 1.53 4.98 -1.78
C LEU A 34 1.94 5.01 -3.26
N GLY A 35 1.16 5.64 -4.15
CA GLY A 35 1.55 5.88 -5.53
C GLY A 35 2.76 6.80 -5.63
N GLN A 36 2.76 7.91 -4.90
CA GLN A 36 3.91 8.81 -4.74
C GLN A 36 5.15 8.06 -4.22
N TYR A 37 4.99 7.21 -3.19
CA TYR A 37 6.08 6.43 -2.62
C TYR A 37 6.67 5.46 -3.65
N ILE A 38 5.83 4.67 -4.31
CA ILE A 38 6.24 3.69 -5.33
C ILE A 38 6.92 4.40 -6.52
N MET A 39 6.45 5.57 -6.93
CA MET A 39 7.10 6.39 -7.97
C MET A 39 8.47 6.94 -7.55
N VAL A 40 8.64 7.44 -6.32
CA VAL A 40 9.90 8.05 -5.85
C VAL A 40 10.96 7.02 -5.46
N LYS A 41 10.52 5.84 -5.01
CA LYS A 41 11.38 4.67 -4.70
C LYS A 41 11.56 3.71 -5.88
N GLN A 42 10.72 3.82 -6.92
CA GLN A 42 10.66 2.92 -8.08
C GLN A 42 10.52 1.43 -7.69
N LEU A 43 9.36 1.07 -7.10
CA LEU A 43 9.05 -0.30 -6.67
C LEU A 43 8.35 -1.13 -7.77
N TYR A 44 8.21 -0.51 -8.95
CA TYR A 44 7.63 -1.04 -10.18
C TYR A 44 8.72 -1.28 -11.24
N ASP A 45 8.42 -2.11 -12.23
CA ASP A 45 9.28 -2.23 -13.43
C ASP A 45 8.76 -1.29 -14.52
N GLN A 46 9.62 -0.47 -15.14
CA GLN A 46 9.19 0.51 -16.15
C GLN A 46 8.43 -0.13 -17.33
N GLN A 47 8.82 -1.36 -17.70
CA GLN A 47 8.30 -2.03 -18.89
C GLN A 47 7.00 -2.82 -18.60
N GLU A 48 6.73 -3.03 -17.31
CA GLU A 48 5.61 -3.80 -16.75
C GLU A 48 5.05 -3.11 -15.49
N GLN A 49 4.63 -1.85 -15.62
CA GLN A 49 4.05 -1.06 -14.51
C GLN A 49 2.78 -1.70 -13.92
N HIS A 50 2.16 -2.63 -14.66
CA HIS A 50 1.07 -3.50 -14.20
C HIS A 50 1.48 -4.46 -13.07
N MET A 51 2.74 -4.53 -12.66
CA MET A 51 3.21 -5.22 -11.46
C MET A 51 4.08 -4.33 -10.55
N VAL A 52 4.04 -4.62 -9.25
CA VAL A 52 4.83 -4.01 -8.19
C VAL A 52 5.52 -5.12 -7.38
N TYR A 53 6.77 -4.90 -6.99
CA TYR A 53 7.65 -5.94 -6.43
C TYR A 53 8.13 -5.61 -5.01
N CYS A 54 7.21 -5.62 -4.03
CA CYS A 54 7.48 -5.12 -2.67
C CYS A 54 8.12 -6.15 -1.72
N GLY A 55 8.64 -7.28 -2.21
CA GLY A 55 9.31 -8.30 -1.37
C GLY A 55 10.52 -7.78 -0.57
N GLY A 56 11.21 -6.76 -1.09
CA GLY A 56 12.30 -6.04 -0.39
C GLY A 56 11.88 -4.77 0.36
N ASP A 57 10.57 -4.49 0.44
CA ASP A 57 9.98 -3.28 1.03
C ASP A 57 9.51 -3.49 2.48
N LEU A 58 9.04 -2.43 3.15
CA LEU A 58 8.36 -2.52 4.44
C LEU A 58 7.08 -3.39 4.34
N LEU A 59 6.35 -3.33 3.22
CA LEU A 59 5.25 -4.27 2.94
C LEU A 59 5.73 -5.74 2.96
N GLY A 60 6.91 -5.99 2.38
CA GLY A 60 7.55 -7.31 2.38
C GLY A 60 8.08 -7.73 3.75
N GLU A 61 8.58 -6.83 4.60
CA GLU A 61 9.01 -7.19 5.96
C GLU A 61 7.81 -7.48 6.88
N LEU A 62 6.67 -6.82 6.62
CA LEU A 62 5.40 -7.05 7.30
C LEU A 62 4.75 -8.41 6.92
N LEU A 63 4.64 -8.71 5.62
CA LEU A 63 3.88 -9.87 5.10
C LEU A 63 4.78 -11.07 4.68
N GLY A 64 6.11 -10.92 4.70
CA GLY A 64 7.09 -11.88 4.17
C GLY A 64 7.26 -11.83 2.64
N ARG A 65 6.19 -11.43 1.93
CA ARG A 65 6.09 -11.23 0.47
C ARG A 65 4.95 -10.26 0.15
N GLN A 66 5.16 -9.29 -0.73
CA GLN A 66 4.12 -8.31 -1.12
C GLN A 66 4.32 -7.88 -2.59
N SER A 67 4.62 -8.85 -3.46
CA SER A 67 4.63 -8.63 -4.91
C SER A 67 3.28 -8.99 -5.52
N PHE A 68 2.78 -8.16 -6.42
CA PHE A 68 1.40 -8.22 -6.95
C PHE A 68 1.22 -7.52 -8.30
N SER A 69 0.08 -7.78 -8.93
CA SER A 69 -0.39 -7.06 -10.11
C SER A 69 -1.50 -6.06 -9.77
N VAL A 70 -1.41 -4.86 -10.34
CA VAL A 70 -2.43 -3.80 -10.14
C VAL A 70 -3.72 -3.98 -10.96
N LYS A 71 -3.75 -4.90 -11.93
CA LYS A 71 -4.91 -5.13 -12.83
C LYS A 71 -6.00 -6.05 -12.27
N ASP A 72 -5.73 -6.70 -11.13
CA ASP A 72 -6.54 -7.77 -10.54
C ASP A 72 -7.03 -7.38 -9.12
N PRO A 73 -8.27 -6.87 -8.98
CA PRO A 73 -8.84 -6.44 -7.69
C PRO A 73 -8.95 -7.54 -6.62
N SER A 74 -9.15 -8.81 -6.97
CA SER A 74 -9.32 -9.90 -5.99
C SER A 74 -8.10 -10.09 -5.06
N PRO A 75 -6.87 -10.30 -5.56
CA PRO A 75 -5.69 -10.39 -4.70
C PRO A 75 -5.35 -9.05 -4.02
N LEU A 76 -5.71 -7.90 -4.62
CA LEU A 76 -5.56 -6.59 -3.98
C LEU A 76 -6.41 -6.52 -2.70
N TYR A 77 -7.71 -6.81 -2.77
CA TYR A 77 -8.58 -6.83 -1.59
C TYR A 77 -8.13 -7.83 -0.52
N ASP A 78 -7.64 -9.02 -0.92
CA ASP A 78 -7.13 -10.03 0.01
C ASP A 78 -5.95 -9.52 0.86
N MET A 79 -4.96 -8.91 0.21
CA MET A 79 -3.81 -8.28 0.89
C MET A 79 -4.23 -7.03 1.68
N LEU A 80 -5.01 -6.13 1.09
CA LEU A 80 -5.45 -4.89 1.73
C LEU A 80 -6.14 -5.17 3.06
N ARG A 81 -7.09 -6.12 3.11
CA ARG A 81 -7.76 -6.54 4.37
C ARG A 81 -6.80 -7.08 5.44
N LYS A 82 -5.61 -7.55 5.04
CA LYS A 82 -4.50 -7.98 5.93
C LYS A 82 -3.56 -6.84 6.33
N ASN A 83 -3.49 -5.74 5.57
CA ASN A 83 -2.48 -4.67 5.75
C ASN A 83 -3.07 -3.35 6.27
N LEU A 84 -4.30 -3.01 5.88
CA LEU A 84 -5.13 -1.93 6.41
C LEU A 84 -6.11 -2.52 7.45
N VAL A 85 -6.03 -2.07 8.70
CA VAL A 85 -6.97 -2.51 9.76
C VAL A 85 -8.36 -1.94 9.47
N THR A 86 -9.40 -2.77 9.56
CA THR A 86 -10.79 -2.41 9.20
C THR A 86 -11.83 -3.18 10.02
N LEU A 87 -13.12 -2.95 9.74
CA LEU A 87 -14.27 -3.40 10.53
C LEU A 87 -14.78 -4.82 10.17
N ALA A 88 -13.87 -5.66 9.69
CA ALA A 88 -14.13 -6.99 9.15
C ALA A 88 -13.03 -8.01 9.51
N THR A 89 -13.38 -9.31 9.43
CA THR A 89 -12.51 -10.49 9.67
C THR A 89 -11.52 -10.32 10.82
#